data_2DIX
#
_entry.id   2DIX
#
_entity_poly.entity_id   1
_entity_poly.type   'polypeptide(L)'
_entity_poly.pdbx_seq_one_letter_code
;GSSGSSGKTPIQVLHEYGMKTKNIPVYECERSDVQIHVPTFTFRVTVGDITCTGEGTSKKLAKHRAAEAAINILKANASG
PSSG
;
_entity_poly.pdbx_strand_id   A
#
# COMPACT_ATOMS: atom_id res chain seq x y z
N GLY A 1 9.45 8.15 -30.30
CA GLY A 1 8.90 7.36 -29.21
C GLY A 1 9.93 6.50 -28.54
N SER A 2 9.77 6.28 -27.24
CA SER A 2 10.70 5.47 -26.46
C SER A 2 10.17 4.05 -26.30
N SER A 3 10.73 3.12 -27.07
CA SER A 3 10.31 1.72 -27.00
C SER A 3 10.89 1.04 -25.77
N GLY A 4 10.01 0.49 -24.94
CA GLY A 4 10.45 -0.19 -23.74
C GLY A 4 9.67 0.22 -22.51
N SER A 5 8.35 0.03 -22.55
CA SER A 5 7.48 0.40 -21.45
C SER A 5 7.92 -0.29 -20.16
N SER A 6 7.68 0.36 -19.03
CA SER A 6 8.06 -0.19 -17.73
C SER A 6 7.10 0.29 -16.65
N GLY A 7 7.07 -0.45 -15.53
CA GLY A 7 6.19 -0.09 -14.43
C GLY A 7 6.67 -0.64 -13.11
N LYS A 8 6.66 0.20 -12.08
CA LYS A 8 7.10 -0.20 -10.74
C LYS A 8 5.93 -0.73 -9.92
N THR A 9 6.20 -1.73 -9.09
CA THR A 9 5.16 -2.33 -8.25
C THR A 9 4.66 -1.33 -7.21
N PRO A 10 3.42 -1.52 -6.76
CA PRO A 10 2.78 -0.66 -5.76
C PRO A 10 3.41 -0.80 -4.38
N ILE A 11 4.15 -1.90 -4.19
CA ILE A 11 4.81 -2.15 -2.91
C ILE A 11 6.19 -1.51 -2.86
N GLN A 12 6.79 -1.32 -4.04
CA GLN A 12 8.11 -0.70 -4.13
C GLN A 12 8.01 0.82 -4.15
N VAL A 13 7.07 1.32 -4.96
CA VAL A 13 6.86 2.77 -5.07
C VAL A 13 6.43 3.37 -3.73
N LEU A 14 5.29 2.92 -3.23
CA LEU A 14 4.76 3.41 -1.96
C LEU A 14 5.85 3.46 -0.90
N HIS A 15 6.36 2.30 -0.52
CA HIS A 15 7.41 2.20 0.49
C HIS A 15 8.58 3.13 0.13
N GLU A 16 9.30 2.77 -0.93
CA GLU A 16 10.44 3.57 -1.38
C GLU A 16 10.15 5.06 -1.26
N TYR A 17 8.90 5.44 -1.55
CA TYR A 17 8.49 6.84 -1.49
C TYR A 17 8.42 7.31 -0.04
N GLY A 18 7.74 6.55 0.80
CA GLY A 18 7.62 6.91 2.20
C GLY A 18 8.92 7.40 2.79
N MET A 19 10.04 6.88 2.28
CA MET A 19 11.35 7.28 2.77
C MET A 19 11.59 8.77 2.54
N LYS A 20 11.16 9.25 1.39
CA LYS A 20 11.32 10.67 1.05
C LYS A 20 10.53 11.55 2.00
N THR A 21 9.33 11.10 2.36
CA THR A 21 8.48 11.86 3.27
C THR A 21 8.67 11.40 4.71
N LYS A 22 9.90 11.02 5.04
CA LYS A 22 10.22 10.57 6.39
C LYS A 22 9.06 9.79 7.01
N ASN A 23 8.30 9.11 6.16
CA ASN A 23 7.14 8.34 6.61
C ASN A 23 7.04 7.02 5.85
N ILE A 24 7.26 5.92 6.55
CA ILE A 24 7.19 4.60 5.95
C ILE A 24 5.81 3.98 6.12
N PRO A 25 5.29 3.36 5.05
CA PRO A 25 3.97 2.73 5.05
C PRO A 25 3.94 1.47 5.92
N VAL A 26 3.20 1.53 7.02
CA VAL A 26 3.09 0.40 7.93
C VAL A 26 2.12 -0.64 7.40
N TYR A 27 2.40 -1.91 7.68
CA TYR A 27 1.55 -3.00 7.24
C TYR A 27 1.22 -3.96 8.38
N GLU A 28 -0.01 -3.88 8.88
CA GLU A 28 -0.44 -4.74 9.97
C GLU A 28 -1.68 -5.55 9.57
N CYS A 29 -1.75 -6.78 10.05
CA CYS A 29 -2.87 -7.66 9.75
C CYS A 29 -3.99 -7.47 10.76
N GLU A 30 -5.14 -6.99 10.30
CA GLU A 30 -6.30 -6.77 11.16
C GLU A 30 -7.06 -8.07 11.38
N ARG A 31 -7.50 -8.69 10.30
CA ARG A 31 -8.25 -9.94 10.37
C ARG A 31 -7.56 -11.04 9.57
N SER A 32 -7.40 -12.20 10.19
CA SER A 32 -6.75 -13.33 9.54
C SER A 32 -7.61 -14.58 9.66
N ASP A 33 -8.27 -14.95 8.57
CA ASP A 33 -9.12 -16.14 8.55
C ASP A 33 -8.52 -17.22 7.66
N VAL A 34 -8.32 -18.40 8.24
CA VAL A 34 -7.75 -19.52 7.50
C VAL A 34 -8.76 -20.67 7.38
N GLN A 35 -9.31 -20.84 6.18
CA GLN A 35 -10.28 -21.90 5.94
C GLN A 35 -9.89 -22.72 4.73
N ILE A 36 -9.18 -22.10 3.79
CA ILE A 36 -8.74 -22.79 2.57
C ILE A 36 -7.25 -22.60 2.36
N HIS A 37 -6.75 -23.11 1.24
CA HIS A 37 -5.33 -23.00 0.90
C HIS A 37 -4.87 -21.55 1.00
N VAL A 38 -5.66 -20.63 0.43
CA VAL A 38 -5.32 -19.21 0.47
C VAL A 38 -6.25 -18.45 1.41
N PRO A 39 -5.75 -18.18 2.63
CA PRO A 39 -6.51 -17.44 3.64
C PRO A 39 -6.71 -15.97 3.27
N THR A 40 -7.20 -15.19 4.23
CA THR A 40 -7.45 -13.77 4.01
C THR A 40 -6.77 -12.93 5.08
N PHE A 41 -5.86 -12.06 4.65
CA PHE A 41 -5.14 -11.18 5.57
C PHE A 41 -5.37 -9.72 5.24
N THR A 42 -5.99 -8.99 6.16
CA THR A 42 -6.27 -7.57 5.96
C THR A 42 -5.09 -6.71 6.40
N PHE A 43 -4.35 -6.20 5.42
CA PHE A 43 -3.19 -5.35 5.72
C PHE A 43 -3.58 -3.88 5.71
N ARG A 44 -3.35 -3.21 6.83
CA ARG A 44 -3.69 -1.80 6.96
C ARG A 44 -2.47 -0.92 6.64
N VAL A 45 -2.62 -0.03 5.66
CA VAL A 45 -1.54 0.86 5.27
C VAL A 45 -1.76 2.27 5.79
N THR A 46 -0.83 2.74 6.61
CA THR A 46 -0.92 4.08 7.19
C THR A 46 0.25 4.95 6.76
N VAL A 47 -0.02 5.91 5.89
CA VAL A 47 1.04 6.81 5.41
C VAL A 47 0.69 8.27 5.73
N GLY A 48 1.40 8.83 6.70
CA GLY A 48 1.16 10.22 7.09
C GLY A 48 -0.23 10.42 7.65
N ASP A 49 -1.19 10.68 6.78
CA ASP A 49 -2.57 10.91 7.20
C ASP A 49 -3.52 9.95 6.50
N ILE A 50 -3.04 9.36 5.40
CA ILE A 50 -3.85 8.42 4.63
C ILE A 50 -3.79 7.02 5.24
N THR A 51 -4.96 6.41 5.40
CA THR A 51 -5.04 5.06 5.97
C THR A 51 -5.99 4.19 5.17
N CYS A 52 -5.44 3.12 4.60
CA CYS A 52 -6.25 2.19 3.80
C CYS A 52 -6.06 0.76 4.27
N THR A 53 -6.83 -0.16 3.71
CA THR A 53 -6.76 -1.57 4.07
C THR A 53 -7.04 -2.47 2.88
N GLY A 54 -6.26 -3.54 2.76
CA GLY A 54 -6.44 -4.47 1.66
C GLY A 54 -6.91 -5.84 2.12
N GLU A 55 -8.22 -6.03 2.14
CA GLU A 55 -8.79 -7.31 2.57
C GLU A 55 -9.27 -8.12 1.37
N GLY A 56 -9.12 -9.44 1.45
CA GLY A 56 -9.55 -10.31 0.37
C GLY A 56 -8.65 -11.51 0.20
N THR A 57 -7.34 -11.26 0.23
CA THR A 57 -6.36 -12.34 0.07
C THR A 57 -5.25 -12.22 1.12
N SER A 58 -4.28 -13.12 1.03
CA SER A 58 -3.15 -13.12 1.96
C SER A 58 -2.05 -12.18 1.48
N LYS A 59 -0.96 -12.12 2.25
CA LYS A 59 0.17 -11.28 1.90
C LYS A 59 0.36 -11.21 0.39
N LYS A 60 0.00 -12.29 -0.29
CA LYS A 60 0.13 -12.37 -1.74
C LYS A 60 -0.49 -11.14 -2.41
N LEU A 61 -1.82 -11.07 -2.39
CA LEU A 61 -2.53 -9.95 -2.99
C LEU A 61 -2.84 -8.88 -1.95
N ALA A 62 -3.46 -9.29 -0.84
CA ALA A 62 -3.80 -8.37 0.23
C ALA A 62 -2.77 -7.25 0.34
N LYS A 63 -1.49 -7.62 0.39
CA LYS A 63 -0.42 -6.65 0.49
C LYS A 63 -0.42 -5.71 -0.70
N HIS A 64 -0.36 -6.28 -1.91
CA HIS A 64 -0.36 -5.48 -3.13
C HIS A 64 -1.45 -4.42 -3.09
N ARG A 65 -2.66 -4.83 -2.73
CA ARG A 65 -3.78 -3.91 -2.65
C ARG A 65 -3.54 -2.83 -1.59
N ALA A 66 -3.12 -3.27 -0.41
CA ALA A 66 -2.84 -2.35 0.69
C ALA A 66 -1.96 -1.20 0.24
N ALA A 67 -0.84 -1.53 -0.40
CA ALA A 67 0.10 -0.53 -0.89
C ALA A 67 -0.47 0.21 -2.10
N GLU A 68 -1.21 -0.51 -2.93
CA GLU A 68 -1.81 0.08 -4.12
C GLU A 68 -2.73 1.25 -3.75
N ALA A 69 -3.59 1.03 -2.77
CA ALA A 69 -4.52 2.06 -2.31
C ALA A 69 -3.78 3.36 -2.01
N ALA A 70 -2.94 3.35 -0.99
CA ALA A 70 -2.19 4.53 -0.60
C ALA A 70 -1.69 5.29 -1.83
N ILE A 71 -0.83 4.65 -2.61
CA ILE A 71 -0.29 5.27 -3.82
C ILE A 71 -1.36 6.06 -4.55
N ASN A 72 -2.30 5.35 -5.15
CA ASN A 72 -3.38 5.99 -5.90
C ASN A 72 -3.81 7.29 -5.23
N ILE A 73 -3.85 7.28 -3.90
CA ILE A 73 -4.22 8.46 -3.14
C ILE A 73 -3.10 9.49 -3.10
N LEU A 74 -1.88 9.00 -2.91
CA LEU A 74 -0.71 9.88 -2.84
C LEU A 74 -0.60 10.72 -4.11
N LYS A 75 -1.23 10.26 -5.18
CA LYS A 75 -1.20 10.97 -6.45
C LYS A 75 -2.30 12.03 -6.50
N ALA A 76 -3.55 11.59 -6.33
CA ALA A 76 -4.69 12.50 -6.35
C ALA A 76 -4.71 13.38 -5.12
N ASN A 77 -4.74 12.76 -3.94
CA ASN A 77 -4.76 13.50 -2.68
C ASN A 77 -3.55 14.43 -2.58
N ALA A 78 -2.41 13.96 -3.07
CA ALA A 78 -1.19 14.74 -3.03
C ALA A 78 -0.90 15.25 -1.62
N SER A 79 -1.04 14.36 -0.64
CA SER A 79 -0.80 14.71 0.75
C SER A 79 0.35 15.72 0.86
N GLY A 80 0.05 16.87 1.47
CA GLY A 80 1.07 17.89 1.63
C GLY A 80 0.54 19.14 2.30
N PRO A 81 0.48 19.12 3.65
CA PRO A 81 -0.02 20.25 4.43
C PRO A 81 0.92 21.45 4.38
N SER A 82 0.36 22.63 4.13
CA SER A 82 1.15 23.85 4.06
C SER A 82 1.08 24.62 5.37
N SER A 83 1.81 25.73 5.43
CA SER A 83 1.85 26.56 6.64
C SER A 83 0.80 27.67 6.56
N GLY A 84 0.58 28.36 7.68
CA GLY A 84 -0.38 29.44 7.71
C GLY A 84 0.07 30.65 6.91
N GLY A 1 21.63 -7.14 -15.07
CA GLY A 1 20.89 -6.07 -15.72
C GLY A 1 19.40 -6.35 -15.79
N SER A 2 18.64 -5.75 -14.90
CA SER A 2 17.20 -5.95 -14.87
C SER A 2 16.63 -6.05 -16.28
N SER A 3 15.73 -7.00 -16.47
CA SER A 3 15.10 -7.22 -17.78
C SER A 3 13.60 -7.43 -17.63
N GLY A 4 12.84 -6.94 -18.61
CA GLY A 4 11.41 -7.09 -18.57
C GLY A 4 10.80 -6.65 -17.26
N SER A 5 11.19 -5.46 -16.80
CA SER A 5 10.69 -4.93 -15.54
C SER A 5 9.97 -3.61 -15.77
N SER A 6 9.16 -3.56 -16.82
CA SER A 6 8.40 -2.35 -17.14
C SER A 6 7.27 -2.13 -16.15
N GLY A 7 7.35 -1.03 -15.40
CA GLY A 7 6.33 -0.72 -14.42
C GLY A 7 6.72 -1.15 -13.02
N LYS A 8 6.88 -0.19 -12.12
CA LYS A 8 7.25 -0.47 -10.75
C LYS A 8 6.05 -0.96 -9.94
N THR A 9 6.28 -1.96 -9.10
CA THR A 9 5.22 -2.53 -8.28
C THR A 9 4.71 -1.51 -7.25
N PRO A 10 3.45 -1.68 -6.83
CA PRO A 10 2.83 -0.78 -5.85
C PRO A 10 3.42 -0.94 -4.46
N ILE A 11 4.25 -1.96 -4.28
CA ILE A 11 4.89 -2.22 -3.00
C ILE A 11 6.28 -1.59 -2.94
N GLN A 12 6.96 -1.57 -4.09
CA GLN A 12 8.31 -0.99 -4.16
C GLN A 12 8.24 0.52 -4.31
N VAL A 13 7.10 1.02 -4.80
CA VAL A 13 6.91 2.45 -5.00
C VAL A 13 6.47 3.12 -3.70
N LEU A 14 5.32 2.71 -3.18
CA LEU A 14 4.79 3.28 -1.95
C LEU A 14 5.88 3.38 -0.88
N HIS A 15 6.43 2.24 -0.50
CA HIS A 15 7.49 2.19 0.51
C HIS A 15 8.63 3.13 0.14
N GLU A 16 9.37 2.79 -0.90
CA GLU A 16 10.50 3.61 -1.35
C GLU A 16 10.15 5.09 -1.24
N TYR A 17 8.90 5.44 -1.54
CA TYR A 17 8.45 6.82 -1.48
C TYR A 17 8.32 7.30 -0.04
N GLY A 18 7.65 6.49 0.79
CA GLY A 18 7.48 6.85 2.18
C GLY A 18 8.72 7.45 2.79
N MET A 19 9.89 6.95 2.37
CA MET A 19 11.16 7.45 2.88
C MET A 19 11.30 8.95 2.63
N LYS A 20 11.03 9.37 1.39
CA LYS A 20 11.12 10.77 1.02
C LYS A 20 10.27 11.64 1.95
N THR A 21 9.04 11.21 2.19
CA THR A 21 8.13 11.94 3.06
C THR A 21 8.36 11.58 4.52
N LYS A 22 9.59 11.20 4.85
CA LYS A 22 9.94 10.82 6.21
C LYS A 22 8.82 10.02 6.86
N ASN A 23 8.04 9.34 6.03
CA ASN A 23 6.93 8.52 6.52
C ASN A 23 6.86 7.20 5.77
N ILE A 24 7.15 6.10 6.48
CA ILE A 24 7.11 4.78 5.88
C ILE A 24 5.75 4.13 6.05
N PRO A 25 5.27 3.46 4.99
CA PRO A 25 3.96 2.79 5.00
C PRO A 25 3.96 1.56 5.90
N VAL A 26 3.21 1.62 6.99
CA VAL A 26 3.11 0.51 7.93
C VAL A 26 2.11 -0.55 7.44
N TYR A 27 2.38 -1.80 7.77
CA TYR A 27 1.51 -2.89 7.36
C TYR A 27 1.22 -3.82 8.54
N GLU A 28 -0.03 -3.84 8.98
CA GLU A 28 -0.44 -4.69 10.09
C GLU A 28 -1.65 -5.54 9.72
N CYS A 29 -1.57 -6.82 10.05
CA CYS A 29 -2.67 -7.75 9.76
C CYS A 29 -3.74 -7.69 10.82
N GLU A 30 -4.97 -7.38 10.40
CA GLU A 30 -6.09 -7.29 11.32
C GLU A 30 -6.84 -8.62 11.42
N ARG A 31 -7.48 -9.01 10.32
CA ARG A 31 -8.23 -10.26 10.28
C ARG A 31 -7.49 -11.32 9.46
N SER A 32 -7.32 -12.49 10.04
CA SER A 32 -6.63 -13.59 9.37
C SER A 32 -7.44 -14.88 9.42
N ASP A 33 -8.11 -15.20 8.32
CA ASP A 33 -8.92 -16.40 8.23
C ASP A 33 -8.28 -17.45 7.33
N VAL A 34 -8.11 -18.65 7.87
CA VAL A 34 -7.50 -19.74 7.12
C VAL A 34 -8.50 -20.86 6.86
N GLN A 35 -9.10 -20.85 5.67
CA GLN A 35 -10.08 -21.86 5.30
C GLN A 35 -9.66 -22.58 4.03
N ILE A 36 -8.86 -21.91 3.21
CA ILE A 36 -8.38 -22.49 1.95
C ILE A 36 -6.90 -22.20 1.74
N HIS A 37 -6.31 -22.87 0.76
CA HIS A 37 -4.90 -22.68 0.46
C HIS A 37 -4.49 -21.22 0.64
N VAL A 38 -5.23 -20.33 -0.01
CA VAL A 38 -4.94 -18.89 0.09
C VAL A 38 -5.90 -18.21 1.07
N PRO A 39 -5.41 -17.96 2.28
CA PRO A 39 -6.19 -17.31 3.33
C PRO A 39 -6.45 -15.84 3.04
N THR A 40 -7.17 -15.17 3.93
CA THR A 40 -7.49 -13.76 3.76
C THR A 40 -6.92 -12.92 4.90
N PHE A 41 -6.00 -12.02 4.55
CA PHE A 41 -5.38 -11.16 5.55
C PHE A 41 -5.65 -9.69 5.25
N THR A 42 -6.11 -8.96 6.27
CA THR A 42 -6.42 -7.55 6.12
C THR A 42 -5.26 -6.68 6.59
N PHE A 43 -4.53 -6.11 5.64
CA PHE A 43 -3.39 -5.26 5.96
C PHE A 43 -3.80 -3.78 5.94
N ARG A 44 -3.43 -3.06 6.99
CA ARG A 44 -3.75 -1.64 7.10
C ARG A 44 -2.53 -0.78 6.79
N VAL A 45 -2.67 0.06 5.76
CA VAL A 45 -1.58 0.94 5.35
C VAL A 45 -1.83 2.37 5.83
N THR A 46 -0.90 2.88 6.64
CA THR A 46 -1.01 4.24 7.16
C THR A 46 0.19 5.09 6.75
N VAL A 47 -0.04 6.02 5.84
CA VAL A 47 1.02 6.90 5.36
C VAL A 47 0.70 8.36 5.66
N GLY A 48 1.40 8.92 6.65
CA GLY A 48 1.18 10.30 7.03
C GLY A 48 -0.22 10.54 7.57
N ASP A 49 -1.15 10.88 6.69
CA ASP A 49 -2.53 11.14 7.09
C ASP A 49 -3.48 10.15 6.41
N ILE A 50 -3.05 9.57 5.31
CA ILE A 50 -3.86 8.61 4.57
C ILE A 50 -3.75 7.23 5.18
N THR A 51 -4.90 6.60 5.41
CA THR A 51 -4.94 5.26 5.99
C THR A 51 -5.94 4.37 5.26
N CYS A 52 -5.43 3.33 4.60
CA CYS A 52 -6.29 2.41 3.86
C CYS A 52 -6.08 0.98 4.35
N THR A 53 -6.83 0.05 3.75
CA THR A 53 -6.72 -1.35 4.13
C THR A 53 -6.95 -2.26 2.92
N GLY A 54 -6.25 -3.39 2.90
CA GLY A 54 -6.39 -4.32 1.80
C GLY A 54 -6.91 -5.68 2.24
N GLU A 55 -8.23 -5.83 2.23
CA GLU A 55 -8.86 -7.09 2.63
C GLU A 55 -9.34 -7.88 1.42
N GLY A 56 -9.20 -9.20 1.48
CA GLY A 56 -9.63 -10.04 0.38
C GLY A 56 -8.75 -11.27 0.23
N THR A 57 -7.44 -11.07 0.27
CA THR A 57 -6.50 -12.16 0.13
C THR A 57 -5.39 -12.07 1.17
N SER A 58 -4.44 -13.01 1.10
CA SER A 58 -3.33 -13.04 2.05
C SER A 58 -2.19 -12.14 1.57
N LYS A 59 -1.12 -12.09 2.35
CA LYS A 59 0.04 -11.28 2.02
C LYS A 59 0.26 -11.24 0.51
N LYS A 60 -0.11 -12.33 -0.17
CA LYS A 60 0.03 -12.41 -1.62
C LYS A 60 -0.56 -11.18 -2.30
N LEU A 61 -1.88 -11.10 -2.31
CA LEU A 61 -2.57 -9.97 -2.93
C LEU A 61 -2.86 -8.88 -1.90
N ALA A 62 -3.50 -9.26 -0.80
CA ALA A 62 -3.83 -8.32 0.25
C ALA A 62 -2.79 -7.20 0.35
N LYS A 63 -1.52 -7.59 0.44
CA LYS A 63 -0.43 -6.63 0.53
C LYS A 63 -0.42 -5.70 -0.68
N HIS A 64 -0.40 -6.29 -1.87
CA HIS A 64 -0.39 -5.51 -3.11
C HIS A 64 -1.46 -4.43 -3.08
N ARG A 65 -2.67 -4.82 -2.67
CA ARG A 65 -3.79 -3.89 -2.61
C ARG A 65 -3.55 -2.83 -1.53
N ALA A 66 -3.07 -3.27 -0.37
CA ALA A 66 -2.80 -2.36 0.73
C ALA A 66 -1.93 -1.19 0.28
N ALA A 67 -0.81 -1.51 -0.37
CA ALA A 67 0.10 -0.48 -0.86
C ALA A 67 -0.51 0.29 -2.02
N GLU A 68 -1.21 -0.42 -2.90
CA GLU A 68 -1.84 0.21 -4.06
C GLU A 68 -2.73 1.36 -3.63
N ALA A 69 -3.62 1.10 -2.68
CA ALA A 69 -4.54 2.12 -2.18
C ALA A 69 -3.81 3.44 -1.96
N ALA A 70 -2.95 3.47 -0.95
CA ALA A 70 -2.20 4.69 -0.64
C ALA A 70 -1.77 5.41 -1.91
N ILE A 71 -0.86 4.79 -2.66
CA ILE A 71 -0.36 5.38 -3.89
C ILE A 71 -1.47 6.14 -4.62
N ASN A 72 -2.46 5.40 -5.13
CA ASN A 72 -3.58 6.00 -5.84
C ASN A 72 -4.01 7.30 -5.18
N ILE A 73 -4.00 7.33 -3.85
CA ILE A 73 -4.39 8.51 -3.10
C ILE A 73 -3.25 9.53 -3.07
N LEU A 74 -2.03 9.04 -3.02
CA LEU A 74 -0.86 9.91 -2.99
C LEU A 74 -0.75 10.72 -4.28
N LYS A 75 -1.16 10.12 -5.38
CA LYS A 75 -1.11 10.78 -6.68
C LYS A 75 -2.13 11.92 -6.75
N ALA A 76 -3.40 11.58 -6.56
CA ALA A 76 -4.47 12.57 -6.59
C ALA A 76 -4.40 13.51 -5.39
N ASN A 77 -4.49 12.94 -4.20
CA ASN A 77 -4.44 13.72 -2.97
C ASN A 77 -3.18 14.58 -2.93
N ALA A 78 -2.09 14.05 -3.47
CA ALA A 78 -0.82 14.76 -3.50
C ALA A 78 -0.28 14.98 -2.09
N SER A 79 -0.42 13.97 -1.24
CA SER A 79 0.04 14.04 0.13
C SER A 79 1.37 14.81 0.21
N GLY A 80 1.44 15.77 1.13
CA GLY A 80 2.65 16.55 1.30
C GLY A 80 2.58 17.87 0.56
N PRO A 81 1.98 18.88 1.20
CA PRO A 81 1.84 20.21 0.62
C PRO A 81 3.18 20.95 0.52
N SER A 82 4.22 20.35 1.10
CA SER A 82 5.54 20.95 1.08
C SER A 82 6.59 19.92 0.65
N SER A 83 7.75 20.42 0.21
CA SER A 83 8.83 19.55 -0.24
C SER A 83 10.18 20.24 -0.06
N GLY A 84 11.19 19.46 0.34
CA GLY A 84 12.51 20.02 0.54
C GLY A 84 13.60 18.97 0.38
N GLY A 1 -1.07 3.07 -28.58
CA GLY A 1 -1.81 2.05 -27.85
C GLY A 1 -1.14 1.67 -26.55
N SER A 2 -0.06 0.87 -26.65
CA SER A 2 0.67 0.43 -25.47
C SER A 2 1.77 1.42 -25.11
N SER A 3 1.50 2.25 -24.10
CA SER A 3 2.47 3.25 -23.66
C SER A 3 3.48 2.64 -22.70
N GLY A 4 2.99 1.94 -21.68
CA GLY A 4 3.85 1.31 -20.71
C GLY A 4 3.15 0.24 -19.90
N SER A 5 3.55 -1.02 -20.11
CA SER A 5 2.95 -2.14 -19.40
C SER A 5 3.80 -2.54 -18.19
N SER A 6 5.11 -2.63 -18.40
CA SER A 6 6.03 -3.01 -17.33
C SER A 6 6.45 -1.79 -16.53
N GLY A 7 5.98 -1.71 -15.29
CA GLY A 7 6.31 -0.58 -14.44
C GLY A 7 6.73 -1.02 -13.05
N LYS A 8 6.86 -0.05 -12.15
CA LYS A 8 7.25 -0.34 -10.77
C LYS A 8 6.06 -0.85 -9.96
N THR A 9 6.32 -1.86 -9.12
CA THR A 9 5.27 -2.44 -8.29
C THR A 9 4.77 -1.44 -7.27
N PRO A 10 3.51 -1.62 -6.82
CA PRO A 10 2.89 -0.74 -5.83
C PRO A 10 3.49 -0.89 -4.44
N ILE A 11 4.29 -1.94 -4.26
CA ILE A 11 4.94 -2.20 -2.99
C ILE A 11 6.33 -1.56 -2.93
N GLN A 12 6.99 -1.49 -4.09
CA GLN A 12 8.31 -0.91 -4.17
C GLN A 12 8.23 0.61 -4.31
N VAL A 13 7.13 1.09 -4.87
CA VAL A 13 6.92 2.52 -5.06
C VAL A 13 6.48 3.19 -3.76
N LEU A 14 5.34 2.75 -3.23
CA LEU A 14 4.82 3.31 -1.99
C LEU A 14 5.91 3.41 -0.93
N HIS A 15 6.45 2.26 -0.53
CA HIS A 15 7.50 2.22 0.47
C HIS A 15 8.64 3.19 0.12
N GLU A 16 9.40 2.83 -0.92
CA GLU A 16 10.52 3.66 -1.36
C GLU A 16 10.17 5.15 -1.25
N TYR A 17 8.93 5.49 -1.58
CA TYR A 17 8.47 6.87 -1.52
C TYR A 17 8.38 7.35 -0.07
N GLY A 18 7.72 6.54 0.77
CA GLY A 18 7.58 6.90 2.17
C GLY A 18 8.84 7.51 2.75
N MET A 19 9.99 7.00 2.33
CA MET A 19 11.27 7.51 2.82
C MET A 19 11.37 9.01 2.60
N LYS A 20 11.11 9.44 1.37
CA LYS A 20 11.17 10.86 1.02
C LYS A 20 10.35 11.70 1.99
N THR A 21 9.11 11.26 2.23
CA THR A 21 8.22 11.97 3.13
C THR A 21 8.45 11.55 4.58
N LYS A 22 9.68 11.14 4.88
CA LYS A 22 10.05 10.73 6.23
C LYS A 22 8.92 9.92 6.86
N ASN A 23 8.12 9.26 6.04
CA ASN A 23 7.01 8.45 6.52
C ASN A 23 6.93 7.13 5.77
N ILE A 24 7.21 6.03 6.47
CA ILE A 24 7.17 4.71 5.87
C ILE A 24 5.80 4.07 6.05
N PRO A 25 5.31 3.42 4.98
CA PRO A 25 4.01 2.75 4.99
C PRO A 25 4.00 1.50 5.88
N VAL A 26 3.26 1.58 6.98
CA VAL A 26 3.17 0.45 7.91
C VAL A 26 2.17 -0.60 7.42
N TYR A 27 2.42 -1.85 7.76
CA TYR A 27 1.55 -2.94 7.35
C TYR A 27 1.22 -3.86 8.53
N GLU A 28 -0.05 -3.96 8.86
CA GLU A 28 -0.50 -4.80 9.96
C GLU A 28 -1.72 -5.62 9.57
N CYS A 29 -1.77 -6.86 10.02
CA CYS A 29 -2.89 -7.75 9.72
C CYS A 29 -3.99 -7.63 10.78
N GLU A 30 -5.18 -7.23 10.36
CA GLU A 30 -6.30 -7.08 11.27
C GLU A 30 -7.11 -8.37 11.37
N ARG A 31 -7.68 -8.79 10.24
CA ARG A 31 -8.48 -10.01 10.20
C ARG A 31 -7.75 -11.10 9.43
N SER A 32 -7.61 -12.26 10.07
CA SER A 32 -6.93 -13.39 9.45
C SER A 32 -7.81 -14.65 9.49
N ASP A 33 -8.51 -14.90 8.40
CA ASP A 33 -9.39 -16.06 8.31
C ASP A 33 -8.75 -17.17 7.47
N VAL A 34 -8.44 -18.29 8.12
CA VAL A 34 -7.81 -19.41 7.44
C VAL A 34 -8.79 -20.57 7.30
N GLN A 35 -9.41 -20.69 6.12
CA GLN A 35 -10.37 -21.75 5.86
C GLN A 35 -9.97 -22.54 4.62
N ILE A 36 -9.55 -21.83 3.58
CA ILE A 36 -9.14 -22.47 2.33
C ILE A 36 -7.65 -22.29 2.09
N HIS A 37 -7.14 -22.97 1.06
CA HIS A 37 -5.73 -22.88 0.72
C HIS A 37 -5.22 -21.45 0.85
N VAL A 38 -5.93 -20.53 0.21
CA VAL A 38 -5.55 -19.12 0.24
C VAL A 38 -6.42 -18.35 1.23
N PRO A 39 -5.86 -18.09 2.43
CA PRO A 39 -6.57 -17.36 3.49
C PRO A 39 -6.74 -15.89 3.15
N THR A 40 -7.18 -15.11 4.13
CA THR A 40 -7.41 -13.68 3.95
C THR A 40 -6.72 -12.87 5.04
N PHE A 41 -5.86 -11.94 4.63
CA PHE A 41 -5.13 -11.10 5.57
C PHE A 41 -5.35 -9.62 5.26
N THR A 42 -6.04 -8.93 6.16
CA THR A 42 -6.32 -7.51 5.98
C THR A 42 -5.13 -6.66 6.43
N PHE A 43 -4.38 -6.14 5.46
CA PHE A 43 -3.23 -5.30 5.75
C PHE A 43 -3.61 -3.82 5.73
N ARG A 44 -3.38 -3.14 6.86
CA ARG A 44 -3.70 -1.73 6.96
C ARG A 44 -2.47 -0.87 6.66
N VAL A 45 -2.59 0.00 5.66
CA VAL A 45 -1.49 0.87 5.27
C VAL A 45 -1.71 2.29 5.79
N THR A 46 -0.78 2.75 6.62
CA THR A 46 -0.87 4.10 7.18
C THR A 46 0.32 4.96 6.75
N VAL A 47 0.04 5.95 5.91
CA VAL A 47 1.09 6.85 5.42
C VAL A 47 0.76 8.30 5.75
N GLY A 48 1.44 8.85 6.75
CA GLY A 48 1.20 10.22 7.15
C GLY A 48 -0.18 10.44 7.71
N ASP A 49 -1.11 10.84 6.84
CA ASP A 49 -2.49 11.08 7.25
C ASP A 49 -3.44 10.11 6.56
N ILE A 50 -3.00 9.55 5.45
CA ILE A 50 -3.81 8.60 4.69
C ILE A 50 -3.70 7.19 5.27
N THR A 51 -4.84 6.56 5.50
CA THR A 51 -4.87 5.21 6.05
C THR A 51 -5.86 4.33 5.30
N CYS A 52 -5.36 3.24 4.72
CA CYS A 52 -6.20 2.32 3.98
C CYS A 52 -5.97 0.88 4.44
N THR A 53 -6.72 -0.05 3.85
CA THR A 53 -6.60 -1.46 4.19
C THR A 53 -6.84 -2.35 2.98
N GLY A 54 -6.14 -3.49 2.94
CA GLY A 54 -6.30 -4.40 1.83
C GLY A 54 -6.77 -5.78 2.27
N GLU A 55 -8.08 -5.99 2.26
CA GLU A 55 -8.65 -7.26 2.67
C GLU A 55 -9.13 -8.06 1.46
N GLY A 56 -9.00 -9.38 1.54
CA GLY A 56 -9.41 -10.24 0.44
C GLY A 56 -8.53 -11.45 0.27
N THR A 57 -7.22 -11.22 0.30
CA THR A 57 -6.25 -12.32 0.16
C THR A 57 -5.13 -12.20 1.19
N SER A 58 -4.18 -13.12 1.12
CA SER A 58 -3.05 -13.13 2.04
C SER A 58 -1.93 -12.21 1.55
N LYS A 59 -0.85 -12.15 2.32
CA LYS A 59 0.29 -11.31 1.96
C LYS A 59 0.49 -11.27 0.45
N LYS A 60 0.11 -12.36 -0.22
CA LYS A 60 0.24 -12.44 -1.68
C LYS A 60 -0.37 -11.22 -2.35
N LEU A 61 -1.70 -11.14 -2.33
CA LEU A 61 -2.41 -10.02 -2.95
C LEU A 61 -2.70 -8.94 -1.91
N ALA A 62 -3.32 -9.33 -0.81
CA ALA A 62 -3.66 -8.40 0.26
C ALA A 62 -2.64 -7.27 0.34
N LYS A 63 -1.36 -7.64 0.41
CA LYS A 63 -0.29 -6.65 0.49
C LYS A 63 -0.31 -5.72 -0.72
N HIS A 64 -0.25 -6.31 -1.91
CA HIS A 64 -0.26 -5.53 -3.15
C HIS A 64 -1.36 -4.46 -3.10
N ARG A 65 -2.56 -4.88 -2.71
CA ARG A 65 -3.69 -3.96 -2.63
C ARG A 65 -3.46 -2.89 -1.57
N ALA A 66 -3.02 -3.32 -0.40
CA ALA A 66 -2.75 -2.39 0.70
C ALA A 66 -1.90 -1.22 0.23
N ALA A 67 -0.78 -1.53 -0.41
CA ALA A 67 0.13 -0.50 -0.91
C ALA A 67 -0.49 0.26 -2.08
N GLU A 68 -1.22 -0.47 -2.93
CA GLU A 68 -1.87 0.13 -4.08
C GLU A 68 -2.79 1.28 -3.66
N ALA A 69 -3.65 1.00 -2.69
CA ALA A 69 -4.58 2.01 -2.19
C ALA A 69 -3.88 3.34 -1.95
N ALA A 70 -3.05 3.39 -0.91
CA ALA A 70 -2.32 4.61 -0.58
C ALA A 70 -1.88 5.35 -1.85
N ILE A 71 -0.96 4.75 -2.58
CA ILE A 71 -0.45 5.35 -3.82
C ILE A 71 -1.56 6.10 -4.55
N ASN A 72 -2.52 5.35 -5.08
CA ASN A 72 -3.63 5.95 -5.82
C ASN A 72 -4.06 7.26 -5.18
N ILE A 73 -4.08 7.28 -3.85
CA ILE A 73 -4.47 8.48 -3.12
C ILE A 73 -3.33 9.50 -3.07
N LEU A 74 -2.11 9.00 -2.94
CA LEU A 74 -0.94 9.88 -2.89
C LEU A 74 -0.84 10.72 -4.15
N LYS A 75 -1.36 10.20 -5.26
CA LYS A 75 -1.34 10.92 -6.52
C LYS A 75 -2.42 11.99 -6.57
N ALA A 76 -3.68 11.57 -6.49
CA ALA A 76 -4.80 12.49 -6.53
C ALA A 76 -4.72 13.49 -5.37
N ASN A 77 -4.72 12.97 -4.15
CA ASN A 77 -4.64 13.82 -2.97
C ASN A 77 -3.36 14.64 -2.97
N ALA A 78 -2.26 14.01 -3.33
CA ALA A 78 -0.97 14.69 -3.38
C ALA A 78 -0.42 14.93 -1.97
N SER A 79 -0.52 13.91 -1.12
CA SER A 79 -0.05 14.02 0.26
C SER A 79 1.20 14.91 0.34
N GLY A 80 1.02 16.11 0.89
CA GLY A 80 2.14 17.03 1.02
C GLY A 80 1.72 18.48 0.83
N PRO A 81 1.35 19.14 1.93
CA PRO A 81 0.92 20.53 1.91
C PRO A 81 2.06 21.49 1.59
N SER A 82 1.77 22.79 1.62
CA SER A 82 2.78 23.80 1.33
C SER A 82 4.07 23.51 2.09
N SER A 83 5.20 23.86 1.47
CA SER A 83 6.51 23.63 2.09
C SER A 83 6.52 24.15 3.52
N GLY A 84 7.15 23.38 4.41
CA GLY A 84 7.23 23.79 5.80
C GLY A 84 5.91 24.34 6.33
N GLY A 1 15.89 -1.37 -17.50
CA GLY A 1 16.95 -2.35 -17.32
C GLY A 1 16.41 -3.71 -16.92
N SER A 2 17.23 -4.46 -16.19
CA SER A 2 16.84 -5.80 -15.75
C SER A 2 16.08 -5.73 -14.42
N SER A 3 16.66 -5.02 -13.45
CA SER A 3 16.05 -4.89 -12.14
C SER A 3 14.84 -3.95 -12.19
N GLY A 4 13.65 -4.53 -12.20
CA GLY A 4 12.44 -3.73 -12.25
C GLY A 4 11.89 -3.61 -13.66
N SER A 5 10.93 -4.46 -13.99
CA SER A 5 10.32 -4.44 -15.32
C SER A 5 9.58 -3.13 -15.56
N SER A 6 9.04 -2.98 -16.77
CA SER A 6 8.30 -1.77 -17.13
C SER A 6 7.09 -1.59 -16.23
N GLY A 7 7.21 -0.70 -15.24
CA GLY A 7 6.12 -0.45 -14.33
C GLY A 7 6.43 -0.87 -12.90
N LYS A 8 6.89 0.08 -12.09
CA LYS A 8 7.24 -0.20 -10.71
C LYS A 8 6.03 -0.73 -9.94
N THR A 9 6.27 -1.72 -9.09
CA THR A 9 5.20 -2.33 -8.29
C THR A 9 4.67 -1.34 -7.26
N PRO A 10 3.40 -1.53 -6.85
CA PRO A 10 2.76 -0.68 -5.86
C PRO A 10 3.34 -0.86 -4.46
N ILE A 11 4.18 -1.88 -4.30
CA ILE A 11 4.80 -2.17 -3.02
C ILE A 11 6.17 -1.50 -2.91
N GLN A 12 6.88 -1.45 -4.04
CA GLN A 12 8.21 -0.84 -4.06
C GLN A 12 8.11 0.69 -4.13
N VAL A 13 7.10 1.18 -4.84
CA VAL A 13 6.89 2.61 -4.97
C VAL A 13 6.43 3.23 -3.65
N LEU A 14 5.22 2.90 -3.23
CA LEU A 14 4.67 3.41 -1.98
C LEU A 14 5.73 3.49 -0.91
N HIS A 15 6.31 2.34 -0.56
CA HIS A 15 7.35 2.28 0.46
C HIS A 15 8.50 3.21 0.11
N GLU A 16 9.26 2.86 -0.92
CA GLU A 16 10.39 3.67 -1.34
C GLU A 16 10.08 5.15 -1.22
N TYR A 17 8.84 5.52 -1.53
CA TYR A 17 8.41 6.91 -1.45
C TYR A 17 8.32 7.37 0.00
N GLY A 18 7.59 6.61 0.81
CA GLY A 18 7.44 6.96 2.21
C GLY A 18 8.70 7.55 2.81
N MET A 19 9.85 7.03 2.38
CA MET A 19 11.13 7.51 2.89
C MET A 19 11.27 9.01 2.68
N LYS A 20 11.03 9.46 1.45
CA LYS A 20 11.12 10.89 1.13
C LYS A 20 10.34 11.72 2.13
N THR A 21 9.10 11.31 2.40
CA THR A 21 8.25 12.03 3.34
C THR A 21 8.52 11.58 4.77
N LYS A 22 9.73 11.09 5.03
CA LYS A 22 10.11 10.63 6.36
C LYS A 22 8.99 9.82 7.00
N ASN A 23 8.15 9.22 6.16
CA ASN A 23 7.03 8.41 6.65
C ASN A 23 6.93 7.10 5.87
N ILE A 24 7.18 5.99 6.55
CA ILE A 24 7.11 4.67 5.93
C ILE A 24 5.73 4.06 6.10
N PRO A 25 5.21 3.44 5.03
CA PRO A 25 3.90 2.80 5.04
C PRO A 25 3.89 1.53 5.90
N VAL A 26 3.15 1.58 7.00
CA VAL A 26 3.06 0.43 7.90
C VAL A 26 2.09 -0.62 7.35
N TYR A 27 2.40 -1.89 7.60
CA TYR A 27 1.57 -2.98 7.13
C TYR A 27 1.28 -3.97 8.26
N GLU A 28 0.06 -3.93 8.77
CA GLU A 28 -0.35 -4.81 9.86
C GLU A 28 -1.64 -5.55 9.51
N CYS A 29 -1.73 -6.80 9.93
CA CYS A 29 -2.92 -7.61 9.65
C CYS A 29 -3.94 -7.46 10.77
N GLU A 30 -5.16 -7.08 10.39
CA GLU A 30 -6.24 -6.88 11.34
C GLU A 30 -7.05 -8.16 11.51
N ARG A 31 -7.38 -8.81 10.40
CA ARG A 31 -8.15 -10.03 10.42
C ARG A 31 -7.39 -11.17 9.76
N SER A 32 -7.35 -12.33 10.42
CA SER A 32 -6.65 -13.49 9.89
C SER A 32 -7.51 -14.75 9.99
N ASP A 33 -8.08 -15.17 8.87
CA ASP A 33 -8.93 -16.35 8.84
C ASP A 33 -8.35 -17.41 7.91
N VAL A 34 -8.17 -18.62 8.43
CA VAL A 34 -7.63 -19.72 7.63
C VAL A 34 -8.65 -20.85 7.49
N GLN A 35 -9.27 -20.94 6.32
CA GLN A 35 -10.26 -21.97 6.07
C GLN A 35 -9.91 -22.76 4.81
N ILE A 36 -9.16 -22.14 3.91
CA ILE A 36 -8.75 -22.78 2.67
C ILE A 36 -7.27 -22.55 2.39
N HIS A 37 -6.77 -23.16 1.32
CA HIS A 37 -5.37 -23.01 0.94
C HIS A 37 -4.93 -21.55 1.04
N VAL A 38 -5.64 -20.68 0.35
CA VAL A 38 -5.33 -19.26 0.36
C VAL A 38 -6.25 -18.49 1.31
N PRO A 39 -5.74 -18.19 2.51
CA PRO A 39 -6.50 -17.46 3.53
C PRO A 39 -6.73 -16.00 3.15
N THR A 40 -7.24 -15.22 4.11
CA THR A 40 -7.50 -13.81 3.87
C THR A 40 -6.86 -12.94 4.96
N PHE A 41 -5.87 -12.15 4.57
CA PHE A 41 -5.17 -11.28 5.51
C PHE A 41 -5.46 -9.81 5.19
N THR A 42 -6.12 -9.13 6.12
CA THR A 42 -6.45 -7.72 5.95
C THR A 42 -5.32 -6.82 6.45
N PHE A 43 -4.56 -6.25 5.52
CA PHE A 43 -3.45 -5.38 5.87
C PHE A 43 -3.91 -3.92 5.89
N ARG A 44 -3.38 -3.16 6.85
CA ARG A 44 -3.74 -1.75 6.98
C ARG A 44 -2.54 -0.86 6.68
N VAL A 45 -2.67 -0.03 5.65
CA VAL A 45 -1.60 0.88 5.26
C VAL A 45 -1.84 2.28 5.79
N THR A 46 -0.89 2.79 6.58
CA THR A 46 -1.01 4.12 7.15
C THR A 46 0.18 4.98 6.77
N VAL A 47 -0.07 5.96 5.89
CA VAL A 47 0.97 6.87 5.43
C VAL A 47 0.65 8.31 5.78
N GLY A 48 1.36 8.88 6.74
CA GLY A 48 1.12 10.25 7.14
C GLY A 48 -0.27 10.46 7.69
N ASP A 49 -1.19 10.81 6.79
CA ASP A 49 -2.58 11.05 7.18
C ASP A 49 -3.52 10.09 6.48
N ILE A 50 -3.03 9.49 5.39
CA ILE A 50 -3.83 8.54 4.62
C ILE A 50 -3.76 7.14 5.23
N THR A 51 -4.93 6.52 5.40
CA THR A 51 -5.01 5.18 5.96
C THR A 51 -5.95 4.29 5.16
N CYS A 52 -5.40 3.26 4.54
CA CYS A 52 -6.20 2.34 3.74
C CYS A 52 -6.01 0.89 4.21
N THR A 53 -6.76 -0.02 3.62
CA THR A 53 -6.67 -1.44 3.97
C THR A 53 -6.93 -2.33 2.77
N GLY A 54 -6.25 -3.46 2.72
CA GLY A 54 -6.42 -4.39 1.62
C GLY A 54 -6.90 -5.76 2.08
N GLU A 55 -8.20 -5.98 2.03
CA GLU A 55 -8.78 -7.25 2.44
C GLU A 55 -9.26 -8.05 1.23
N GLY A 56 -9.15 -9.37 1.34
CA GLY A 56 -9.56 -10.23 0.24
C GLY A 56 -8.68 -11.46 0.10
N THR A 57 -7.37 -11.24 0.12
CA THR A 57 -6.41 -12.33 -0.02
C THR A 57 -5.29 -12.21 1.01
N SER A 58 -4.33 -13.12 0.93
CA SER A 58 -3.20 -13.12 1.86
C SER A 58 -2.10 -12.20 1.36
N LYS A 59 -0.99 -12.15 2.11
CA LYS A 59 0.14 -11.31 1.75
C LYS A 59 0.31 -11.24 0.23
N LYS A 60 -0.08 -12.32 -0.45
CA LYS A 60 0.04 -12.38 -1.90
C LYS A 60 -0.58 -11.14 -2.55
N LEU A 61 -1.90 -11.06 -2.51
CA LEU A 61 -2.60 -9.92 -3.09
C LEU A 61 -2.89 -8.85 -2.04
N ALA A 62 -3.50 -9.27 -0.93
CA ALA A 62 -3.83 -8.35 0.15
C ALA A 62 -2.78 -7.24 0.26
N LYS A 63 -1.51 -7.63 0.27
CA LYS A 63 -0.42 -6.66 0.36
C LYS A 63 -0.43 -5.72 -0.83
N HIS A 64 -0.36 -6.28 -2.03
CA HIS A 64 -0.35 -5.48 -3.26
C HIS A 64 -1.44 -4.40 -3.21
N ARG A 65 -2.65 -4.81 -2.84
CA ARG A 65 -3.77 -3.88 -2.75
C ARG A 65 -3.53 -2.84 -1.66
N ALA A 66 -3.10 -3.29 -0.49
CA ALA A 66 -2.84 -2.40 0.63
C ALA A 66 -1.97 -1.22 0.20
N ALA A 67 -0.84 -1.52 -0.43
CA ALA A 67 0.07 -0.48 -0.90
C ALA A 67 -0.55 0.32 -2.03
N GLU A 68 -1.18 -0.38 -2.97
CA GLU A 68 -1.81 0.27 -4.11
C GLU A 68 -2.69 1.43 -3.65
N ALA A 69 -3.62 1.15 -2.74
CA ALA A 69 -4.52 2.17 -2.22
C ALA A 69 -3.76 3.45 -1.87
N ALA A 70 -2.88 3.35 -0.88
CA ALA A 70 -2.09 4.49 -0.45
C ALA A 70 -1.55 5.27 -1.65
N ILE A 71 -0.89 4.58 -2.56
CA ILE A 71 -0.34 5.21 -3.75
C ILE A 71 -1.40 6.02 -4.48
N ASN A 72 -2.34 5.33 -5.12
CA ASN A 72 -3.41 6.00 -5.86
C ASN A 72 -3.80 7.31 -5.19
N ILE A 73 -3.84 7.30 -3.86
CA ILE A 73 -4.20 8.48 -3.10
C ILE A 73 -3.04 9.49 -3.06
N LEU A 74 -1.84 8.99 -2.81
CA LEU A 74 -0.65 9.84 -2.76
C LEU A 74 -0.53 10.69 -4.02
N LYS A 75 -1.00 10.15 -5.14
CA LYS A 75 -0.95 10.87 -6.41
C LYS A 75 -2.05 11.93 -6.48
N ALA A 76 -3.30 11.49 -6.45
CA ALA A 76 -4.44 12.40 -6.52
C ALA A 76 -4.41 13.37 -5.34
N ASN A 77 -4.45 12.83 -4.13
CA ASN A 77 -4.44 13.65 -2.93
C ASN A 77 -3.17 14.51 -2.86
N ALA A 78 -2.14 14.07 -3.57
CA ALA A 78 -0.87 14.79 -3.60
C ALA A 78 -0.36 15.07 -2.18
N SER A 79 -0.43 14.05 -1.33
CA SER A 79 0.02 14.18 0.06
C SER A 79 1.22 15.11 0.15
N GLY A 80 1.24 15.96 1.17
CA GLY A 80 2.34 16.89 1.35
C GLY A 80 2.63 17.70 0.10
N PRO A 81 3.68 18.53 0.16
CA PRO A 81 4.09 19.38 -0.96
C PRO A 81 4.65 18.57 -2.13
N SER A 82 4.33 18.99 -3.34
CA SER A 82 4.80 18.31 -4.54
C SER A 82 5.87 19.15 -5.26
N SER A 83 7.13 18.89 -4.93
CA SER A 83 8.24 19.61 -5.54
C SER A 83 8.17 19.54 -7.06
N GLY A 84 7.71 20.62 -7.69
CA GLY A 84 7.60 20.66 -9.13
C GLY A 84 8.92 20.97 -9.80
N GLY A 1 11.69 6.58 -16.94
CA GLY A 1 11.29 6.85 -15.58
C GLY A 1 12.47 6.87 -14.62
N SER A 2 13.15 5.73 -14.50
CA SER A 2 14.30 5.62 -13.61
C SER A 2 15.22 4.48 -14.06
N SER A 3 16.34 4.33 -13.36
CA SER A 3 17.30 3.29 -13.67
C SER A 3 16.84 1.93 -13.15
N GLY A 4 16.29 1.12 -14.04
CA GLY A 4 15.81 -0.20 -13.64
C GLY A 4 14.81 -0.77 -14.62
N SER A 5 13.82 -1.48 -14.10
CA SER A 5 12.79 -2.10 -14.95
C SER A 5 11.54 -1.21 -15.00
N SER A 6 10.88 -1.20 -16.16
CA SER A 6 9.68 -0.41 -16.34
C SER A 6 8.54 -0.93 -15.47
N GLY A 7 7.52 -0.09 -15.27
CA GLY A 7 6.39 -0.48 -14.45
C GLY A 7 6.79 -0.88 -13.05
N LYS A 8 6.76 0.07 -12.12
CA LYS A 8 7.12 -0.19 -10.74
C LYS A 8 5.95 -0.75 -9.96
N THR A 9 6.21 -1.70 -9.08
CA THR A 9 5.17 -2.31 -8.27
C THR A 9 4.64 -1.34 -7.23
N PRO A 10 3.38 -1.55 -6.81
CA PRO A 10 2.73 -0.69 -5.81
C PRO A 10 3.33 -0.86 -4.42
N ILE A 11 4.16 -1.89 -4.26
CA ILE A 11 4.80 -2.16 -2.98
C ILE A 11 6.17 -1.49 -2.90
N GLN A 12 6.86 -1.43 -4.03
CA GLN A 12 8.19 -0.82 -4.08
C GLN A 12 8.08 0.70 -4.13
N VAL A 13 7.09 1.20 -4.87
CA VAL A 13 6.89 2.63 -4.99
C VAL A 13 6.45 3.24 -3.66
N LEU A 14 5.27 2.87 -3.20
CA LEU A 14 4.74 3.38 -1.94
C LEU A 14 5.83 3.44 -0.88
N HIS A 15 6.37 2.28 -0.53
CA HIS A 15 7.43 2.21 0.47
C HIS A 15 8.57 3.16 0.14
N GLU A 16 9.31 2.84 -0.91
CA GLU A 16 10.44 3.65 -1.34
C GLU A 16 10.12 5.13 -1.16
N TYR A 17 8.91 5.53 -1.56
CA TYR A 17 8.49 6.93 -1.44
C TYR A 17 8.40 7.34 0.03
N GLY A 18 7.67 6.56 0.81
CA GLY A 18 7.52 6.86 2.23
C GLY A 18 8.76 7.50 2.82
N MET A 19 9.92 6.87 2.61
CA MET A 19 11.18 7.38 3.12
C MET A 19 11.31 8.88 2.85
N LYS A 20 11.09 9.27 1.60
CA LYS A 20 11.18 10.68 1.22
C LYS A 20 10.46 11.57 2.23
N THR A 21 9.21 11.23 2.52
CA THR A 21 8.41 12.00 3.46
C THR A 21 8.62 11.49 4.89
N LYS A 22 9.83 11.04 5.18
CA LYS A 22 10.16 10.53 6.51
C LYS A 22 8.99 9.75 7.09
N ASN A 23 8.18 9.17 6.22
CA ASN A 23 7.03 8.38 6.65
C ASN A 23 6.94 7.06 5.89
N ILE A 24 7.16 5.96 6.58
CA ILE A 24 7.11 4.64 5.97
C ILE A 24 5.73 4.02 6.13
N PRO A 25 5.24 3.39 5.05
CA PRO A 25 3.92 2.73 5.05
C PRO A 25 3.90 1.47 5.91
N VAL A 26 3.17 1.55 7.02
CA VAL A 26 3.05 0.42 7.94
C VAL A 26 2.08 -0.63 7.41
N TYR A 27 2.39 -1.89 7.67
CA TYR A 27 1.55 -2.99 7.21
C TYR A 27 1.26 -3.97 8.35
N GLU A 28 0.02 -4.01 8.80
CA GLU A 28 -0.38 -4.89 9.88
C GLU A 28 -1.64 -5.67 9.51
N CYS A 29 -1.59 -6.99 9.68
CA CYS A 29 -2.73 -7.84 9.37
C CYS A 29 -3.69 -7.93 10.56
N GLU A 30 -4.85 -7.29 10.40
CA GLU A 30 -5.86 -7.30 11.47
C GLU A 30 -6.71 -8.56 11.39
N ARG A 31 -7.44 -8.71 10.29
CA ARG A 31 -8.31 -9.87 10.10
C ARG A 31 -7.53 -11.05 9.55
N SER A 32 -7.61 -12.19 10.23
CA SER A 32 -6.91 -13.39 9.81
C SER A 32 -7.83 -14.60 9.83
N ASP A 33 -8.33 -14.99 8.67
CA ASP A 33 -9.22 -16.13 8.56
C ASP A 33 -8.61 -17.23 7.69
N VAL A 34 -8.39 -18.40 8.27
CA VAL A 34 -7.81 -19.52 7.56
C VAL A 34 -8.80 -20.67 7.43
N GLN A 35 -9.43 -20.77 6.27
CA GLN A 35 -10.41 -21.83 6.02
C GLN A 35 -10.06 -22.61 4.77
N ILE A 36 -9.07 -22.12 4.02
CA ILE A 36 -8.64 -22.77 2.80
C ILE A 36 -7.15 -22.56 2.56
N HIS A 37 -6.67 -23.03 1.41
CA HIS A 37 -5.25 -22.90 1.06
C HIS A 37 -4.80 -21.45 1.18
N VAL A 38 -5.55 -20.55 0.53
CA VAL A 38 -5.22 -19.13 0.56
C VAL A 38 -6.19 -18.37 1.46
N PRO A 39 -5.74 -18.07 2.69
CA PRO A 39 -6.56 -17.34 3.67
C PRO A 39 -6.75 -15.88 3.28
N THR A 40 -7.23 -15.08 4.24
CA THR A 40 -7.48 -13.66 3.99
C THR A 40 -6.82 -12.81 5.07
N PHE A 41 -5.81 -12.04 4.68
CA PHE A 41 -5.11 -11.17 5.61
C PHE A 41 -5.36 -9.70 5.29
N THR A 42 -6.04 -9.01 6.19
CA THR A 42 -6.35 -7.60 6.00
C THR A 42 -5.21 -6.72 6.51
N PHE A 43 -4.42 -6.19 5.59
CA PHE A 43 -3.29 -5.33 5.94
C PHE A 43 -3.71 -3.86 5.91
N ARG A 44 -3.43 -3.15 7.00
CA ARG A 44 -3.77 -1.74 7.10
C ARG A 44 -2.56 -0.86 6.78
N VAL A 45 -2.70 -0.04 5.74
CA VAL A 45 -1.62 0.85 5.32
C VAL A 45 -1.85 2.27 5.84
N THR A 46 -0.92 2.77 6.63
CA THR A 46 -1.01 4.12 7.18
C THR A 46 0.18 4.97 6.77
N VAL A 47 -0.08 5.96 5.91
CA VAL A 47 0.97 6.86 5.44
C VAL A 47 0.64 8.31 5.77
N GLY A 48 1.30 8.84 6.79
CA GLY A 48 1.06 10.22 7.19
C GLY A 48 -0.34 10.45 7.71
N ASP A 49 -1.25 10.82 6.81
CA ASP A 49 -2.64 11.06 7.18
C ASP A 49 -3.57 10.10 6.47
N ILE A 50 -3.09 9.53 5.36
CA ILE A 50 -3.89 8.58 4.58
C ILE A 50 -3.80 7.18 5.17
N THR A 51 -4.94 6.55 5.39
CA THR A 51 -4.99 5.21 5.94
C THR A 51 -5.94 4.32 5.14
N CYS A 52 -5.37 3.29 4.51
CA CYS A 52 -6.16 2.37 3.71
C CYS A 52 -6.00 0.94 4.21
N THR A 53 -6.71 0.01 3.58
CA THR A 53 -6.64 -1.40 3.96
C THR A 53 -6.88 -2.31 2.76
N GLY A 54 -6.27 -3.49 2.79
CA GLY A 54 -6.43 -4.43 1.70
C GLY A 54 -6.87 -5.79 2.17
N GLU A 55 -8.19 -6.01 2.20
CA GLU A 55 -8.75 -7.28 2.64
C GLU A 55 -9.24 -8.10 1.45
N GLY A 56 -9.06 -9.41 1.52
CA GLY A 56 -9.49 -10.29 0.45
C GLY A 56 -8.59 -11.49 0.28
N THR A 57 -7.27 -11.25 0.29
CA THR A 57 -6.30 -12.32 0.14
C THR A 57 -5.17 -12.20 1.16
N SER A 58 -4.21 -13.10 1.08
CA SER A 58 -3.07 -13.09 1.99
C SER A 58 -1.97 -12.16 1.50
N LYS A 59 -0.87 -12.11 2.24
CA LYS A 59 0.26 -11.26 1.87
C LYS A 59 0.43 -11.21 0.36
N LYS A 60 0.05 -12.30 -0.31
CA LYS A 60 0.16 -12.38 -1.77
C LYS A 60 -0.46 -11.15 -2.43
N LEU A 61 -1.79 -11.08 -2.39
CA LEU A 61 -2.51 -9.96 -2.99
C LEU A 61 -2.80 -8.87 -1.94
N ALA A 62 -3.40 -9.28 -0.83
CA ALA A 62 -3.73 -8.36 0.24
C ALA A 62 -2.69 -7.24 0.34
N LYS A 63 -1.42 -7.62 0.36
CA LYS A 63 -0.33 -6.65 0.45
C LYS A 63 -0.35 -5.71 -0.75
N HIS A 64 -0.32 -6.29 -1.94
CA HIS A 64 -0.33 -5.50 -3.17
C HIS A 64 -1.41 -4.43 -3.13
N ARG A 65 -2.63 -4.84 -2.76
CA ARG A 65 -3.75 -3.92 -2.68
C ARG A 65 -3.50 -2.86 -1.60
N ALA A 66 -3.10 -3.30 -0.42
CA ALA A 66 -2.82 -2.39 0.68
C ALA A 66 -1.95 -1.22 0.24
N ALA A 67 -0.83 -1.54 -0.40
CA ALA A 67 0.10 -0.51 -0.87
C ALA A 67 -0.51 0.24 -2.06
N GLU A 68 -1.21 -0.48 -2.92
CA GLU A 68 -1.83 0.13 -4.09
C GLU A 68 -2.76 1.27 -3.69
N ALA A 69 -3.62 1.01 -2.72
CA ALA A 69 -4.57 2.01 -2.24
C ALA A 69 -3.86 3.33 -1.97
N ALA A 70 -2.98 3.34 -0.96
CA ALA A 70 -2.25 4.55 -0.60
C ALA A 70 -1.80 5.31 -1.85
N ILE A 71 -0.93 4.70 -2.64
CA ILE A 71 -0.43 5.32 -3.86
C ILE A 71 -1.53 6.08 -4.58
N ASN A 72 -2.48 5.33 -5.15
CA ASN A 72 -3.59 5.93 -5.87
C ASN A 72 -4.02 7.24 -5.22
N ILE A 73 -3.92 7.29 -3.89
CA ILE A 73 -4.30 8.49 -3.15
C ILE A 73 -3.16 9.50 -3.12
N LEU A 74 -1.94 9.00 -2.91
CA LEU A 74 -0.76 9.86 -2.85
C LEU A 74 -0.64 10.70 -4.12
N LYS A 75 -1.15 10.16 -5.23
CA LYS A 75 -1.09 10.86 -6.52
C LYS A 75 -2.10 12.00 -6.54
N ALA A 76 -3.39 11.65 -6.49
CA ALA A 76 -4.44 12.66 -6.51
C ALA A 76 -4.34 13.59 -5.31
N ASN A 77 -4.39 13.01 -4.11
CA ASN A 77 -4.31 13.79 -2.88
C ASN A 77 -3.00 14.59 -2.83
N ALA A 78 -1.98 14.08 -3.49
CA ALA A 78 -0.68 14.74 -3.52
C ALA A 78 -0.09 14.85 -2.13
N SER A 79 -0.20 13.78 -1.35
CA SER A 79 0.32 13.76 0.01
C SER A 79 1.60 14.57 0.12
N GLY A 80 1.61 15.55 1.02
CA GLY A 80 2.79 16.37 1.19
C GLY A 80 2.46 17.85 1.18
N PRO A 81 3.10 18.61 2.09
CA PRO A 81 2.88 20.06 2.21
C PRO A 81 3.46 20.83 1.02
N SER A 82 2.58 21.47 0.27
CA SER A 82 3.00 22.24 -0.90
C SER A 82 4.07 23.26 -0.53
N SER A 83 5.32 22.89 -0.72
CA SER A 83 6.45 23.76 -0.39
C SER A 83 7.32 24.01 -1.62
N GLY A 84 8.27 24.92 -1.49
CA GLY A 84 9.16 25.24 -2.59
C GLY A 84 10.02 24.05 -3.00
N GLY A 1 9.06 11.58 -12.91
CA GLY A 1 8.96 12.81 -13.68
C GLY A 1 7.54 13.08 -14.14
N SER A 2 6.88 12.03 -14.65
CA SER A 2 5.51 12.17 -15.13
C SER A 2 4.57 11.23 -14.37
N SER A 3 3.29 11.60 -14.32
CA SER A 3 2.30 10.80 -13.62
C SER A 3 1.76 9.70 -14.51
N GLY A 4 1.33 8.60 -13.90
CA GLY A 4 0.79 7.48 -14.66
C GLY A 4 1.88 6.76 -15.45
N SER A 5 2.95 6.37 -14.77
CA SER A 5 4.05 5.68 -15.43
C SER A 5 4.16 4.24 -14.92
N SER A 6 3.37 3.34 -15.49
CA SER A 6 3.37 1.94 -15.10
C SER A 6 4.75 1.33 -15.30
N GLY A 7 5.27 0.69 -14.25
CA GLY A 7 6.58 0.07 -14.33
C GLY A 7 7.01 -0.54 -13.02
N LYS A 8 6.88 0.22 -11.94
CA LYS A 8 7.27 -0.25 -10.62
C LYS A 8 6.06 -0.77 -9.86
N THR A 9 6.28 -1.77 -9.00
CA THR A 9 5.21 -2.36 -8.20
C THR A 9 4.69 -1.36 -7.17
N PRO A 10 3.43 -1.56 -6.76
CA PRO A 10 2.78 -0.70 -5.76
C PRO A 10 3.37 -0.87 -4.37
N ILE A 11 4.19 -1.90 -4.20
CA ILE A 11 4.82 -2.18 -2.92
C ILE A 11 6.21 -1.55 -2.84
N GLN A 12 6.88 -1.45 -3.98
CA GLN A 12 8.21 -0.86 -4.05
C GLN A 12 8.13 0.66 -4.10
N VAL A 13 7.16 1.17 -4.85
CA VAL A 13 6.98 2.61 -4.99
C VAL A 13 6.51 3.23 -3.67
N LEU A 14 5.31 2.86 -3.24
CA LEU A 14 4.74 3.37 -2.00
C LEU A 14 5.81 3.44 -0.90
N HIS A 15 6.37 2.29 -0.57
CA HIS A 15 7.41 2.21 0.47
C HIS A 15 8.57 3.13 0.12
N GLU A 16 9.34 2.75 -0.90
CA GLU A 16 10.49 3.53 -1.32
C GLU A 16 10.20 5.03 -1.21
N TYR A 17 8.97 5.41 -1.52
CA TYR A 17 8.57 6.81 -1.46
C TYR A 17 8.51 7.29 -0.01
N GLY A 18 7.76 6.57 0.83
CA GLY A 18 7.64 6.94 2.21
C GLY A 18 8.91 7.56 2.77
N MET A 19 10.05 7.01 2.38
CA MET A 19 11.34 7.51 2.84
C MET A 19 11.44 9.03 2.62
N LYS A 20 11.09 9.47 1.42
CA LYS A 20 11.14 10.88 1.08
C LYS A 20 10.46 11.73 2.16
N THR A 21 9.24 11.34 2.52
CA THR A 21 8.48 12.07 3.54
C THR A 21 8.76 11.50 4.93
N LYS A 22 9.96 10.97 5.12
CA LYS A 22 10.35 10.39 6.40
C LYS A 22 9.20 9.60 7.01
N ASN A 23 8.30 9.11 6.17
CA ASN A 23 7.15 8.34 6.63
C ASN A 23 7.04 7.02 5.86
N ILE A 24 7.27 5.92 6.55
CA ILE A 24 7.20 4.60 5.94
C ILE A 24 5.81 3.98 6.12
N PRO A 25 5.29 3.37 5.05
CA PRO A 25 3.97 2.73 5.07
C PRO A 25 3.95 1.47 5.93
N VAL A 26 3.22 1.53 7.04
CA VAL A 26 3.12 0.39 7.95
C VAL A 26 2.14 -0.65 7.40
N TYR A 27 2.40 -1.91 7.73
CA TYR A 27 1.54 -3.01 7.28
C TYR A 27 1.20 -3.95 8.44
N GLU A 28 -0.04 -3.86 8.91
CA GLU A 28 -0.49 -4.69 10.02
C GLU A 28 -1.71 -5.51 9.61
N CYS A 29 -1.73 -6.78 10.01
CA CYS A 29 -2.85 -7.67 9.69
C CYS A 29 -3.92 -7.59 10.76
N GLU A 30 -5.11 -7.16 10.36
CA GLU A 30 -6.24 -7.04 11.29
C GLU A 30 -6.99 -8.37 11.40
N ARG A 31 -7.60 -8.78 10.30
CA ARG A 31 -8.36 -10.03 10.27
C ARG A 31 -7.57 -11.12 9.55
N SER A 32 -7.44 -12.27 10.21
CA SER A 32 -6.71 -13.40 9.64
C SER A 32 -7.54 -14.68 9.72
N ASP A 33 -8.11 -15.08 8.59
CA ASP A 33 -8.92 -16.29 8.53
C ASP A 33 -8.30 -17.32 7.59
N VAL A 34 -8.09 -18.53 8.10
CA VAL A 34 -7.51 -19.60 7.31
C VAL A 34 -8.51 -20.73 7.09
N GLN A 35 -9.02 -20.83 5.86
CA GLN A 35 -9.99 -21.87 5.51
C GLN A 35 -9.55 -22.62 4.26
N ILE A 36 -8.98 -21.89 3.31
CA ILE A 36 -8.52 -22.50 2.06
C ILE A 36 -7.02 -22.26 1.86
N HIS A 37 -6.45 -22.98 0.90
CA HIS A 37 -5.03 -22.84 0.59
C HIS A 37 -4.57 -21.39 0.74
N VAL A 38 -5.32 -20.48 0.13
CA VAL A 38 -5.00 -19.06 0.18
C VAL A 38 -5.94 -18.32 1.14
N PRO A 39 -5.45 -18.06 2.35
CA PRO A 39 -6.23 -17.36 3.38
C PRO A 39 -6.44 -15.89 3.04
N THR A 40 -7.08 -15.16 3.95
CA THR A 40 -7.34 -13.74 3.74
C THR A 40 -6.75 -12.90 4.87
N PHE A 41 -5.77 -12.07 4.52
CA PHE A 41 -5.10 -11.21 5.50
C PHE A 41 -5.37 -9.74 5.20
N THR A 42 -6.09 -9.08 6.09
CA THR A 42 -6.42 -7.67 5.92
C THR A 42 -5.29 -6.79 6.45
N PHE A 43 -4.50 -6.24 5.53
CA PHE A 43 -3.39 -5.37 5.90
C PHE A 43 -3.82 -3.91 5.89
N ARG A 44 -3.35 -3.15 6.89
CA ARG A 44 -3.69 -1.74 6.99
C ARG A 44 -2.48 -0.86 6.69
N VAL A 45 -2.60 -0.03 5.67
CA VAL A 45 -1.51 0.86 5.28
C VAL A 45 -1.74 2.28 5.78
N THR A 46 -0.83 2.78 6.61
CA THR A 46 -0.94 4.12 7.16
C THR A 46 0.26 4.98 6.76
N VAL A 47 0.02 5.94 5.87
CA VAL A 47 1.08 6.83 5.41
C VAL A 47 0.74 8.28 5.72
N GLY A 48 1.39 8.83 6.74
CA GLY A 48 1.15 10.21 7.12
C GLY A 48 -0.25 10.43 7.64
N ASP A 49 -1.15 10.84 6.76
CA ASP A 49 -2.54 11.08 7.15
C ASP A 49 -3.48 10.11 6.44
N ILE A 50 -3.00 9.51 5.35
CA ILE A 50 -3.79 8.57 4.58
C ILE A 50 -3.67 7.16 5.17
N THR A 51 -4.82 6.53 5.41
CA THR A 51 -4.85 5.18 5.96
C THR A 51 -5.84 4.29 5.20
N CYS A 52 -5.31 3.30 4.50
CA CYS A 52 -6.14 2.38 3.74
C CYS A 52 -5.98 0.95 4.24
N THR A 53 -6.77 0.03 3.68
CA THR A 53 -6.71 -1.37 4.07
C THR A 53 -7.00 -2.29 2.88
N GLY A 54 -6.32 -3.43 2.85
CA GLY A 54 -6.51 -4.37 1.76
C GLY A 54 -7.00 -5.73 2.25
N GLU A 55 -8.26 -6.03 2.00
CA GLU A 55 -8.83 -7.31 2.42
C GLU A 55 -9.29 -8.12 1.21
N GLY A 56 -9.16 -9.45 1.32
CA GLY A 56 -9.55 -10.32 0.23
C GLY A 56 -8.65 -11.52 0.10
N THR A 57 -7.34 -11.29 0.15
CA THR A 57 -6.36 -12.37 0.04
C THR A 57 -5.27 -12.24 1.08
N SER A 58 -4.29 -13.14 1.03
CA SER A 58 -3.19 -13.13 1.99
C SER A 58 -2.08 -12.20 1.51
N LYS A 59 -1.00 -12.14 2.28
CA LYS A 59 0.14 -11.30 1.94
C LYS A 59 0.35 -11.25 0.43
N LYS A 60 -0.02 -12.34 -0.25
CA LYS A 60 0.13 -12.43 -1.69
C LYS A 60 -0.47 -11.21 -2.37
N LEU A 61 -1.79 -11.13 -2.37
CA LEU A 61 -2.50 -10.01 -3.00
C LEU A 61 -2.81 -8.92 -1.97
N ALA A 62 -3.45 -9.33 -0.87
CA ALA A 62 -3.80 -8.39 0.19
C ALA A 62 -2.78 -7.27 0.30
N LYS A 63 -1.50 -7.64 0.37
CA LYS A 63 -0.43 -6.67 0.48
C LYS A 63 -0.43 -5.72 -0.72
N HIS A 64 -0.42 -6.29 -1.92
CA HIS A 64 -0.42 -5.50 -3.15
C HIS A 64 -1.52 -4.45 -3.11
N ARG A 65 -2.69 -4.84 -2.61
CA ARG A 65 -3.83 -3.93 -2.53
C ARG A 65 -3.57 -2.84 -1.49
N ALA A 66 -3.16 -3.25 -0.30
CA ALA A 66 -2.89 -2.31 0.78
C ALA A 66 -1.99 -1.17 0.30
N ALA A 67 -0.86 -1.53 -0.31
CA ALA A 67 0.07 -0.54 -0.82
C ALA A 67 -0.51 0.20 -2.02
N GLU A 68 -1.22 -0.52 -2.88
CA GLU A 68 -1.82 0.06 -4.07
C GLU A 68 -2.73 1.23 -3.69
N ALA A 69 -3.61 1.00 -2.73
CA ALA A 69 -4.54 2.04 -2.28
C ALA A 69 -3.81 3.36 -2.04
N ALA A 70 -3.00 3.40 -0.98
CA ALA A 70 -2.24 4.59 -0.64
C ALA A 70 -1.80 5.34 -1.91
N ILE A 71 -0.88 4.73 -2.65
CA ILE A 71 -0.38 5.33 -3.88
C ILE A 71 -1.47 6.09 -4.61
N ASN A 72 -2.42 5.35 -5.17
CA ASN A 72 -3.53 5.97 -5.90
C ASN A 72 -3.93 7.29 -5.27
N ILE A 73 -3.95 7.32 -3.93
CA ILE A 73 -4.32 8.53 -3.21
C ILE A 73 -3.18 9.54 -3.21
N LEU A 74 -1.98 9.07 -2.91
CA LEU A 74 -0.80 9.94 -2.88
C LEU A 74 -0.69 10.77 -4.15
N LYS A 75 -1.30 10.26 -5.23
CA LYS A 75 -1.28 10.96 -6.51
C LYS A 75 -2.35 12.05 -6.55
N ALA A 76 -3.60 11.66 -6.45
CA ALA A 76 -4.71 12.60 -6.47
C ALA A 76 -4.62 13.57 -5.30
N ASN A 77 -4.67 13.03 -4.08
CA ASN A 77 -4.59 13.85 -2.88
C ASN A 77 -3.33 14.70 -2.87
N ALA A 78 -2.23 14.11 -3.37
CA ALA A 78 -0.96 14.81 -3.41
C ALA A 78 -0.40 15.04 -2.01
N SER A 79 -0.49 14.02 -1.17
CA SER A 79 0.01 14.12 0.20
C SER A 79 1.25 15.00 0.27
N GLY A 80 2.24 14.69 -0.56
CA GLY A 80 3.46 15.46 -0.58
C GLY A 80 3.62 16.29 -1.84
N PRO A 81 4.07 17.54 -1.68
CA PRO A 81 4.27 18.46 -2.81
C PRO A 81 5.43 18.04 -3.70
N SER A 82 5.63 18.79 -4.79
CA SER A 82 6.71 18.49 -5.72
C SER A 82 8.06 18.91 -5.15
N SER A 83 8.88 17.92 -4.80
CA SER A 83 10.20 18.20 -4.24
C SER A 83 10.95 19.24 -5.08
N GLY A 84 12.12 19.62 -4.61
CA GLY A 84 12.92 20.60 -5.33
C GLY A 84 12.73 22.00 -4.78
N GLY A 1 4.36 14.99 -13.96
CA GLY A 1 5.75 14.72 -14.29
C GLY A 1 5.91 13.96 -15.59
N SER A 2 6.37 12.71 -15.49
CA SER A 2 6.57 11.88 -16.67
C SER A 2 5.25 11.50 -17.30
N SER A 3 5.29 11.04 -18.54
CA SER A 3 4.09 10.64 -19.27
C SER A 3 4.12 9.15 -19.59
N GLY A 4 2.94 8.53 -19.55
CA GLY A 4 2.85 7.11 -19.85
C GLY A 4 2.72 6.26 -18.60
N SER A 5 3.15 5.00 -18.68
CA SER A 5 3.07 4.09 -17.55
C SER A 5 4.40 4.03 -16.81
N SER A 6 4.35 3.58 -15.56
CA SER A 6 5.56 3.48 -14.74
C SER A 6 6.09 2.04 -14.73
N GLY A 7 5.21 1.10 -14.37
CA GLY A 7 5.59 -0.30 -14.32
C GLY A 7 5.97 -0.74 -12.94
N LYS A 8 6.60 0.15 -12.18
CA LYS A 8 7.02 -0.16 -10.81
C LYS A 8 5.84 -0.68 -9.99
N THR A 9 6.11 -1.69 -9.17
CA THR A 9 5.08 -2.27 -8.32
C THR A 9 4.60 -1.29 -7.27
N PRO A 10 3.35 -1.47 -6.80
CA PRO A 10 2.75 -0.60 -5.78
C PRO A 10 3.39 -0.79 -4.41
N ILE A 11 4.21 -1.82 -4.28
CA ILE A 11 4.89 -2.10 -3.02
C ILE A 11 6.28 -1.48 -2.99
N GLN A 12 6.91 -1.39 -4.16
CA GLN A 12 8.25 -0.82 -4.27
C GLN A 12 8.17 0.70 -4.38
N VAL A 13 7.05 1.20 -4.88
CA VAL A 13 6.85 2.64 -5.03
C VAL A 13 6.43 3.28 -3.71
N LEU A 14 5.30 2.82 -3.17
CA LEU A 14 4.78 3.35 -1.92
C LEU A 14 5.89 3.44 -0.87
N HIS A 15 6.44 2.29 -0.50
CA HIS A 15 7.51 2.24 0.49
C HIS A 15 8.64 3.20 0.12
N GLU A 16 9.36 2.87 -0.94
CA GLU A 16 10.48 3.70 -1.39
C GLU A 16 10.13 5.18 -1.27
N TYR A 17 8.89 5.52 -1.61
CA TYR A 17 8.43 6.90 -1.54
C TYR A 17 8.39 7.39 -0.09
N GLY A 18 7.62 6.69 0.74
CA GLY A 18 7.50 7.06 2.13
C GLY A 18 8.81 7.56 2.72
N MET A 19 9.92 7.05 2.20
CA MET A 19 11.24 7.45 2.67
C MET A 19 11.45 8.94 2.49
N LYS A 20 11.14 9.44 1.30
CA LYS A 20 11.28 10.86 0.99
C LYS A 20 10.48 11.71 1.95
N THR A 21 9.23 11.31 2.20
CA THR A 21 8.35 12.03 3.10
C THR A 21 8.59 11.63 4.56
N LYS A 22 9.82 11.22 4.85
CA LYS A 22 10.18 10.81 6.20
C LYS A 22 9.06 10.02 6.86
N ASN A 23 8.24 9.37 6.03
CA ASN A 23 7.12 8.58 6.53
C ASN A 23 7.03 7.25 5.80
N ILE A 24 7.31 6.16 6.52
CA ILE A 24 7.25 4.83 5.94
C ILE A 24 5.87 4.20 6.13
N PRO A 25 5.37 3.54 5.08
CA PRO A 25 4.07 2.87 5.11
C PRO A 25 4.06 1.64 6.00
N VAL A 26 3.26 1.68 7.06
CA VAL A 26 3.15 0.57 7.99
C VAL A 26 2.16 -0.48 7.49
N TYR A 27 2.42 -1.74 7.82
CA TYR A 27 1.55 -2.83 7.40
C TYR A 27 1.26 -3.76 8.57
N GLU A 28 -0.02 -3.91 8.90
CA GLU A 28 -0.44 -4.76 10.00
C GLU A 28 -1.63 -5.64 9.58
N CYS A 29 -1.70 -6.84 10.16
CA CYS A 29 -2.77 -7.76 9.85
C CYS A 29 -3.87 -7.70 10.91
N GLU A 30 -5.09 -7.38 10.48
CA GLU A 30 -6.22 -7.28 11.40
C GLU A 30 -6.96 -8.60 11.49
N ARG A 31 -7.48 -9.06 10.35
CA ARG A 31 -8.22 -10.31 10.29
C ARG A 31 -7.47 -11.35 9.48
N SER A 32 -7.31 -12.54 10.06
CA SER A 32 -6.59 -13.63 9.39
C SER A 32 -7.36 -14.93 9.50
N ASP A 33 -8.09 -15.28 8.45
CA ASP A 33 -8.89 -16.51 8.42
C ASP A 33 -8.29 -17.52 7.44
N VAL A 34 -8.08 -18.73 7.93
CA VAL A 34 -7.51 -19.79 7.09
C VAL A 34 -8.51 -20.92 6.90
N GLN A 35 -9.10 -20.99 5.70
CA GLN A 35 -10.07 -22.03 5.38
C GLN A 35 -9.69 -22.74 4.09
N ILE A 36 -9.03 -22.04 3.19
CA ILE A 36 -8.61 -22.60 1.92
C ILE A 36 -7.13 -22.32 1.64
N HIS A 37 -6.61 -22.95 0.61
CA HIS A 37 -5.20 -22.77 0.24
C HIS A 37 -4.78 -21.32 0.42
N VAL A 38 -5.54 -20.40 -0.18
CA VAL A 38 -5.24 -18.98 -0.08
C VAL A 38 -6.16 -18.30 0.94
N PRO A 39 -5.63 -18.07 2.15
CA PRO A 39 -6.37 -17.43 3.23
C PRO A 39 -6.62 -15.94 2.96
N THR A 40 -7.25 -15.26 3.91
CA THR A 40 -7.56 -13.85 3.77
C THR A 40 -6.95 -13.04 4.91
N PHE A 41 -6.09 -12.09 4.56
CA PHE A 41 -5.43 -11.24 5.55
C PHE A 41 -5.71 -9.77 5.27
N THR A 42 -6.15 -9.04 6.30
CA THR A 42 -6.44 -7.62 6.16
C THR A 42 -5.22 -6.78 6.52
N PHE A 43 -4.49 -6.34 5.49
CA PHE A 43 -3.31 -5.52 5.69
C PHE A 43 -3.65 -4.03 5.59
N ARG A 44 -3.42 -3.30 6.67
CA ARG A 44 -3.70 -1.87 6.69
C ARG A 44 -2.44 -1.06 6.36
N VAL A 45 -2.64 0.09 5.73
CA VAL A 45 -1.53 0.96 5.35
C VAL A 45 -1.76 2.39 5.83
N THR A 46 -0.84 2.89 6.64
CA THR A 46 -0.95 4.25 7.17
C THR A 46 0.25 5.10 6.75
N VAL A 47 0.01 6.10 5.91
CA VAL A 47 1.08 6.98 5.44
C VAL A 47 0.75 8.43 5.73
N GLY A 48 1.39 8.98 6.77
CA GLY A 48 1.15 10.36 7.14
C GLY A 48 -0.26 10.59 7.65
N ASP A 49 -1.17 10.93 6.75
CA ASP A 49 -2.55 11.18 7.12
C ASP A 49 -3.49 10.20 6.41
N ILE A 50 -3.03 9.65 5.30
CA ILE A 50 -3.82 8.70 4.53
C ILE A 50 -3.73 7.30 5.13
N THR A 51 -4.87 6.68 5.35
CA THR A 51 -4.92 5.33 5.91
C THR A 51 -5.95 4.47 5.19
N CYS A 52 -5.49 3.39 4.57
CA CYS A 52 -6.37 2.48 3.85
C CYS A 52 -6.14 1.04 4.29
N THR A 53 -6.94 0.12 3.74
CA THR A 53 -6.83 -1.29 4.08
C THR A 53 -6.98 -2.16 2.84
N GLY A 54 -6.37 -3.34 2.89
CA GLY A 54 -6.44 -4.26 1.76
C GLY A 54 -6.95 -5.63 2.16
N GLU A 55 -8.26 -5.76 2.31
CA GLU A 55 -8.86 -7.03 2.70
C GLU A 55 -9.36 -7.79 1.47
N GLY A 56 -9.28 -9.11 1.53
CA GLY A 56 -9.72 -9.94 0.41
C GLY A 56 -8.87 -11.18 0.24
N THR A 57 -7.55 -11.01 0.28
CA THR A 57 -6.63 -12.13 0.12
C THR A 57 -5.52 -12.08 1.16
N SER A 58 -4.60 -13.03 1.08
CA SER A 58 -3.48 -13.10 2.02
C SER A 58 -2.33 -12.21 1.55
N LYS A 59 -1.25 -12.21 2.33
CA LYS A 59 -0.07 -11.41 2.00
C LYS A 59 0.14 -11.35 0.49
N LYS A 60 -0.27 -12.41 -0.21
CA LYS A 60 -0.13 -12.48 -1.65
C LYS A 60 -0.69 -11.23 -2.32
N LEU A 61 -2.02 -11.11 -2.31
CA LEU A 61 -2.68 -9.96 -2.92
C LEU A 61 -2.95 -8.88 -1.88
N ALA A 62 -3.59 -9.27 -0.78
CA ALA A 62 -3.90 -8.33 0.29
C ALA A 62 -2.85 -7.24 0.38
N LYS A 63 -1.58 -7.64 0.44
CA LYS A 63 -0.48 -6.69 0.54
C LYS A 63 -0.48 -5.72 -0.65
N HIS A 64 -0.44 -6.27 -1.86
CA HIS A 64 -0.44 -5.47 -3.07
C HIS A 64 -1.53 -4.40 -3.00
N ARG A 65 -2.72 -4.80 -2.58
CA ARG A 65 -3.85 -3.87 -2.47
C ARG A 65 -3.58 -2.83 -1.39
N ALA A 66 -3.08 -3.27 -0.25
CA ALA A 66 -2.78 -2.37 0.85
C ALA A 66 -1.91 -1.20 0.40
N ALA A 67 -0.83 -1.52 -0.30
CA ALA A 67 0.09 -0.50 -0.80
C ALA A 67 -0.52 0.25 -1.98
N GLU A 68 -1.25 -0.47 -2.83
CA GLU A 68 -1.89 0.12 -3.99
C GLU A 68 -2.78 1.28 -3.59
N ALA A 69 -3.65 1.05 -2.62
CA ALA A 69 -4.57 2.07 -2.13
C ALA A 69 -3.84 3.39 -1.90
N ALA A 70 -3.04 3.43 -0.85
CA ALA A 70 -2.28 4.63 -0.50
C ALA A 70 -1.80 5.34 -1.76
N ILE A 71 -0.92 4.68 -2.51
CA ILE A 71 -0.38 5.25 -3.74
C ILE A 71 -1.45 6.00 -4.52
N ASN A 72 -2.39 5.24 -5.08
CA ASN A 72 -3.47 5.82 -5.87
C ASN A 72 -3.91 7.16 -5.27
N ILE A 73 -3.85 7.26 -3.95
CA ILE A 73 -4.23 8.50 -3.26
C ILE A 73 -3.09 9.50 -3.24
N LEU A 74 -1.88 9.00 -2.98
CA LEU A 74 -0.70 9.85 -2.94
C LEU A 74 -0.56 10.66 -4.22
N LYS A 75 -1.00 10.07 -5.33
CA LYS A 75 -0.93 10.74 -6.63
C LYS A 75 -1.98 11.85 -6.73
N ALA A 76 -3.24 11.49 -6.54
CA ALA A 76 -4.33 12.45 -6.61
C ALA A 76 -4.22 13.48 -5.49
N ASN A 77 -4.24 13.01 -4.25
CA ASN A 77 -4.14 13.89 -3.10
C ASN A 77 -2.80 14.62 -3.07
N ALA A 78 -1.81 14.03 -3.72
CA ALA A 78 -0.48 14.62 -3.79
C ALA A 78 0.12 14.78 -2.39
N SER A 79 0.02 13.72 -1.58
CA SER A 79 0.54 13.74 -0.23
C SER A 79 1.82 14.58 -0.15
N GLY A 80 1.76 15.69 0.58
CA GLY A 80 2.92 16.55 0.72
C GLY A 80 3.11 17.04 2.14
N PRO A 81 4.35 17.44 2.48
CA PRO A 81 4.69 17.93 3.81
C PRO A 81 4.07 19.30 4.10
N SER A 82 3.37 19.41 5.22
CA SER A 82 2.72 20.65 5.61
C SER A 82 3.76 21.75 5.84
N SER A 83 4.77 21.45 6.66
CA SER A 83 5.82 22.41 6.96
C SER A 83 7.02 22.21 6.04
N GLY A 84 7.66 23.31 5.66
CA GLY A 84 8.81 23.23 4.78
C GLY A 84 9.24 24.60 4.27
N GLY A 1 0.60 5.60 -26.77
CA GLY A 1 0.47 5.38 -25.34
C GLY A 1 0.56 6.66 -24.54
N SER A 2 -0.59 7.16 -24.09
CA SER A 2 -0.64 8.39 -23.32
C SER A 2 0.52 8.46 -22.33
N SER A 3 0.76 7.36 -21.63
CA SER A 3 1.83 7.29 -20.64
C SER A 3 2.33 5.86 -20.48
N GLY A 4 3.64 5.68 -20.54
CA GLY A 4 4.22 4.36 -20.39
C GLY A 4 5.53 4.38 -19.63
N SER A 5 5.63 3.54 -18.60
CA SER A 5 6.83 3.47 -17.78
C SER A 5 7.27 2.02 -17.60
N SER A 6 8.42 1.84 -16.95
CA SER A 6 8.96 0.51 -16.69
C SER A 6 7.89 -0.40 -16.09
N GLY A 7 7.24 0.08 -15.04
CA GLY A 7 6.20 -0.70 -14.38
C GLY A 7 6.58 -1.08 -12.96
N LYS A 8 6.79 -0.07 -12.12
CA LYS A 8 7.16 -0.30 -10.73
C LYS A 8 5.96 -0.82 -9.93
N THR A 9 6.22 -1.79 -9.06
CA THR A 9 5.17 -2.38 -8.24
C THR A 9 4.66 -1.38 -7.21
N PRO A 10 3.40 -1.56 -6.77
CA PRO A 10 2.77 -0.69 -5.78
C PRO A 10 3.38 -0.85 -4.39
N ILE A 11 4.13 -1.93 -4.21
CA ILE A 11 4.77 -2.21 -2.92
C ILE A 11 6.13 -1.53 -2.84
N GLN A 12 6.82 -1.44 -3.97
CA GLN A 12 8.14 -0.81 -4.03
C GLN A 12 8.01 0.71 -4.05
N VAL A 13 7.14 1.22 -4.91
CA VAL A 13 6.93 2.65 -5.03
C VAL A 13 6.49 3.26 -3.70
N LEU A 14 5.31 2.87 -3.23
CA LEU A 14 4.79 3.38 -1.97
C LEU A 14 5.89 3.43 -0.90
N HIS A 15 6.38 2.27 -0.51
CA HIS A 15 7.43 2.20 0.50
C HIS A 15 8.59 3.13 0.14
N GLU A 16 9.37 2.74 -0.87
CA GLU A 16 10.51 3.54 -1.30
C GLU A 16 10.20 5.03 -1.19
N TYR A 17 8.99 5.40 -1.56
CA TYR A 17 8.56 6.80 -1.51
C TYR A 17 8.48 7.29 -0.06
N GLY A 18 7.76 6.53 0.77
CA GLY A 18 7.62 6.89 2.17
C GLY A 18 8.85 7.58 2.72
N MET A 19 10.01 6.96 2.50
CA MET A 19 11.27 7.52 2.99
C MET A 19 11.38 9.00 2.66
N LYS A 20 11.12 9.34 1.41
CA LYS A 20 11.19 10.72 0.96
C LYS A 20 10.46 11.65 1.93
N THR A 21 9.22 11.29 2.26
CA THR A 21 8.42 12.09 3.18
C THR A 21 8.67 11.67 4.62
N LYS A 22 9.85 11.12 4.88
CA LYS A 22 10.22 10.68 6.22
C LYS A 22 9.07 9.90 6.88
N ASN A 23 8.30 9.20 6.06
CA ASN A 23 7.18 8.42 6.55
C ASN A 23 7.06 7.09 5.81
N ILE A 24 7.30 6.00 6.53
CA ILE A 24 7.22 4.67 5.94
C ILE A 24 5.84 4.06 6.12
N PRO A 25 5.32 3.43 5.06
CA PRO A 25 4.00 2.78 5.09
C PRO A 25 3.97 1.54 5.97
N VAL A 26 3.17 1.59 7.03
CA VAL A 26 3.06 0.47 7.96
C VAL A 26 2.09 -0.58 7.43
N TYR A 27 2.36 -1.84 7.76
CA TYR A 27 1.52 -2.94 7.31
C TYR A 27 1.17 -3.88 8.47
N GLU A 28 -0.07 -3.80 8.94
CA GLU A 28 -0.51 -4.64 10.05
C GLU A 28 -1.73 -5.47 9.64
N CYS A 29 -1.72 -6.73 10.02
CA CYS A 29 -2.82 -7.64 9.70
C CYS A 29 -3.91 -7.57 10.75
N GLU A 30 -5.07 -7.04 10.37
CA GLU A 30 -6.20 -6.91 11.29
C GLU A 30 -6.94 -8.23 11.43
N ARG A 31 -7.60 -8.64 10.36
CA ARG A 31 -8.36 -9.89 10.36
C ARG A 31 -7.59 -11.00 9.64
N SER A 32 -7.40 -12.12 10.32
CA SER A 32 -6.67 -13.24 9.74
C SER A 32 -7.52 -14.51 9.76
N ASP A 33 -8.13 -14.82 8.62
CA ASP A 33 -8.98 -16.00 8.50
C ASP A 33 -8.31 -17.06 7.63
N VAL A 34 -8.11 -18.24 8.21
CA VAL A 34 -7.47 -19.34 7.49
C VAL A 34 -8.44 -20.51 7.33
N GLN A 35 -8.90 -20.71 6.09
CA GLN A 35 -9.83 -21.80 5.79
C GLN A 35 -9.33 -22.64 4.62
N ILE A 36 -8.92 -21.97 3.54
CA ILE A 36 -8.43 -22.64 2.36
C ILE A 36 -6.92 -22.43 2.19
N HIS A 37 -6.36 -22.99 1.12
CA HIS A 37 -4.93 -22.85 0.84
C HIS A 37 -4.50 -21.39 0.98
N VAL A 38 -5.22 -20.50 0.32
CA VAL A 38 -4.90 -19.08 0.37
C VAL A 38 -5.85 -18.34 1.31
N PRO A 39 -5.37 -18.06 2.53
CA PRO A 39 -6.15 -17.35 3.55
C PRO A 39 -6.37 -15.88 3.20
N THR A 40 -7.08 -15.18 4.07
CA THR A 40 -7.36 -13.77 3.85
C THR A 40 -6.72 -12.90 4.93
N PHE A 41 -5.76 -12.07 4.54
CA PHE A 41 -5.08 -11.20 5.47
C PHE A 41 -5.36 -9.74 5.16
N THR A 42 -5.97 -9.04 6.12
CA THR A 42 -6.31 -7.63 5.95
C THR A 42 -5.19 -6.73 6.46
N PHE A 43 -4.36 -6.25 5.53
CA PHE A 43 -3.24 -5.37 5.89
C PHE A 43 -3.65 -3.91 5.79
N ARG A 44 -3.38 -3.15 6.84
CA ARG A 44 -3.71 -1.74 6.88
C ARG A 44 -2.49 -0.88 6.57
N VAL A 45 -2.62 0.00 5.58
CA VAL A 45 -1.52 0.88 5.19
C VAL A 45 -1.75 2.29 5.70
N THR A 46 -0.82 2.77 6.55
CA THR A 46 -0.93 4.11 7.11
C THR A 46 0.27 4.97 6.69
N VAL A 47 0.00 6.00 5.90
CA VAL A 47 1.05 6.90 5.44
C VAL A 47 0.71 8.35 5.75
N GLY A 48 1.40 8.92 6.72
CA GLY A 48 1.16 10.31 7.11
C GLY A 48 -0.23 10.51 7.66
N ASP A 49 -1.19 10.75 6.77
CA ASP A 49 -2.58 10.96 7.18
C ASP A 49 -3.51 9.99 6.46
N ILE A 50 -3.00 9.34 5.42
CA ILE A 50 -3.79 8.38 4.66
C ILE A 50 -3.77 7.00 5.32
N THR A 51 -4.94 6.35 5.35
CA THR A 51 -5.05 5.03 5.96
C THR A 51 -5.99 4.14 5.15
N CYS A 52 -5.42 3.11 4.53
CA CYS A 52 -6.20 2.18 3.72
C CYS A 52 -6.01 0.74 4.21
N THR A 53 -6.74 -0.19 3.59
CA THR A 53 -6.66 -1.60 3.96
C THR A 53 -6.99 -2.49 2.78
N GLY A 54 -6.27 -3.61 2.66
CA GLY A 54 -6.51 -4.53 1.57
C GLY A 54 -6.98 -5.90 2.06
N GLU A 55 -8.28 -6.15 1.93
CA GLU A 55 -8.85 -7.42 2.37
C GLU A 55 -9.30 -8.24 1.17
N GLY A 56 -9.15 -9.56 1.27
CA GLY A 56 -9.54 -10.45 0.19
C GLY A 56 -8.61 -11.63 0.04
N THR A 57 -7.31 -11.37 0.09
CA THR A 57 -6.32 -12.43 -0.04
C THR A 57 -5.21 -12.29 1.01
N SER A 58 -4.23 -13.18 0.96
CA SER A 58 -3.12 -13.16 1.91
C SER A 58 -2.02 -12.21 1.43
N LYS A 59 -0.94 -12.14 2.21
CA LYS A 59 0.18 -11.28 1.87
C LYS A 59 0.40 -11.23 0.35
N LYS A 60 0.03 -12.31 -0.33
CA LYS A 60 0.18 -12.40 -1.77
C LYS A 60 -0.45 -11.18 -2.45
N LEU A 61 -1.78 -11.13 -2.46
CA LEU A 61 -2.50 -10.02 -3.07
C LEU A 61 -2.83 -8.94 -2.04
N ALA A 62 -3.45 -9.36 -0.94
CA ALA A 62 -3.81 -8.43 0.12
C ALA A 62 -2.80 -7.29 0.23
N LYS A 63 -1.53 -7.65 0.35
CA LYS A 63 -0.46 -6.66 0.47
C LYS A 63 -0.47 -5.72 -0.74
N HIS A 64 -0.46 -6.29 -1.93
CA HIS A 64 -0.46 -5.49 -3.15
C HIS A 64 -1.57 -4.45 -3.12
N ARG A 65 -2.73 -4.84 -2.62
CA ARG A 65 -3.87 -3.94 -2.52
C ARG A 65 -3.61 -2.83 -1.50
N ALA A 66 -3.16 -3.22 -0.32
CA ALA A 66 -2.86 -2.27 0.74
C ALA A 66 -1.97 -1.14 0.23
N ALA A 67 -0.85 -1.51 -0.38
CA ALA A 67 0.08 -0.53 -0.91
C ALA A 67 -0.51 0.21 -2.10
N GLU A 68 -1.22 -0.53 -2.96
CA GLU A 68 -1.84 0.06 -4.14
C GLU A 68 -2.74 1.23 -3.77
N ALA A 69 -3.64 1.00 -2.81
CA ALA A 69 -4.55 2.03 -2.36
C ALA A 69 -3.82 3.34 -2.08
N ALA A 70 -3.03 3.35 -1.00
CA ALA A 70 -2.27 4.54 -0.63
C ALA A 70 -1.80 5.31 -1.87
N ILE A 71 -0.91 4.69 -2.63
CA ILE A 71 -0.37 5.31 -3.84
C ILE A 71 -1.45 6.10 -4.56
N ASN A 72 -2.42 5.39 -5.14
CA ASN A 72 -3.51 6.03 -5.86
C ASN A 72 -3.95 7.31 -5.17
N ILE A 73 -3.92 7.30 -3.84
CA ILE A 73 -4.32 8.46 -3.06
C ILE A 73 -3.18 9.48 -2.98
N LEU A 74 -1.95 8.98 -2.87
CA LEU A 74 -0.78 9.85 -2.79
C LEU A 74 -0.66 10.72 -4.03
N LYS A 75 -1.19 10.23 -5.14
CA LYS A 75 -1.15 10.97 -6.41
C LYS A 75 -2.19 12.08 -6.42
N ALA A 76 -3.46 11.71 -6.32
CA ALA A 76 -4.55 12.67 -6.33
C ALA A 76 -4.51 13.53 -5.07
N ASN A 77 -4.64 12.89 -3.91
CA ASN A 77 -4.62 13.60 -2.64
C ASN A 77 -3.37 14.46 -2.51
N ALA A 78 -2.23 13.89 -2.88
CA ALA A 78 -0.96 14.61 -2.80
C ALA A 78 -0.67 15.06 -1.37
N SER A 79 -0.71 14.12 -0.44
CA SER A 79 -0.46 14.41 0.96
C SER A 79 0.60 15.52 1.10
N GLY A 80 0.39 16.43 2.04
CA GLY A 80 1.32 17.51 2.26
C GLY A 80 0.73 18.63 3.09
N PRO A 81 1.32 19.83 2.96
CA PRO A 81 0.85 21.02 3.71
C PRO A 81 -0.50 21.52 3.20
N SER A 82 -1.29 22.08 4.12
CA SER A 82 -2.60 22.59 3.78
C SER A 82 -2.70 24.08 4.10
N SER A 83 -2.64 24.91 3.06
CA SER A 83 -2.72 26.36 3.22
C SER A 83 -3.86 26.94 2.40
N GLY A 84 -4.10 28.23 2.57
CA GLY A 84 -5.17 28.89 1.83
C GLY A 84 -4.96 28.83 0.33
N GLY A 1 -6.49 -0.54 -23.57
CA GLY A 1 -5.15 -0.93 -23.21
C GLY A 1 -4.20 0.25 -23.14
N SER A 2 -3.67 0.51 -21.95
CA SER A 2 -2.75 1.63 -21.74
C SER A 2 -1.34 1.26 -22.21
N SER A 3 -0.51 2.28 -22.42
CA SER A 3 0.85 2.06 -22.87
C SER A 3 1.83 2.16 -21.70
N GLY A 4 2.97 1.48 -21.83
CA GLY A 4 3.96 1.50 -20.78
C GLY A 4 4.66 0.17 -20.61
N SER A 5 5.98 0.16 -20.77
CA SER A 5 6.77 -1.05 -20.65
C SER A 5 7.22 -1.27 -19.20
N SER A 6 7.91 -0.27 -18.65
CA SER A 6 8.40 -0.35 -17.29
C SER A 6 7.30 0.04 -16.29
N GLY A 7 7.00 -0.87 -15.38
CA GLY A 7 5.97 -0.61 -14.39
C GLY A 7 6.37 -1.06 -13.00
N LYS A 8 6.72 -0.10 -12.14
CA LYS A 8 7.13 -0.40 -10.78
C LYS A 8 5.96 -0.90 -9.96
N THR A 9 6.21 -1.89 -9.11
CA THR A 9 5.17 -2.46 -8.27
C THR A 9 4.69 -1.45 -7.24
N PRO A 10 3.44 -1.63 -6.77
CA PRO A 10 2.83 -0.74 -5.77
C PRO A 10 3.46 -0.91 -4.40
N ILE A 11 4.24 -1.97 -4.23
CA ILE A 11 4.91 -2.24 -2.96
C ILE A 11 6.29 -1.61 -2.92
N GLN A 12 6.94 -1.57 -4.08
CA GLN A 12 8.28 -1.00 -4.19
C GLN A 12 8.22 0.52 -4.29
N VAL A 13 7.13 1.02 -4.86
CA VAL A 13 6.95 2.46 -5.02
C VAL A 13 6.52 3.12 -3.71
N LEU A 14 5.34 2.74 -3.23
CA LEU A 14 4.81 3.29 -1.98
C LEU A 14 5.91 3.37 -0.91
N HIS A 15 6.41 2.20 -0.52
CA HIS A 15 7.46 2.14 0.50
C HIS A 15 8.60 3.10 0.17
N GLU A 16 9.37 2.76 -0.86
CA GLU A 16 10.49 3.59 -1.28
C GLU A 16 10.15 5.08 -1.14
N TYR A 17 8.95 5.44 -1.59
CA TYR A 17 8.50 6.82 -1.53
C TYR A 17 8.43 7.31 -0.09
N GLY A 18 7.66 6.62 0.73
CA GLY A 18 7.53 6.99 2.13
C GLY A 18 8.81 7.55 2.70
N MET A 19 9.93 6.93 2.36
CA MET A 19 11.23 7.37 2.84
C MET A 19 11.42 8.87 2.60
N LYS A 20 11.13 9.31 1.39
CA LYS A 20 11.27 10.71 1.03
C LYS A 20 10.47 11.60 1.98
N THR A 21 9.23 11.19 2.25
CA THR A 21 8.37 11.95 3.15
C THR A 21 8.58 11.53 4.61
N LYS A 22 9.81 11.14 4.93
CA LYS A 22 10.14 10.72 6.29
C LYS A 22 8.99 9.94 6.91
N ASN A 23 8.22 9.26 6.07
CA ASN A 23 7.09 8.47 6.54
C ASN A 23 6.99 7.15 5.77
N ILE A 24 7.24 6.05 6.47
CA ILE A 24 7.18 4.72 5.85
C ILE A 24 5.80 4.10 6.05
N PRO A 25 5.30 3.45 4.99
CA PRO A 25 3.99 2.78 5.02
C PRO A 25 3.99 1.55 5.90
N VAL A 26 3.22 1.60 6.99
CA VAL A 26 3.13 0.48 7.93
C VAL A 26 2.13 -0.55 7.44
N TYR A 27 2.38 -1.82 7.77
CA TYR A 27 1.50 -2.91 7.36
C TYR A 27 1.18 -3.82 8.54
N GLU A 28 -0.09 -3.87 8.92
CA GLU A 28 -0.52 -4.71 10.02
C GLU A 28 -1.71 -5.58 9.62
N CYS A 29 -1.74 -6.80 10.11
CA CYS A 29 -2.82 -7.73 9.81
C CYS A 29 -3.94 -7.62 10.85
N GLU A 30 -5.14 -7.29 10.39
CA GLU A 30 -6.29 -7.15 11.28
C GLU A 30 -7.06 -8.46 11.37
N ARG A 31 -7.51 -8.96 10.23
CA ARG A 31 -8.27 -10.20 10.18
C ARG A 31 -7.49 -11.28 9.43
N SER A 32 -7.37 -12.46 10.05
CA SER A 32 -6.64 -13.57 9.44
C SER A 32 -7.45 -14.87 9.56
N ASP A 33 -8.20 -15.18 8.50
CA ASP A 33 -9.01 -16.39 8.48
C ASP A 33 -8.38 -17.45 7.58
N VAL A 34 -8.22 -18.66 8.13
CA VAL A 34 -7.63 -19.76 7.38
C VAL A 34 -8.63 -20.89 7.20
N GLN A 35 -9.18 -21.00 6.00
CA GLN A 35 -10.16 -22.04 5.69
C GLN A 35 -9.75 -22.82 4.45
N ILE A 36 -9.12 -22.13 3.50
CA ILE A 36 -8.67 -22.75 2.27
C ILE A 36 -7.17 -22.53 2.04
N HIS A 37 -6.65 -23.11 0.97
CA HIS A 37 -5.24 -22.97 0.64
C HIS A 37 -4.79 -21.52 0.79
N VAL A 38 -5.48 -20.62 0.13
CA VAL A 38 -5.16 -19.20 0.19
C VAL A 38 -6.08 -18.46 1.15
N PRO A 39 -5.59 -18.21 2.36
CA PRO A 39 -6.35 -17.50 3.40
C PRO A 39 -6.56 -16.03 3.07
N THR A 40 -7.13 -15.29 4.01
CA THR A 40 -7.38 -13.86 3.82
C THR A 40 -6.74 -13.04 4.93
N PHE A 41 -5.96 -12.04 4.55
CA PHE A 41 -5.30 -11.16 5.51
C PHE A 41 -5.56 -9.70 5.20
N THR A 42 -6.03 -8.96 6.20
CA THR A 42 -6.32 -7.55 6.03
C THR A 42 -5.14 -6.68 6.46
N PHE A 43 -4.47 -6.07 5.48
CA PHE A 43 -3.33 -5.22 5.76
C PHE A 43 -3.72 -3.75 5.74
N ARG A 44 -3.44 -3.05 6.83
CA ARG A 44 -3.78 -1.63 6.94
C ARG A 44 -2.54 -0.77 6.67
N VAL A 45 -2.63 0.07 5.64
CA VAL A 45 -1.52 0.95 5.28
C VAL A 45 -1.76 2.37 5.78
N THR A 46 -0.84 2.86 6.60
CA THR A 46 -0.96 4.21 7.15
C THR A 46 0.24 5.07 6.76
N VAL A 47 0.03 6.02 5.86
CA VAL A 47 1.08 6.90 5.41
C VAL A 47 0.76 8.36 5.74
N GLY A 48 1.41 8.87 6.77
CA GLY A 48 1.18 10.25 7.18
C GLY A 48 -0.22 10.47 7.70
N ASP A 49 -1.13 10.85 6.82
CA ASP A 49 -2.52 11.10 7.21
C ASP A 49 -3.46 10.13 6.50
N ILE A 50 -3.01 9.58 5.38
CA ILE A 50 -3.81 8.64 4.61
C ILE A 50 -3.71 7.23 5.19
N THR A 51 -4.86 6.61 5.43
CA THR A 51 -4.90 5.27 5.99
C THR A 51 -5.89 4.39 5.23
N CYS A 52 -5.39 3.33 4.62
CA CYS A 52 -6.22 2.41 3.86
C CYS A 52 -6.02 0.97 4.33
N THR A 53 -6.84 0.07 3.80
CA THR A 53 -6.76 -1.35 4.17
C THR A 53 -6.99 -2.25 2.97
N GLY A 54 -6.28 -3.37 2.91
CA GLY A 54 -6.43 -4.29 1.81
C GLY A 54 -6.88 -5.67 2.27
N GLU A 55 -8.19 -5.91 2.22
CA GLU A 55 -8.74 -7.19 2.63
C GLU A 55 -9.23 -7.99 1.42
N GLY A 56 -9.11 -9.32 1.50
CA GLY A 56 -9.55 -10.17 0.41
C GLY A 56 -8.66 -11.38 0.23
N THR A 57 -7.36 -11.16 0.26
CA THR A 57 -6.39 -12.25 0.10
C THR A 57 -5.27 -12.15 1.13
N SER A 58 -4.31 -13.07 1.04
CA SER A 58 -3.19 -13.09 1.97
C SER A 58 -2.07 -12.17 1.49
N LYS A 59 -1.00 -12.10 2.27
CA LYS A 59 0.14 -11.25 1.92
C LYS A 59 0.34 -11.20 0.41
N LYS A 60 0.01 -12.30 -0.26
CA LYS A 60 0.15 -12.38 -1.71
C LYS A 60 -0.47 -11.15 -2.38
N LEU A 61 -1.79 -11.10 -2.37
CA LEU A 61 -2.52 -9.98 -2.99
C LEU A 61 -2.82 -8.90 -1.95
N ALA A 62 -3.43 -9.30 -0.84
CA ALA A 62 -3.77 -8.37 0.23
C ALA A 62 -2.75 -7.24 0.31
N LYS A 63 -1.48 -7.61 0.41
CA LYS A 63 -0.41 -6.62 0.51
C LYS A 63 -0.41 -5.69 -0.70
N HIS A 64 -0.35 -6.28 -1.89
CA HIS A 64 -0.35 -5.49 -3.12
C HIS A 64 -1.44 -4.42 -3.09
N ARG A 65 -2.65 -4.82 -2.69
CA ARG A 65 -3.77 -3.89 -2.61
C ARG A 65 -3.51 -2.81 -1.57
N ALA A 66 -3.11 -3.24 -0.37
CA ALA A 66 -2.82 -2.31 0.71
C ALA A 66 -1.94 -1.16 0.23
N ALA A 67 -0.85 -1.49 -0.44
CA ALA A 67 0.08 -0.49 -0.95
C ALA A 67 -0.53 0.25 -2.14
N GLU A 68 -1.32 -0.46 -2.94
CA GLU A 68 -1.96 0.15 -4.10
C GLU A 68 -2.86 1.32 -3.70
N ALA A 69 -3.68 1.10 -2.68
CA ALA A 69 -4.59 2.13 -2.19
C ALA A 69 -3.84 3.43 -1.94
N ALA A 70 -2.96 3.42 -0.95
CA ALA A 70 -2.18 4.61 -0.60
C ALA A 70 -1.74 5.35 -1.85
N ILE A 71 -0.86 4.73 -2.63
CA ILE A 71 -0.36 5.34 -3.85
C ILE A 71 -1.45 6.13 -4.56
N ASN A 72 -2.44 5.41 -5.10
CA ASN A 72 -3.54 6.04 -5.81
C ASN A 72 -3.97 7.32 -5.11
N ILE A 73 -3.95 7.31 -3.78
CA ILE A 73 -4.33 8.47 -2.99
C ILE A 73 -3.21 9.50 -2.94
N LEU A 74 -1.98 9.01 -2.91
CA LEU A 74 -0.81 9.90 -2.86
C LEU A 74 -0.70 10.73 -4.14
N LYS A 75 -1.22 10.18 -5.23
CA LYS A 75 -1.18 10.88 -6.52
C LYS A 75 -2.28 11.92 -6.60
N ALA A 76 -3.53 11.47 -6.54
CA ALA A 76 -4.67 12.38 -6.61
C ALA A 76 -4.66 13.37 -5.45
N ASN A 77 -4.70 12.85 -4.23
CA ASN A 77 -4.69 13.69 -3.04
C ASN A 77 -3.45 14.58 -3.01
N ALA A 78 -2.30 14.00 -3.34
CA ALA A 78 -1.05 14.73 -3.35
C ALA A 78 -0.60 15.08 -1.94
N SER A 79 -0.52 14.07 -1.08
CA SER A 79 -0.11 14.28 0.30
C SER A 79 1.07 15.24 0.39
N GLY A 80 1.86 15.28 -0.69
CA GLY A 80 3.01 16.16 -0.72
C GLY A 80 2.85 17.29 -1.71
N PRO A 81 3.98 17.87 -2.15
CA PRO A 81 3.99 18.98 -3.11
C PRO A 81 3.57 18.53 -4.51
N SER A 82 2.45 19.06 -4.98
CA SER A 82 1.95 18.72 -6.30
C SER A 82 2.69 19.47 -7.39
N SER A 83 2.52 19.04 -8.63
CA SER A 83 3.19 19.66 -9.76
C SER A 83 2.47 19.34 -11.07
N GLY A 84 2.46 20.30 -11.99
CA GLY A 84 1.80 20.09 -13.26
C GLY A 84 2.01 21.25 -14.23
N GLY A 1 13.98 -15.04 -18.51
CA GLY A 1 14.31 -14.34 -19.73
C GLY A 1 13.30 -13.27 -20.07
N SER A 2 13.60 -12.03 -19.69
CA SER A 2 12.70 -10.91 -19.95
C SER A 2 13.47 -9.70 -20.48
N SER A 3 12.76 -8.78 -21.10
CA SER A 3 13.38 -7.58 -21.66
C SER A 3 12.36 -6.44 -21.77
N GLY A 4 12.75 -5.27 -21.30
CA GLY A 4 11.86 -4.12 -21.35
C GLY A 4 10.79 -4.16 -20.28
N SER A 5 11.19 -4.47 -19.06
CA SER A 5 10.25 -4.55 -17.94
C SER A 5 9.97 -3.17 -17.36
N SER A 6 9.03 -2.45 -17.98
CA SER A 6 8.68 -1.11 -17.52
C SER A 6 7.41 -1.14 -16.67
N GLY A 7 7.60 -1.14 -15.35
CA GLY A 7 6.46 -1.17 -14.44
C GLY A 7 6.87 -1.53 -13.03
N LYS A 8 7.06 -0.52 -12.20
CA LYS A 8 7.46 -0.74 -10.81
C LYS A 8 6.26 -1.16 -9.97
N THR A 9 6.47 -2.14 -9.09
CA THR A 9 5.41 -2.63 -8.22
C THR A 9 4.96 -1.57 -7.23
N PRO A 10 3.71 -1.69 -6.75
CA PRO A 10 3.14 -0.75 -5.79
C PRO A 10 3.78 -0.85 -4.42
N ILE A 11 4.36 -2.01 -4.12
CA ILE A 11 5.01 -2.24 -2.84
C ILE A 11 6.41 -1.62 -2.82
N GLN A 12 7.05 -1.59 -3.97
CA GLN A 12 8.39 -1.02 -4.08
C GLN A 12 8.33 0.50 -4.21
N VAL A 13 7.27 0.99 -4.84
CA VAL A 13 7.09 2.43 -5.03
C VAL A 13 6.61 3.09 -3.75
N LEU A 14 5.44 2.67 -3.27
CA LEU A 14 4.86 3.22 -2.05
C LEU A 14 5.92 3.32 -0.94
N HIS A 15 6.49 2.18 -0.58
CA HIS A 15 7.50 2.13 0.46
C HIS A 15 8.64 3.10 0.15
N GLU A 16 9.37 2.81 -0.92
CA GLU A 16 10.50 3.64 -1.32
C GLU A 16 10.10 5.12 -1.31
N TYR A 17 8.84 5.39 -1.63
CA TYR A 17 8.34 6.76 -1.65
C TYR A 17 8.23 7.33 -0.25
N GLY A 18 7.46 6.65 0.60
CA GLY A 18 7.29 7.10 1.97
C GLY A 18 8.57 7.64 2.57
N MET A 19 9.70 7.07 2.15
CA MET A 19 11.00 7.50 2.65
C MET A 19 11.20 8.99 2.45
N LYS A 20 10.90 9.46 1.24
CA LYS A 20 11.04 10.87 0.92
C LYS A 20 10.29 11.75 1.92
N THR A 21 9.05 11.38 2.20
CA THR A 21 8.23 12.13 3.14
C THR A 21 8.48 11.68 4.58
N LYS A 22 9.71 11.24 4.84
CA LYS A 22 10.09 10.78 6.18
C LYS A 22 8.97 9.98 6.82
N ASN A 23 8.14 9.37 5.99
CA ASN A 23 7.02 8.57 6.48
C ASN A 23 6.93 7.23 5.75
N ILE A 24 7.20 6.15 6.47
CA ILE A 24 7.16 4.82 5.89
C ILE A 24 5.78 4.18 6.07
N PRO A 25 5.29 3.53 5.00
CA PRO A 25 3.99 2.85 5.01
C PRO A 25 3.96 1.63 5.91
N VAL A 26 3.20 1.69 6.99
CA VAL A 26 3.10 0.58 7.92
C VAL A 26 2.10 -0.48 7.43
N TYR A 27 2.38 -1.73 7.74
CA TYR A 27 1.52 -2.83 7.32
C TYR A 27 1.23 -3.77 8.49
N GLU A 28 -0.06 -3.95 8.80
CA GLU A 28 -0.48 -4.82 9.89
C GLU A 28 -1.68 -5.66 9.49
N CYS A 29 -1.69 -6.91 9.95
CA CYS A 29 -2.78 -7.83 9.63
C CYS A 29 -3.87 -7.76 10.70
N GLU A 30 -5.05 -7.29 10.30
CA GLU A 30 -6.17 -7.17 11.22
C GLU A 30 -6.91 -8.50 11.35
N ARG A 31 -7.59 -8.90 10.28
CA ARG A 31 -8.34 -10.15 10.27
C ARG A 31 -7.55 -11.25 9.55
N SER A 32 -7.41 -12.40 10.20
CA SER A 32 -6.69 -13.52 9.62
C SER A 32 -7.51 -14.80 9.71
N ASP A 33 -8.16 -15.15 8.59
CA ASP A 33 -8.98 -16.36 8.54
C ASP A 33 -8.35 -17.40 7.63
N VAL A 34 -8.11 -18.59 8.17
CA VAL A 34 -7.51 -19.67 7.41
C VAL A 34 -8.51 -20.81 7.20
N GLN A 35 -9.14 -20.82 6.03
CA GLN A 35 -10.11 -21.86 5.70
C GLN A 35 -9.72 -22.59 4.43
N ILE A 36 -9.29 -21.84 3.42
CA ILE A 36 -8.88 -22.42 2.15
C ILE A 36 -7.40 -22.19 1.88
N HIS A 37 -6.84 -22.96 0.96
CA HIS A 37 -5.42 -22.84 0.62
C HIS A 37 -4.97 -21.39 0.71
N VAL A 38 -5.75 -20.48 0.12
CA VAL A 38 -5.43 -19.06 0.14
C VAL A 38 -6.24 -18.32 1.18
N PRO A 39 -5.63 -18.06 2.35
CA PRO A 39 -6.29 -17.35 3.45
C PRO A 39 -6.54 -15.88 3.13
N THR A 40 -7.18 -15.18 4.06
CA THR A 40 -7.48 -13.77 3.88
C THR A 40 -6.84 -12.92 4.97
N PHE A 41 -5.96 -12.00 4.57
CA PHE A 41 -5.28 -11.13 5.52
C PHE A 41 -5.57 -9.66 5.21
N THR A 42 -6.04 -8.93 6.21
CA THR A 42 -6.35 -7.52 6.05
C THR A 42 -5.16 -6.64 6.42
N PHE A 43 -4.46 -6.15 5.42
CA PHE A 43 -3.29 -5.30 5.65
C PHE A 43 -3.67 -3.83 5.60
N ARG A 44 -3.48 -3.14 6.73
CA ARG A 44 -3.81 -1.72 6.83
C ARG A 44 -2.58 -0.85 6.58
N VAL A 45 -2.67 0.01 5.57
CA VAL A 45 -1.56 0.90 5.22
C VAL A 45 -1.82 2.31 5.71
N THR A 46 -0.90 2.83 6.53
CA THR A 46 -1.03 4.18 7.07
C THR A 46 0.17 5.04 6.70
N VAL A 47 -0.03 5.97 5.78
CA VAL A 47 1.03 6.86 5.34
C VAL A 47 0.71 8.32 5.66
N GLY A 48 1.38 8.87 6.66
CA GLY A 48 1.15 10.26 7.03
C GLY A 48 -0.26 10.47 7.57
N ASP A 49 -1.18 10.81 6.68
CA ASP A 49 -2.57 11.06 7.06
C ASP A 49 -3.50 10.08 6.36
N ILE A 50 -3.01 9.44 5.30
CA ILE A 50 -3.81 8.49 4.55
C ILE A 50 -3.73 7.10 5.18
N THR A 51 -4.90 6.49 5.38
CA THR A 51 -4.98 5.16 5.98
C THR A 51 -5.95 4.27 5.22
N CYS A 52 -5.43 3.28 4.51
CA CYS A 52 -6.26 2.36 3.75
C CYS A 52 -6.09 0.93 4.24
N THR A 53 -6.95 0.04 3.77
CA THR A 53 -6.90 -1.36 4.17
C THR A 53 -7.07 -2.28 2.97
N GLY A 54 -6.35 -3.40 2.98
CA GLY A 54 -6.43 -4.36 1.89
C GLY A 54 -6.99 -5.70 2.33
N GLU A 55 -8.31 -5.84 2.26
CA GLU A 55 -8.96 -7.09 2.65
C GLU A 55 -9.44 -7.85 1.42
N GLY A 56 -9.25 -9.17 1.45
CA GLY A 56 -9.68 -10.00 0.33
C GLY A 56 -8.81 -11.23 0.16
N THR A 57 -7.50 -11.03 0.21
CA THR A 57 -6.54 -12.13 0.05
C THR A 57 -5.44 -12.06 1.09
N SER A 58 -4.50 -12.99 1.02
CA SER A 58 -3.38 -13.03 1.96
C SER A 58 -2.24 -12.14 1.48
N LYS A 59 -1.16 -12.10 2.26
CA LYS A 59 0.00 -11.29 1.92
C LYS A 59 0.22 -11.25 0.42
N LYS A 60 -0.18 -12.32 -0.27
CA LYS A 60 -0.03 -12.40 -1.71
C LYS A 60 -0.62 -11.18 -2.40
N LEU A 61 -1.94 -11.07 -2.40
CA LEU A 61 -2.62 -9.95 -3.01
C LEU A 61 -2.90 -8.86 -1.99
N ALA A 62 -3.54 -9.23 -0.88
CA ALA A 62 -3.87 -8.29 0.18
C ALA A 62 -2.81 -7.19 0.28
N LYS A 63 -1.55 -7.60 0.42
CA LYS A 63 -0.45 -6.65 0.53
C LYS A 63 -0.43 -5.70 -0.67
N HIS A 64 -0.34 -6.27 -1.87
CA HIS A 64 -0.33 -5.47 -3.08
C HIS A 64 -1.39 -4.38 -3.04
N ARG A 65 -2.61 -4.77 -2.71
CA ARG A 65 -3.73 -3.83 -2.63
C ARG A 65 -3.47 -2.77 -1.56
N ALA A 66 -3.06 -3.23 -0.37
CA ALA A 66 -2.77 -2.33 0.74
C ALA A 66 -1.89 -1.17 0.29
N ALA A 67 -0.76 -1.49 -0.32
CA ALA A 67 0.18 -0.48 -0.79
C ALA A 67 -0.44 0.36 -1.90
N GLU A 68 -1.14 -0.31 -2.81
CA GLU A 68 -1.78 0.37 -3.93
C GLU A 68 -2.71 1.48 -3.44
N ALA A 69 -3.63 1.11 -2.55
CA ALA A 69 -4.58 2.07 -1.99
C ALA A 69 -3.91 3.42 -1.74
N ALA A 70 -2.95 3.44 -0.82
CA ALA A 70 -2.23 4.66 -0.48
C ALA A 70 -1.77 5.38 -1.74
N ILE A 71 -1.02 4.69 -2.59
CA ILE A 71 -0.51 5.27 -3.83
C ILE A 71 -1.61 6.02 -4.56
N ASN A 72 -2.60 5.29 -5.04
CA ASN A 72 -3.72 5.90 -5.76
C ASN A 72 -4.14 7.22 -5.12
N ILE A 73 -3.92 7.33 -3.82
CA ILE A 73 -4.27 8.54 -3.09
C ILE A 73 -3.10 9.51 -3.05
N LEU A 74 -1.89 8.97 -2.99
CA LEU A 74 -0.68 9.79 -2.95
C LEU A 74 -0.54 10.62 -4.22
N LYS A 75 -1.27 10.22 -5.26
CA LYS A 75 -1.22 10.92 -6.54
C LYS A 75 -2.27 12.04 -6.58
N ALA A 76 -3.52 11.68 -6.32
CA ALA A 76 -4.61 12.65 -6.33
C ALA A 76 -4.44 13.67 -5.20
N ASN A 77 -4.41 13.18 -3.96
CA ASN A 77 -4.26 14.05 -2.80
C ASN A 77 -2.88 14.70 -2.80
N ALA A 78 -1.87 13.96 -3.25
CA ALA A 78 -0.50 14.47 -3.29
C ALA A 78 0.02 14.76 -1.90
N SER A 79 -0.24 13.84 -0.97
CA SER A 79 0.21 13.99 0.41
C SER A 79 1.58 14.67 0.47
N GLY A 80 1.74 15.57 1.43
CA GLY A 80 3.00 16.27 1.58
C GLY A 80 2.82 17.68 2.12
N PRO A 81 2.73 17.80 3.45
CA PRO A 81 2.54 19.09 4.10
C PRO A 81 3.79 19.98 4.01
N SER A 82 4.95 19.34 3.96
CA SER A 82 6.22 20.06 3.88
C SER A 82 6.38 21.02 5.05
N SER A 83 6.19 20.50 6.26
CA SER A 83 6.30 21.31 7.47
C SER A 83 7.39 20.76 8.39
N GLY A 84 8.50 20.33 7.79
CA GLY A 84 9.60 19.79 8.57
C GLY A 84 9.85 18.33 8.27
N GLY A 1 3.55 5.69 -10.13
CA GLY A 1 3.52 6.90 -10.94
C GLY A 1 4.17 6.70 -12.30
N SER A 2 5.29 7.38 -12.53
CA SER A 2 5.99 7.27 -13.79
C SER A 2 6.23 5.82 -14.17
N SER A 3 6.74 5.60 -15.38
CA SER A 3 7.02 4.25 -15.85
C SER A 3 8.52 3.95 -15.82
N GLY A 4 8.86 2.74 -15.39
CA GLY A 4 10.26 2.35 -15.32
C GLY A 4 10.48 0.90 -15.70
N SER A 5 11.11 0.14 -14.82
CA SER A 5 11.39 -1.26 -15.08
C SER A 5 10.10 -2.07 -15.13
N SER A 6 9.59 -2.29 -16.34
CA SER A 6 8.36 -3.04 -16.52
C SER A 6 7.31 -2.63 -15.48
N GLY A 7 7.16 -1.33 -15.29
CA GLY A 7 6.20 -0.83 -14.33
C GLY A 7 6.54 -1.21 -12.90
N LYS A 8 7.10 -0.26 -12.16
CA LYS A 8 7.48 -0.50 -10.77
C LYS A 8 6.29 -0.99 -9.95
N THR A 9 6.53 -1.96 -9.09
CA THR A 9 5.47 -2.51 -8.24
C THR A 9 4.96 -1.48 -7.25
N PRO A 10 3.72 -1.64 -6.79
CA PRO A 10 3.09 -0.73 -5.82
C PRO A 10 3.73 -0.84 -4.43
N ILE A 11 4.35 -1.98 -4.16
CA ILE A 11 4.99 -2.21 -2.87
C ILE A 11 6.36 -1.55 -2.82
N GLN A 12 7.03 -1.50 -3.98
CA GLN A 12 8.35 -0.90 -4.06
C GLN A 12 8.26 0.62 -4.21
N VAL A 13 7.16 1.08 -4.78
CA VAL A 13 6.95 2.51 -4.97
C VAL A 13 6.49 3.18 -3.68
N LEU A 14 5.36 2.72 -3.15
CA LEU A 14 4.80 3.28 -1.92
C LEU A 14 5.88 3.38 -0.84
N HIS A 15 6.45 2.24 -0.46
CA HIS A 15 7.49 2.20 0.55
C HIS A 15 8.62 3.17 0.21
N GLU A 16 9.30 2.90 -0.91
CA GLU A 16 10.41 3.75 -1.35
C GLU A 16 10.01 5.22 -1.33
N TYR A 17 8.74 5.49 -1.62
CA TYR A 17 8.23 6.86 -1.63
C TYR A 17 8.14 7.42 -0.22
N GLY A 18 7.55 6.63 0.69
CA GLY A 18 7.41 7.07 2.06
C GLY A 18 8.63 7.81 2.57
N MET A 19 9.79 7.15 2.50
CA MET A 19 11.04 7.75 2.96
C MET A 19 11.11 9.23 2.56
N LYS A 20 10.59 9.54 1.37
CA LYS A 20 10.59 10.91 0.87
C LYS A 20 9.87 11.84 1.84
N THR A 21 8.67 11.45 2.26
CA THR A 21 7.88 12.24 3.18
C THR A 21 8.16 11.85 4.63
N LYS A 22 9.37 11.37 4.88
CA LYS A 22 9.77 10.96 6.22
C LYS A 22 8.68 10.11 6.88
N ASN A 23 7.92 9.40 6.06
CA ASN A 23 6.84 8.56 6.56
C ASN A 23 6.79 7.24 5.80
N ILE A 24 7.10 6.15 6.49
CA ILE A 24 7.08 4.82 5.87
C ILE A 24 5.72 4.15 6.04
N PRO A 25 5.24 3.51 4.96
CA PRO A 25 3.95 2.82 4.95
C PRO A 25 3.96 1.57 5.82
N VAL A 26 3.22 1.60 6.92
CA VAL A 26 3.15 0.47 7.83
C VAL A 26 2.17 -0.58 7.31
N TYR A 27 2.46 -1.85 7.61
CA TYR A 27 1.61 -2.95 7.17
C TYR A 27 1.34 -3.92 8.32
N GLU A 28 0.10 -3.91 8.80
CA GLU A 28 -0.29 -4.79 9.90
C GLU A 28 -1.53 -5.59 9.54
N CYS A 29 -1.58 -6.83 10.01
CA CYS A 29 -2.71 -7.71 9.73
C CYS A 29 -3.77 -7.60 10.82
N GLU A 30 -5.01 -7.33 10.43
CA GLU A 30 -6.10 -7.20 11.38
C GLU A 30 -6.85 -8.52 11.53
N ARG A 31 -7.48 -8.96 10.45
CA ARG A 31 -8.24 -10.20 10.46
C ARG A 31 -7.52 -11.28 9.65
N SER A 32 -7.44 -12.48 10.23
CA SER A 32 -6.77 -13.60 9.57
C SER A 32 -7.67 -14.83 9.54
N ASP A 33 -8.20 -15.14 8.37
CA ASP A 33 -9.08 -16.30 8.22
C ASP A 33 -8.46 -17.33 7.29
N VAL A 34 -8.30 -18.55 7.81
CA VAL A 34 -7.71 -19.64 7.04
C VAL A 34 -8.73 -20.75 6.78
N GLN A 35 -9.23 -20.82 5.55
CA GLN A 35 -10.20 -21.84 5.18
C GLN A 35 -9.78 -22.56 3.90
N ILE A 36 -9.07 -21.84 3.03
CA ILE A 36 -8.60 -22.42 1.78
C ILE A 36 -7.12 -22.14 1.56
N HIS A 37 -6.54 -22.78 0.54
CA HIS A 37 -5.13 -22.59 0.23
C HIS A 37 -4.71 -21.13 0.43
N VAL A 38 -5.45 -20.22 -0.21
CA VAL A 38 -5.16 -18.80 -0.09
C VAL A 38 -6.09 -18.12 0.90
N PRO A 39 -5.58 -17.89 2.12
CA PRO A 39 -6.36 -17.25 3.19
C PRO A 39 -6.61 -15.78 2.91
N THR A 40 -7.27 -15.10 3.85
CA THR A 40 -7.58 -13.68 3.71
C THR A 40 -6.98 -12.87 4.85
N PHE A 41 -6.03 -12.01 4.52
CA PHE A 41 -5.37 -11.17 5.52
C PHE A 41 -5.64 -9.69 5.25
N THR A 42 -6.14 -8.99 6.26
CA THR A 42 -6.45 -7.57 6.13
C THR A 42 -5.25 -6.72 6.53
N PHE A 43 -4.51 -6.23 5.54
CA PHE A 43 -3.34 -5.40 5.80
C PHE A 43 -3.70 -3.92 5.78
N ARG A 44 -3.40 -3.23 6.86
CA ARG A 44 -3.69 -1.81 6.98
C ARG A 44 -2.47 -0.97 6.63
N VAL A 45 -2.67 0.05 5.79
CA VAL A 45 -1.58 0.93 5.37
C VAL A 45 -1.81 2.35 5.88
N THR A 46 -0.85 2.84 6.67
CA THR A 46 -0.94 4.19 7.22
C THR A 46 0.23 5.04 6.77
N VAL A 47 -0.04 6.00 5.89
CA VAL A 47 1.00 6.90 5.38
C VAL A 47 0.66 8.35 5.68
N GLY A 48 1.40 8.94 6.62
CA GLY A 48 1.17 10.32 6.98
C GLY A 48 -0.22 10.55 7.55
N ASP A 49 -1.16 10.91 6.67
CA ASP A 49 -2.54 11.16 7.09
C ASP A 49 -3.50 10.20 6.39
N ILE A 50 -3.01 9.53 5.36
CA ILE A 50 -3.82 8.57 4.61
C ILE A 50 -3.75 7.19 5.22
N THR A 51 -4.92 6.57 5.43
CA THR A 51 -4.99 5.24 6.02
C THR A 51 -5.95 4.35 5.24
N CYS A 52 -5.42 3.29 4.64
CA CYS A 52 -6.23 2.37 3.86
C CYS A 52 -6.07 0.95 4.38
N THR A 53 -6.76 0.00 3.74
CA THR A 53 -6.70 -1.40 4.14
C THR A 53 -6.94 -2.32 2.95
N GLY A 54 -6.27 -3.48 2.96
CA GLY A 54 -6.43 -4.42 1.88
C GLY A 54 -7.02 -5.75 2.34
N GLU A 55 -8.33 -5.89 2.19
CA GLU A 55 -9.01 -7.11 2.60
C GLU A 55 -9.50 -7.90 1.38
N GLY A 56 -9.28 -9.21 1.41
CA GLY A 56 -9.70 -10.05 0.31
C GLY A 56 -8.82 -11.28 0.14
N THR A 57 -7.51 -11.08 0.20
CA THR A 57 -6.57 -12.18 0.06
C THR A 57 -5.46 -12.09 1.11
N SER A 58 -4.51 -13.03 1.05
CA SER A 58 -3.42 -13.06 2.01
C SER A 58 -2.27 -12.16 1.54
N LYS A 59 -1.20 -12.14 2.32
CA LYS A 59 -0.03 -11.32 2.00
C LYS A 59 0.20 -11.28 0.49
N LYS A 60 -0.20 -12.35 -0.20
CA LYS A 60 -0.04 -12.43 -1.65
C LYS A 60 -0.62 -11.20 -2.33
N LEU A 61 -1.95 -11.10 -2.33
CA LEU A 61 -2.61 -9.97 -2.96
C LEU A 61 -2.91 -8.87 -1.93
N ALA A 62 -3.55 -9.26 -0.83
CA ALA A 62 -3.89 -8.32 0.23
C ALA A 62 -2.83 -7.22 0.34
N LYS A 63 -1.57 -7.63 0.44
CA LYS A 63 -0.47 -6.68 0.54
C LYS A 63 -0.45 -5.73 -0.65
N HIS A 64 -0.34 -6.30 -1.84
CA HIS A 64 -0.31 -5.51 -3.07
C HIS A 64 -1.38 -4.42 -3.05
N ARG A 65 -2.61 -4.82 -2.76
CA ARG A 65 -3.73 -3.88 -2.70
C ARG A 65 -3.49 -2.82 -1.61
N ALA A 66 -3.08 -3.28 -0.44
CA ALA A 66 -2.82 -2.39 0.68
C ALA A 66 -1.94 -1.21 0.25
N ALA A 67 -0.81 -1.52 -0.35
CA ALA A 67 0.12 -0.49 -0.82
C ALA A 67 -0.50 0.34 -1.94
N GLU A 68 -1.17 -0.34 -2.86
CA GLU A 68 -1.81 0.35 -3.99
C GLU A 68 -2.75 1.45 -3.50
N ALA A 69 -3.68 1.07 -2.62
CA ALA A 69 -4.64 2.03 -2.06
C ALA A 69 -3.98 3.39 -1.82
N ALA A 70 -3.01 3.42 -0.91
CA ALA A 70 -2.31 4.65 -0.59
C ALA A 70 -1.85 5.37 -1.85
N ILE A 71 -1.03 4.70 -2.64
CA ILE A 71 -0.52 5.28 -3.88
C ILE A 71 -1.60 6.07 -4.60
N ASN A 72 -2.63 5.36 -5.06
CA ASN A 72 -3.74 6.01 -5.77
C ASN A 72 -4.10 7.34 -5.12
N ILE A 73 -4.02 7.39 -3.80
CA ILE A 73 -4.34 8.60 -3.06
C ILE A 73 -3.16 9.57 -3.07
N LEU A 74 -1.95 9.02 -3.00
CA LEU A 74 -0.74 9.84 -2.99
C LEU A 74 -0.62 10.64 -4.29
N LYS A 75 -1.06 10.04 -5.38
CA LYS A 75 -1.02 10.70 -6.68
C LYS A 75 -2.02 11.86 -6.76
N ALA A 76 -3.29 11.53 -6.64
CA ALA A 76 -4.34 12.53 -6.70
C ALA A 76 -4.19 13.54 -5.57
N ASN A 77 -4.25 13.05 -4.33
CA ASN A 77 -4.12 13.91 -3.15
C ASN A 77 -2.81 14.69 -3.19
N ALA A 78 -1.74 13.99 -3.57
CA ALA A 78 -0.42 14.62 -3.65
C ALA A 78 0.17 14.82 -2.25
N SER A 79 0.00 13.82 -1.39
CA SER A 79 0.52 13.90 -0.03
C SER A 79 1.83 14.67 0.02
N GLY A 80 2.03 15.43 1.08
CA GLY A 80 3.24 16.21 1.24
C GLY A 80 3.03 17.45 2.08
N PRO A 81 2.91 17.27 3.39
CA PRO A 81 2.70 18.38 4.33
C PRO A 81 3.94 19.26 4.47
N SER A 82 3.82 20.31 5.28
CA SER A 82 4.93 21.22 5.50
C SER A 82 5.92 20.66 6.51
N SER A 83 5.42 20.36 7.71
CA SER A 83 6.26 19.81 8.77
C SER A 83 6.49 18.32 8.56
N GLY A 84 7.45 17.77 9.30
CA GLY A 84 7.76 16.36 9.18
C GLY A 84 8.94 16.09 8.27
N GLY A 1 2.95 0.23 -26.42
CA GLY A 1 3.72 -0.92 -25.97
C GLY A 1 2.88 -1.89 -25.16
N SER A 2 3.09 -3.18 -25.38
CA SER A 2 2.35 -4.22 -24.68
C SER A 2 2.26 -3.89 -23.19
N SER A 3 1.20 -4.39 -22.55
CA SER A 3 0.99 -4.15 -21.13
C SER A 3 2.27 -4.40 -20.34
N GLY A 4 2.44 -3.67 -19.25
CA GLY A 4 3.63 -3.83 -18.42
C GLY A 4 4.57 -2.65 -18.51
N SER A 5 5.50 -2.70 -19.45
CA SER A 5 6.47 -1.61 -19.63
C SER A 5 7.34 -1.46 -18.38
N SER A 6 7.80 -2.58 -17.84
CA SER A 6 8.64 -2.57 -16.65
C SER A 6 8.13 -1.54 -15.63
N GLY A 7 6.84 -1.61 -15.34
CA GLY A 7 6.26 -0.68 -14.39
C GLY A 7 6.57 -1.05 -12.96
N LYS A 8 6.81 -0.04 -12.12
CA LYS A 8 7.12 -0.26 -10.71
C LYS A 8 5.92 -0.82 -9.97
N THR A 9 6.18 -1.73 -9.03
CA THR A 9 5.11 -2.34 -8.25
C THR A 9 4.56 -1.37 -7.21
N PRO A 10 3.30 -1.58 -6.82
CA PRO A 10 2.63 -0.74 -5.82
C PRO A 10 3.19 -0.93 -4.42
N ILE A 11 4.10 -1.89 -4.29
CA ILE A 11 4.72 -2.17 -2.99
C ILE A 11 6.08 -1.50 -2.87
N GLN A 12 6.79 -1.40 -4.00
CA GLN A 12 8.10 -0.78 -4.01
C GLN A 12 7.98 0.75 -4.03
N VAL A 13 7.08 1.25 -4.87
CA VAL A 13 6.87 2.69 -4.99
C VAL A 13 6.42 3.28 -3.65
N LEU A 14 5.26 2.86 -3.18
CA LEU A 14 4.72 3.35 -1.92
C LEU A 14 5.82 3.43 -0.86
N HIS A 15 6.32 2.27 -0.45
CA HIS A 15 7.37 2.20 0.56
C HIS A 15 8.52 3.16 0.22
N GLU A 16 9.28 2.81 -0.81
CA GLU A 16 10.40 3.64 -1.25
C GLU A 16 10.07 5.12 -1.12
N TYR A 17 8.83 5.48 -1.49
CA TYR A 17 8.39 6.86 -1.42
C TYR A 17 8.32 7.34 0.03
N GLY A 18 7.51 6.66 0.84
CA GLY A 18 7.36 7.02 2.23
C GLY A 18 8.66 7.55 2.83
N MET A 19 9.78 7.02 2.37
CA MET A 19 11.09 7.44 2.86
C MET A 19 11.26 8.95 2.72
N LYS A 20 11.05 9.45 1.50
CA LYS A 20 11.19 10.87 1.23
C LYS A 20 10.44 11.70 2.26
N THR A 21 9.19 11.32 2.54
CA THR A 21 8.37 12.02 3.52
C THR A 21 8.64 11.52 4.92
N LYS A 22 9.87 11.06 5.16
CA LYS A 22 10.25 10.55 6.47
C LYS A 22 9.10 9.75 7.11
N ASN A 23 8.25 9.18 6.26
CA ASN A 23 7.12 8.40 6.74
C ASN A 23 7.00 7.08 5.96
N ILE A 24 7.25 5.98 6.65
CA ILE A 24 7.18 4.66 6.03
C ILE A 24 5.80 4.05 6.21
N PRO A 25 5.28 3.44 5.13
CA PRO A 25 3.95 2.80 5.15
C PRO A 25 3.94 1.53 6.00
N VAL A 26 3.15 1.55 7.07
CA VAL A 26 3.03 0.40 7.96
C VAL A 26 2.07 -0.64 7.40
N TYR A 27 2.36 -1.91 7.67
CA TYR A 27 1.52 -3.00 7.19
C TYR A 27 1.23 -3.99 8.32
N GLU A 28 -0.03 -4.00 8.76
CA GLU A 28 -0.44 -4.91 9.83
C GLU A 28 -1.67 -5.70 9.42
N CYS A 29 -1.66 -6.99 9.74
CA CYS A 29 -2.78 -7.87 9.40
C CYS A 29 -3.72 -8.03 10.59
N GLU A 30 -4.88 -7.37 10.53
CA GLU A 30 -5.86 -7.44 11.60
C GLU A 30 -6.64 -8.75 11.54
N ARG A 31 -7.49 -8.87 10.51
CA ARG A 31 -8.30 -10.07 10.35
C ARG A 31 -7.50 -11.16 9.63
N SER A 32 -7.39 -12.33 10.26
CA SER A 32 -6.65 -13.44 9.69
C SER A 32 -7.46 -14.74 9.78
N ASP A 33 -8.14 -15.08 8.69
CA ASP A 33 -8.96 -16.29 8.64
C ASP A 33 -8.33 -17.33 7.74
N VAL A 34 -8.02 -18.50 8.30
CA VAL A 34 -7.41 -19.58 7.54
C VAL A 34 -8.36 -20.77 7.44
N GLN A 35 -8.92 -20.98 6.24
CA GLN A 35 -9.83 -22.09 6.01
C GLN A 35 -9.45 -22.87 4.76
N ILE A 36 -8.98 -22.15 3.75
CA ILE A 36 -8.58 -22.77 2.50
C ILE A 36 -7.10 -22.49 2.20
N HIS A 37 -6.58 -23.15 1.16
CA HIS A 37 -5.19 -22.97 0.76
C HIS A 37 -4.78 -21.51 0.87
N VAL A 38 -5.55 -20.63 0.24
CA VAL A 38 -5.27 -19.20 0.26
C VAL A 38 -6.18 -18.47 1.24
N PRO A 39 -5.63 -18.18 2.44
CA PRO A 39 -6.38 -17.48 3.49
C PRO A 39 -6.66 -16.02 3.14
N THR A 40 -7.14 -15.26 4.12
CA THR A 40 -7.43 -13.85 3.92
C THR A 40 -6.80 -12.99 5.00
N PHE A 41 -5.94 -12.08 4.60
CA PHE A 41 -5.26 -11.18 5.54
C PHE A 41 -5.51 -9.72 5.17
N THR A 42 -6.12 -8.99 6.09
CA THR A 42 -6.41 -7.57 5.87
C THR A 42 -5.25 -6.69 6.32
N PHE A 43 -4.52 -6.14 5.36
CA PHE A 43 -3.39 -5.27 5.65
C PHE A 43 -3.82 -3.81 5.72
N ARG A 44 -3.40 -3.12 6.76
CA ARG A 44 -3.74 -1.71 6.94
C ARG A 44 -2.54 -0.82 6.68
N VAL A 45 -2.63 0.00 5.63
CA VAL A 45 -1.55 0.91 5.27
C VAL A 45 -1.82 2.32 5.78
N THR A 46 -0.92 2.81 6.63
CA THR A 46 -1.06 4.15 7.19
C THR A 46 0.15 5.02 6.84
N VAL A 47 -0.06 5.96 5.94
CA VAL A 47 1.00 6.86 5.51
C VAL A 47 0.67 8.31 5.84
N GLY A 48 1.35 8.86 6.84
CA GLY A 48 1.11 10.23 7.23
C GLY A 48 -0.30 10.46 7.73
N ASP A 49 -1.17 10.94 6.84
CA ASP A 49 -2.56 11.20 7.19
C ASP A 49 -3.48 10.21 6.49
N ILE A 50 -3.00 9.61 5.41
CA ILE A 50 -3.78 8.65 4.65
C ILE A 50 -3.71 7.26 5.29
N THR A 51 -4.88 6.68 5.53
CA THR A 51 -4.97 5.35 6.12
C THR A 51 -5.96 4.46 5.38
N CYS A 52 -5.44 3.46 4.69
CA CYS A 52 -6.27 2.54 3.93
C CYS A 52 -5.98 1.09 4.31
N THR A 53 -6.75 0.16 3.76
CA THR A 53 -6.57 -1.25 4.03
C THR A 53 -6.79 -2.10 2.78
N GLY A 54 -6.30 -3.33 2.81
CA GLY A 54 -6.45 -4.22 1.67
C GLY A 54 -6.91 -5.60 2.07
N GLU A 55 -8.23 -5.78 2.16
CA GLU A 55 -8.80 -7.07 2.55
C GLU A 55 -9.26 -7.84 1.31
N GLY A 56 -9.18 -9.17 1.38
CA GLY A 56 -9.59 -10.00 0.27
C GLY A 56 -8.74 -11.24 0.13
N THR A 57 -7.42 -11.07 0.19
CA THR A 57 -6.49 -12.19 0.07
C THR A 57 -5.40 -12.11 1.12
N SER A 58 -4.47 -13.06 1.07
CA SER A 58 -3.37 -13.10 2.02
C SER A 58 -2.21 -12.21 1.57
N LYS A 59 -1.16 -12.16 2.37
CA LYS A 59 0.01 -11.35 2.04
C LYS A 59 0.26 -11.32 0.54
N LYS A 60 -0.11 -12.41 -0.14
CA LYS A 60 0.07 -12.51 -1.58
C LYS A 60 -0.50 -11.28 -2.28
N LEU A 61 -1.82 -11.17 -2.30
CA LEU A 61 -2.49 -10.04 -2.94
C LEU A 61 -2.80 -8.94 -1.93
N ALA A 62 -3.44 -9.33 -0.83
CA ALA A 62 -3.79 -8.39 0.22
C ALA A 62 -2.75 -7.27 0.32
N LYS A 63 -1.48 -7.65 0.35
CA LYS A 63 -0.39 -6.68 0.44
C LYS A 63 -0.39 -5.74 -0.76
N HIS A 64 -0.39 -6.32 -1.96
CA HIS A 64 -0.40 -5.53 -3.19
C HIS A 64 -1.49 -4.46 -3.13
N ARG A 65 -2.69 -4.86 -2.73
CA ARG A 65 -3.82 -3.93 -2.65
C ARG A 65 -3.57 -2.88 -1.57
N ALA A 66 -3.13 -3.34 -0.39
CA ALA A 66 -2.86 -2.43 0.72
C ALA A 66 -2.01 -1.25 0.27
N ALA A 67 -0.89 -1.56 -0.38
CA ALA A 67 0.02 -0.53 -0.87
C ALA A 67 -0.60 0.26 -2.01
N GLU A 68 -1.29 -0.44 -2.91
CA GLU A 68 -1.94 0.20 -4.05
C GLU A 68 -2.80 1.37 -3.60
N ALA A 69 -3.69 1.11 -2.65
CA ALA A 69 -4.58 2.15 -2.14
C ALA A 69 -3.82 3.46 -1.92
N ALA A 70 -2.93 3.47 -0.93
CA ALA A 70 -2.15 4.66 -0.62
C ALA A 70 -1.69 5.36 -1.90
N ILE A 71 -0.81 4.69 -2.64
CA ILE A 71 -0.29 5.25 -3.89
C ILE A 71 -1.37 6.01 -4.64
N ASN A 72 -2.37 5.28 -5.13
CA ASN A 72 -3.47 5.88 -5.87
C ASN A 72 -3.85 7.24 -5.27
N ILE A 73 -3.74 7.34 -3.95
CA ILE A 73 -4.07 8.58 -3.25
C ILE A 73 -2.89 9.56 -3.29
N LEU A 74 -1.71 9.07 -2.97
CA LEU A 74 -0.51 9.90 -2.96
C LEU A 74 -0.37 10.66 -4.27
N LYS A 75 -1.07 10.19 -5.31
CA LYS A 75 -1.03 10.83 -6.62
C LYS A 75 -2.11 11.90 -6.73
N ALA A 76 -3.37 11.48 -6.64
CA ALA A 76 -4.49 12.40 -6.73
C ALA A 76 -4.46 13.42 -5.60
N ASN A 77 -4.42 12.92 -4.37
CA ASN A 77 -4.39 13.77 -3.19
C ASN A 77 -3.06 14.53 -3.10
N ALA A 78 -2.01 13.92 -3.64
CA ALA A 78 -0.69 14.53 -3.62
C ALA A 78 -0.28 14.90 -2.20
N SER A 79 -0.77 14.13 -1.23
CA SER A 79 -0.45 14.39 0.17
C SER A 79 0.98 14.90 0.32
N GLY A 80 1.12 16.10 0.87
CA GLY A 80 2.43 16.69 1.07
C GLY A 80 2.54 18.07 0.46
N PRO A 81 3.46 18.89 1.00
CA PRO A 81 3.68 20.25 0.52
C PRO A 81 4.33 20.29 -0.87
N SER A 82 5.19 19.32 -1.14
CA SER A 82 5.86 19.24 -2.42
C SER A 82 4.88 19.45 -3.58
N SER A 83 3.78 18.71 -3.56
CA SER A 83 2.77 18.82 -4.60
C SER A 83 3.40 18.85 -5.98
N GLY A 84 4.43 18.03 -6.17
CA GLY A 84 5.12 18.00 -7.46
C GLY A 84 4.16 17.74 -8.61
N GLY A 1 -7.59 -1.03 -25.24
CA GLY A 1 -7.36 -0.13 -24.12
C GLY A 1 -6.25 -0.62 -23.21
N SER A 2 -6.16 -0.02 -22.03
CA SER A 2 -5.12 -0.39 -21.06
C SER A 2 -5.10 -1.90 -20.86
N SER A 3 -3.98 -2.52 -21.23
CA SER A 3 -3.82 -3.96 -21.09
C SER A 3 -2.35 -4.34 -21.01
N GLY A 4 -1.98 -4.99 -19.90
CA GLY A 4 -0.60 -5.40 -19.72
C GLY A 4 0.37 -4.24 -19.79
N SER A 5 0.88 -3.82 -18.64
CA SER A 5 1.82 -2.70 -18.58
C SER A 5 3.08 -3.08 -17.81
N SER A 6 4.21 -2.52 -18.20
CA SER A 6 5.48 -2.81 -17.55
C SER A 6 6.01 -1.57 -16.82
N GLY A 7 6.15 -1.69 -15.51
CA GLY A 7 6.64 -0.57 -14.71
C GLY A 7 7.01 -0.99 -13.30
N LYS A 8 6.82 -0.08 -12.35
CA LYS A 8 7.14 -0.36 -10.95
C LYS A 8 5.92 -0.92 -10.22
N THR A 9 6.19 -1.66 -9.14
CA THR A 9 5.12 -2.27 -8.36
C THR A 9 4.61 -1.30 -7.29
N PRO A 10 3.36 -1.50 -6.87
CA PRO A 10 2.72 -0.65 -5.85
C PRO A 10 3.33 -0.86 -4.47
N ILE A 11 4.21 -1.85 -4.35
CA ILE A 11 4.86 -2.15 -3.09
C ILE A 11 6.26 -1.54 -3.02
N GLN A 12 6.91 -1.44 -4.18
CA GLN A 12 8.25 -0.87 -4.26
C GLN A 12 8.18 0.64 -4.37
N VAL A 13 7.06 1.15 -4.85
CA VAL A 13 6.87 2.59 -5.01
C VAL A 13 6.42 3.23 -3.70
N LEU A 14 5.28 2.79 -3.19
CA LEU A 14 4.74 3.32 -1.93
C LEU A 14 5.82 3.36 -0.86
N HIS A 15 6.39 2.20 -0.55
CA HIS A 15 7.43 2.12 0.47
C HIS A 15 8.58 3.07 0.15
N GLU A 16 9.31 2.76 -0.93
CA GLU A 16 10.44 3.58 -1.35
C GLU A 16 10.11 5.06 -1.20
N TYR A 17 8.88 5.43 -1.54
CA TYR A 17 8.44 6.82 -1.44
C TYR A 17 8.37 7.28 0.00
N GLY A 18 7.56 6.58 0.80
CA GLY A 18 7.43 6.93 2.20
C GLY A 18 8.73 7.44 2.81
N MET A 19 9.84 6.89 2.35
CA MET A 19 11.15 7.28 2.85
C MET A 19 11.38 8.78 2.66
N LYS A 20 11.10 9.27 1.46
CA LYS A 20 11.26 10.68 1.15
C LYS A 20 10.53 11.56 2.17
N THR A 21 9.30 11.17 2.49
CA THR A 21 8.50 11.91 3.46
C THR A 21 8.74 11.41 4.88
N LYS A 22 9.97 10.96 5.14
CA LYS A 22 10.33 10.46 6.45
C LYS A 22 9.17 9.68 7.08
N ASN A 23 8.34 9.08 6.23
CA ASN A 23 7.20 8.30 6.69
C ASN A 23 7.08 6.99 5.92
N ILE A 24 7.31 5.88 6.60
CA ILE A 24 7.22 4.57 5.97
C ILE A 24 5.83 3.96 6.15
N PRO A 25 5.32 3.35 5.08
CA PRO A 25 4.00 2.71 5.10
C PRO A 25 3.96 1.45 5.96
N VAL A 26 3.21 1.50 7.06
CA VAL A 26 3.10 0.37 7.97
C VAL A 26 2.12 -0.67 7.43
N TYR A 27 2.38 -1.93 7.74
CA TYR A 27 1.52 -3.02 7.28
C TYR A 27 1.19 -3.97 8.44
N GLU A 28 -0.04 -3.91 8.91
CA GLU A 28 -0.49 -4.76 10.00
C GLU A 28 -1.72 -5.57 9.60
N CYS A 29 -1.82 -6.79 10.12
CA CYS A 29 -2.95 -7.66 9.82
C CYS A 29 -4.04 -7.53 10.88
N GLU A 30 -5.18 -7.00 10.48
CA GLU A 30 -6.30 -6.81 11.39
C GLU A 30 -7.09 -8.11 11.56
N ARG A 31 -7.47 -8.71 10.43
CA ARG A 31 -8.23 -9.96 10.45
C ARG A 31 -7.51 -11.04 9.65
N SER A 32 -7.48 -12.26 10.19
CA SER A 32 -6.83 -13.37 9.52
C SER A 32 -7.71 -14.63 9.58
N ASP A 33 -8.16 -15.07 8.40
CA ASP A 33 -9.01 -16.25 8.32
C ASP A 33 -8.38 -17.31 7.42
N VAL A 34 -8.17 -18.50 7.96
CA VAL A 34 -7.57 -19.60 7.21
C VAL A 34 -8.55 -20.74 7.04
N GLN A 35 -9.22 -20.79 5.89
CA GLN A 35 -10.19 -21.85 5.61
C GLN A 35 -9.81 -22.61 4.35
N ILE A 36 -8.93 -22.01 3.54
CA ILE A 36 -8.50 -22.63 2.30
C ILE A 36 -7.01 -22.39 2.07
N HIS A 37 -6.48 -22.95 0.98
CA HIS A 37 -5.07 -22.79 0.63
C HIS A 37 -4.64 -21.34 0.75
N VAL A 38 -5.46 -20.44 0.20
CA VAL A 38 -5.16 -19.01 0.24
C VAL A 38 -6.08 -18.29 1.23
N PRO A 39 -5.54 -18.01 2.43
CA PRO A 39 -6.31 -17.32 3.48
C PRO A 39 -6.56 -15.86 3.14
N THR A 40 -7.09 -15.12 4.11
CA THR A 40 -7.39 -13.70 3.92
C THR A 40 -6.75 -12.85 5.01
N PHE A 41 -5.75 -12.06 4.62
CA PHE A 41 -5.04 -11.20 5.56
C PHE A 41 -5.30 -9.72 5.24
N THR A 42 -6.00 -9.05 6.14
CA THR A 42 -6.32 -7.63 5.97
C THR A 42 -5.17 -6.75 6.42
N PHE A 43 -4.40 -6.25 5.45
CA PHE A 43 -3.26 -5.39 5.75
C PHE A 43 -3.67 -3.92 5.71
N ARG A 44 -3.38 -3.21 6.80
CA ARG A 44 -3.72 -1.79 6.89
C ARG A 44 -2.49 -0.92 6.62
N VAL A 45 -2.62 -0.03 5.64
CA VAL A 45 -1.52 0.86 5.27
C VAL A 45 -1.77 2.28 5.80
N THR A 46 -0.85 2.76 6.64
CA THR A 46 -0.97 4.09 7.21
C THR A 46 0.22 4.96 6.83
N VAL A 47 -0.01 5.91 5.94
CA VAL A 47 1.05 6.81 5.49
C VAL A 47 0.70 8.27 5.80
N GLY A 48 1.42 8.84 6.76
CA GLY A 48 1.17 10.23 7.13
C GLY A 48 -0.22 10.43 7.68
N ASP A 49 -1.16 10.79 6.82
CA ASP A 49 -2.54 11.02 7.23
C ASP A 49 -3.48 10.05 6.52
N ILE A 50 -3.00 9.44 5.45
CA ILE A 50 -3.80 8.49 4.69
C ILE A 50 -3.71 7.08 5.29
N THR A 51 -4.88 6.46 5.49
CA THR A 51 -4.94 5.13 6.06
C THR A 51 -5.92 4.25 5.30
N CYS A 52 -5.40 3.25 4.60
CA CYS A 52 -6.23 2.33 3.83
C CYS A 52 -6.02 0.89 4.28
N THR A 53 -6.79 -0.03 3.70
CA THR A 53 -6.69 -1.44 4.04
C THR A 53 -6.92 -2.32 2.82
N GLY A 54 -6.25 -3.47 2.79
CA GLY A 54 -6.40 -4.38 1.67
C GLY A 54 -6.80 -5.77 2.11
N GLU A 55 -8.11 -6.01 2.17
CA GLU A 55 -8.63 -7.31 2.59
C GLU A 55 -9.12 -8.11 1.38
N GLY A 56 -9.00 -9.43 1.48
CA GLY A 56 -9.41 -10.29 0.38
C GLY A 56 -8.51 -11.49 0.21
N THR A 57 -7.20 -11.26 0.24
CA THR A 57 -6.23 -12.33 0.08
C THR A 57 -5.12 -12.23 1.12
N SER A 58 -4.15 -13.13 1.03
CA SER A 58 -3.02 -13.13 1.97
C SER A 58 -1.92 -12.19 1.49
N LYS A 59 -0.84 -12.13 2.26
CA LYS A 59 0.29 -11.28 1.92
C LYS A 59 0.49 -11.22 0.40
N LYS A 60 0.14 -12.29 -0.27
CA LYS A 60 0.27 -12.36 -1.73
C LYS A 60 -0.35 -11.13 -2.39
N LEU A 61 -1.68 -11.07 -2.38
CA LEU A 61 -2.40 -9.95 -2.97
C LEU A 61 -2.71 -8.88 -1.92
N ALA A 62 -3.32 -9.30 -0.82
CA ALA A 62 -3.67 -8.39 0.26
C ALA A 62 -2.66 -7.25 0.37
N LYS A 63 -1.38 -7.61 0.35
CA LYS A 63 -0.31 -6.63 0.45
C LYS A 63 -0.32 -5.68 -0.75
N HIS A 64 -0.38 -6.25 -1.94
CA HIS A 64 -0.40 -5.46 -3.17
C HIS A 64 -1.49 -4.39 -3.10
N ARG A 65 -2.70 -4.81 -2.71
CA ARG A 65 -3.82 -3.88 -2.61
C ARG A 65 -3.57 -2.83 -1.54
N ALA A 66 -3.11 -3.28 -0.37
CA ALA A 66 -2.83 -2.39 0.74
C ALA A 66 -1.96 -1.22 0.29
N ALA A 67 -0.86 -1.53 -0.38
CA ALA A 67 0.06 -0.51 -0.87
C ALA A 67 -0.54 0.26 -2.04
N GLU A 68 -1.26 -0.47 -2.90
CA GLU A 68 -1.89 0.14 -4.07
C GLU A 68 -2.79 1.30 -3.66
N ALA A 69 -3.65 1.05 -2.70
CA ALA A 69 -4.58 2.08 -2.22
C ALA A 69 -3.84 3.40 -1.97
N ALA A 70 -3.01 3.42 -0.94
CA ALA A 70 -2.25 4.62 -0.61
C ALA A 70 -1.82 5.37 -1.86
N ILE A 71 -0.92 4.76 -2.63
CA ILE A 71 -0.43 5.37 -3.86
C ILE A 71 -1.54 6.15 -4.57
N ASN A 72 -2.50 5.42 -5.12
CA ASN A 72 -3.62 6.03 -5.83
C ASN A 72 -4.03 7.34 -5.17
N ILE A 73 -3.96 7.37 -3.84
CA ILE A 73 -4.32 8.56 -3.09
C ILE A 73 -3.18 9.56 -3.07
N LEU A 74 -1.96 9.07 -2.88
CA LEU A 74 -0.78 9.92 -2.84
C LEU A 74 -0.68 10.76 -4.10
N LYS A 75 -1.06 10.18 -5.24
CA LYS A 75 -1.01 10.87 -6.51
C LYS A 75 -2.11 11.92 -6.60
N ALA A 76 -3.36 11.46 -6.60
CA ALA A 76 -4.50 12.36 -6.68
C ALA A 76 -4.50 13.36 -5.53
N ASN A 77 -4.51 12.85 -4.30
CA ASN A 77 -4.51 13.70 -3.12
C ASN A 77 -3.28 14.59 -3.10
N ALA A 78 -2.13 14.02 -3.43
CA ALA A 78 -0.88 14.76 -3.44
C ALA A 78 -0.43 15.12 -2.04
N SER A 79 -0.59 14.19 -1.11
CA SER A 79 -0.20 14.40 0.28
C SER A 79 1.04 15.28 0.37
N GLY A 80 2.05 14.95 -0.44
CA GLY A 80 3.27 15.73 -0.44
C GLY A 80 3.09 17.12 -1.03
N PRO A 81 3.84 17.41 -2.10
CA PRO A 81 3.77 18.71 -2.78
C PRO A 81 2.45 18.90 -3.52
N SER A 82 2.04 20.16 -3.64
CA SER A 82 0.79 20.50 -4.33
C SER A 82 0.86 20.14 -5.81
N SER A 83 -0.26 19.68 -6.36
CA SER A 83 -0.31 19.29 -7.76
C SER A 83 -1.76 19.32 -8.26
N GLY A 84 -1.92 19.20 -9.58
CA GLY A 84 -3.24 19.22 -10.18
C GLY A 84 -3.20 19.41 -11.68
N GLY A 1 -6.03 -12.89 -12.56
CA GLY A 1 -4.98 -12.46 -11.64
C GLY A 1 -3.89 -11.66 -12.34
N SER A 2 -2.69 -11.70 -11.78
CA SER A 2 -1.56 -10.97 -12.34
C SER A 2 -1.24 -11.49 -13.75
N SER A 3 -1.11 -10.55 -14.69
CA SER A 3 -0.81 -10.91 -16.07
C SER A 3 0.55 -10.37 -16.48
N GLY A 4 1.53 -10.50 -15.59
CA GLY A 4 2.87 -10.00 -15.88
C GLY A 4 2.91 -8.51 -16.09
N SER A 5 3.12 -7.77 -15.01
CA SER A 5 3.18 -6.31 -15.07
C SER A 5 4.60 -5.83 -15.33
N SER A 6 4.72 -4.61 -15.86
CA SER A 6 6.02 -4.04 -16.16
C SER A 6 6.34 -2.88 -15.22
N GLY A 7 5.44 -1.90 -15.18
CA GLY A 7 5.64 -0.75 -14.32
C GLY A 7 6.05 -1.14 -12.91
N LYS A 8 6.63 -0.19 -12.18
CA LYS A 8 7.07 -0.45 -10.82
C LYS A 8 5.91 -0.93 -9.96
N THR A 9 6.17 -1.89 -9.08
CA THR A 9 5.15 -2.44 -8.20
C THR A 9 4.68 -1.39 -7.20
N PRO A 10 3.43 -1.55 -6.72
CA PRO A 10 2.83 -0.64 -5.75
C PRO A 10 3.48 -0.74 -4.37
N ILE A 11 4.17 -1.86 -4.13
CA ILE A 11 4.85 -2.08 -2.86
C ILE A 11 6.24 -1.46 -2.85
N GLN A 12 6.89 -1.46 -4.01
CA GLN A 12 8.22 -0.89 -4.13
C GLN A 12 8.18 0.63 -4.19
N VAL A 13 7.17 1.15 -4.88
CA VAL A 13 7.00 2.60 -5.01
C VAL A 13 6.55 3.22 -3.69
N LEU A 14 5.39 2.80 -3.21
CA LEU A 14 4.85 3.31 -1.96
C LEU A 14 5.93 3.40 -0.89
N HIS A 15 6.50 2.26 -0.53
CA HIS A 15 7.56 2.21 0.47
C HIS A 15 8.69 3.16 0.11
N GLU A 16 9.40 2.84 -0.98
CA GLU A 16 10.51 3.66 -1.43
C GLU A 16 10.17 5.14 -1.32
N TYR A 17 8.92 5.48 -1.59
CA TYR A 17 8.47 6.87 -1.51
C TYR A 17 8.37 7.34 -0.07
N GLY A 18 7.65 6.58 0.75
CA GLY A 18 7.49 6.93 2.15
C GLY A 18 8.73 7.60 2.72
N MET A 19 9.87 6.94 2.57
CA MET A 19 11.13 7.48 3.07
C MET A 19 11.25 8.96 2.78
N LYS A 20 11.03 9.34 1.52
CA LYS A 20 11.11 10.73 1.11
C LYS A 20 10.38 11.64 2.10
N THR A 21 9.12 11.30 2.37
CA THR A 21 8.31 12.08 3.30
C THR A 21 8.53 11.64 4.74
N LYS A 22 9.73 11.12 5.01
CA LYS A 22 10.08 10.65 6.35
C LYS A 22 8.92 9.86 6.96
N ASN A 23 8.13 9.21 6.10
CA ASN A 23 7.00 8.42 6.56
C ASN A 23 6.94 7.09 5.81
N ILE A 24 7.18 6.00 6.52
CA ILE A 24 7.15 4.67 5.93
C ILE A 24 5.77 4.04 6.08
N PRO A 25 5.30 3.38 5.01
CA PRO A 25 4.00 2.70 5.01
C PRO A 25 3.96 1.47 5.90
N VAL A 26 3.21 1.57 6.99
CA VAL A 26 3.09 0.46 7.94
C VAL A 26 2.09 -0.58 7.44
N TYR A 27 2.37 -1.85 7.74
CA TYR A 27 1.49 -2.94 7.32
C TYR A 27 1.17 -3.85 8.50
N GLU A 28 -0.12 -3.95 8.83
CA GLU A 28 -0.56 -4.79 9.93
C GLU A 28 -1.81 -5.58 9.55
N CYS A 29 -1.79 -6.88 9.84
CA CYS A 29 -2.92 -7.74 9.52
C CYS A 29 -3.81 -7.93 10.74
N GLU A 30 -4.99 -7.32 10.71
CA GLU A 30 -5.94 -7.42 11.81
C GLU A 30 -6.77 -8.69 11.69
N ARG A 31 -7.50 -8.82 10.59
CA ARG A 31 -8.34 -9.98 10.35
C ARG A 31 -7.60 -11.04 9.56
N SER A 32 -7.50 -12.23 10.13
CA SER A 32 -6.80 -13.34 9.48
C SER A 32 -7.62 -14.62 9.55
N ASP A 33 -8.16 -15.04 8.40
CA ASP A 33 -8.96 -16.25 8.33
C ASP A 33 -8.27 -17.32 7.49
N VAL A 34 -8.10 -18.50 8.08
CA VAL A 34 -7.44 -19.61 7.39
C VAL A 34 -8.40 -20.78 7.21
N GLN A 35 -8.85 -21.00 5.98
CA GLN A 35 -9.76 -22.09 5.68
C GLN A 35 -9.28 -22.89 4.47
N ILE A 36 -8.75 -22.18 3.47
CA ILE A 36 -8.26 -22.83 2.26
C ILE A 36 -6.77 -22.55 2.05
N HIS A 37 -6.22 -23.10 0.98
CA HIS A 37 -4.81 -22.91 0.68
C HIS A 37 -4.40 -21.45 0.85
N VAL A 38 -5.10 -20.56 0.15
CA VAL A 38 -4.81 -19.13 0.23
C VAL A 38 -5.79 -18.42 1.15
N PRO A 39 -5.35 -18.16 2.40
CA PRO A 39 -6.18 -17.47 3.40
C PRO A 39 -6.42 -16.01 3.07
N THR A 40 -6.95 -15.27 4.03
CA THR A 40 -7.23 -13.84 3.83
C THR A 40 -6.61 -13.01 4.93
N PHE A 41 -5.74 -12.07 4.53
CA PHE A 41 -5.08 -11.20 5.48
C PHE A 41 -5.34 -9.73 5.15
N THR A 42 -6.08 -9.06 6.02
CA THR A 42 -6.40 -7.65 5.82
C THR A 42 -5.31 -6.75 6.38
N PHE A 43 -4.49 -6.20 5.49
CA PHE A 43 -3.40 -5.32 5.90
C PHE A 43 -3.85 -3.86 5.87
N ARG A 44 -3.41 -3.10 6.88
CA ARG A 44 -3.77 -1.69 6.98
C ARG A 44 -2.56 -0.81 6.70
N VAL A 45 -2.65 0.01 5.65
CA VAL A 45 -1.57 0.90 5.28
C VAL A 45 -1.83 2.33 5.77
N THR A 46 -0.92 2.83 6.60
CA THR A 46 -1.05 4.18 7.14
C THR A 46 0.15 5.05 6.77
N VAL A 47 -0.05 5.96 5.82
CA VAL A 47 1.02 6.85 5.38
C VAL A 47 0.69 8.30 5.71
N GLY A 48 1.40 8.84 6.70
CA GLY A 48 1.18 10.22 7.10
C GLY A 48 -0.23 10.45 7.62
N ASP A 49 -1.12 10.90 6.73
CA ASP A 49 -2.50 11.16 7.10
C ASP A 49 -3.44 10.17 6.43
N ILE A 50 -2.97 9.53 5.37
CA ILE A 50 -3.76 8.54 4.64
C ILE A 50 -3.72 7.18 5.32
N THR A 51 -4.89 6.56 5.45
CA THR A 51 -4.98 5.24 6.08
C THR A 51 -5.97 4.35 5.34
N CYS A 52 -5.46 3.35 4.64
CA CYS A 52 -6.29 2.42 3.89
C CYS A 52 -6.02 0.98 4.31
N THR A 53 -6.80 0.05 3.77
CA THR A 53 -6.65 -1.36 4.09
C THR A 53 -6.95 -2.24 2.88
N GLY A 54 -6.32 -3.41 2.83
CA GLY A 54 -6.54 -4.31 1.72
C GLY A 54 -7.04 -5.67 2.17
N GLU A 55 -8.35 -5.91 2.01
CA GLU A 55 -8.95 -7.16 2.41
C GLU A 55 -9.40 -7.97 1.19
N GLY A 56 -9.27 -9.29 1.27
CA GLY A 56 -9.66 -10.15 0.17
C GLY A 56 -8.78 -11.37 0.05
N THR A 57 -7.48 -11.17 0.12
CA THR A 57 -6.51 -12.26 0.01
C THR A 57 -5.43 -12.16 1.08
N SER A 58 -4.48 -13.08 1.05
CA SER A 58 -3.40 -13.10 2.02
C SER A 58 -2.25 -12.19 1.57
N LYS A 59 -1.19 -12.14 2.37
CA LYS A 59 -0.02 -11.32 2.06
C LYS A 59 0.22 -11.29 0.55
N LYS A 60 -0.15 -12.37 -0.13
CA LYS A 60 0.04 -12.47 -1.57
C LYS A 60 -0.53 -11.24 -2.28
N LEU A 61 -1.86 -11.15 -2.31
CA LEU A 61 -2.53 -10.03 -2.96
C LEU A 61 -2.86 -8.93 -1.94
N ALA A 62 -3.51 -9.32 -0.85
CA ALA A 62 -3.88 -8.37 0.20
C ALA A 62 -2.85 -7.25 0.31
N LYS A 63 -1.58 -7.64 0.44
CA LYS A 63 -0.50 -6.67 0.55
C LYS A 63 -0.49 -5.72 -0.64
N HIS A 64 -0.47 -6.29 -1.84
CA HIS A 64 -0.46 -5.49 -3.06
C HIS A 64 -1.57 -4.44 -3.04
N ARG A 65 -2.75 -4.85 -2.60
CA ARG A 65 -3.90 -3.95 -2.53
C ARG A 65 -3.64 -2.82 -1.52
N ALA A 66 -3.19 -3.20 -0.33
CA ALA A 66 -2.90 -2.23 0.72
C ALA A 66 -1.99 -1.12 0.20
N ALA A 67 -0.88 -1.52 -0.39
CA ALA A 67 0.09 -0.55 -0.92
C ALA A 67 -0.50 0.20 -2.12
N GLU A 68 -1.29 -0.50 -2.92
CA GLU A 68 -1.90 0.10 -4.10
C GLU A 68 -2.80 1.27 -3.70
N ALA A 69 -3.64 1.04 -2.70
CA ALA A 69 -4.55 2.09 -2.23
C ALA A 69 -3.81 3.39 -1.97
N ALA A 70 -2.92 3.38 -0.98
CA ALA A 70 -2.15 4.57 -0.64
C ALA A 70 -1.70 5.31 -1.89
N ILE A 71 -0.81 4.69 -2.66
CA ILE A 71 -0.30 5.29 -3.89
C ILE A 71 -1.40 6.06 -4.61
N ASN A 72 -2.37 5.33 -5.15
CA ASN A 72 -3.48 5.94 -5.88
C ASN A 72 -3.88 7.27 -5.23
N ILE A 73 -3.84 7.30 -3.89
CA ILE A 73 -4.21 8.50 -3.15
C ILE A 73 -3.06 9.52 -3.16
N LEU A 74 -1.84 9.01 -3.02
CA LEU A 74 -0.66 9.87 -3.00
C LEU A 74 -0.53 10.64 -4.31
N LYS A 75 -1.24 10.17 -5.33
CA LYS A 75 -1.21 10.83 -6.64
C LYS A 75 -2.25 11.93 -6.73
N ALA A 76 -3.48 11.59 -6.36
CA ALA A 76 -4.58 12.55 -6.40
C ALA A 76 -4.56 13.45 -5.17
N ASN A 77 -4.67 12.85 -3.99
CA ASN A 77 -4.66 13.59 -2.75
C ASN A 77 -3.30 14.24 -2.50
N ALA A 78 -2.24 13.49 -2.79
CA ALA A 78 -0.88 13.99 -2.61
C ALA A 78 -0.68 14.53 -1.19
N SER A 79 -0.98 13.70 -0.20
CA SER A 79 -0.84 14.09 1.20
C SER A 79 0.63 14.19 1.58
N GLY A 80 1.00 15.28 2.24
CA GLY A 80 2.38 15.48 2.66
C GLY A 80 2.90 16.84 2.28
N PRO A 81 3.03 17.09 0.97
CA PRO A 81 3.53 18.37 0.45
C PRO A 81 2.55 19.52 0.68
N SER A 82 1.28 19.16 0.86
CA SER A 82 0.24 20.17 1.09
C SER A 82 0.63 21.12 2.20
N SER A 83 0.84 22.39 1.85
CA SER A 83 1.23 23.40 2.81
C SER A 83 0.01 23.92 3.57
N GLY A 84 -1.00 24.37 2.82
CA GLY A 84 -2.21 24.89 3.44
C GLY A 84 -2.76 23.96 4.51
N GLY A 1 16.15 -3.53 -22.17
CA GLY A 1 16.07 -4.53 -23.22
C GLY A 1 15.76 -3.93 -24.58
N SER A 2 14.49 -3.85 -24.92
CA SER A 2 14.07 -3.29 -26.21
C SER A 2 13.13 -2.10 -25.99
N SER A 3 12.13 -2.29 -25.13
CA SER A 3 11.17 -1.23 -24.85
C SER A 3 11.39 -0.65 -23.46
N GLY A 4 11.51 0.68 -23.39
CA GLY A 4 11.73 1.33 -22.11
C GLY A 4 10.43 1.55 -21.35
N SER A 5 9.69 0.47 -21.12
CA SER A 5 8.43 0.55 -20.40
C SER A 5 8.44 -0.38 -19.18
N SER A 6 8.82 0.18 -18.03
CA SER A 6 8.87 -0.59 -16.80
C SER A 6 7.78 -0.15 -15.84
N GLY A 7 7.07 -1.12 -15.26
CA GLY A 7 6.01 -0.82 -14.32
C GLY A 7 6.37 -1.19 -12.90
N LYS A 8 6.86 -0.21 -12.14
CA LYS A 8 7.23 -0.43 -10.75
C LYS A 8 6.05 -0.93 -9.94
N THR A 9 6.30 -1.89 -9.06
CA THR A 9 5.25 -2.46 -8.21
C THR A 9 4.75 -1.43 -7.20
N PRO A 10 3.49 -1.60 -6.77
CA PRO A 10 2.86 -0.70 -5.79
C PRO A 10 3.47 -0.83 -4.40
N ILE A 11 4.17 -1.93 -4.17
CA ILE A 11 4.82 -2.17 -2.88
C ILE A 11 6.19 -1.52 -2.82
N GLN A 12 6.89 -1.52 -3.95
CA GLN A 12 8.22 -0.93 -4.02
C GLN A 12 8.14 0.59 -4.07
N VAL A 13 7.21 1.11 -4.87
CA VAL A 13 7.02 2.55 -5.00
C VAL A 13 6.59 3.18 -3.68
N LEU A 14 5.39 2.80 -3.23
CA LEU A 14 4.85 3.32 -1.98
C LEU A 14 5.94 3.41 -0.91
N HIS A 15 6.46 2.26 -0.50
CA HIS A 15 7.50 2.21 0.52
C HIS A 15 8.66 3.13 0.15
N GLU A 16 9.39 2.78 -0.91
CA GLU A 16 10.53 3.57 -1.37
C GLU A 16 10.23 5.05 -1.22
N TYR A 17 9.00 5.45 -1.56
CA TYR A 17 8.60 6.85 -1.47
C TYR A 17 8.58 7.32 -0.02
N GLY A 18 7.96 6.52 0.85
CA GLY A 18 7.88 6.87 2.25
C GLY A 18 9.14 7.53 2.77
N MET A 19 10.27 6.83 2.63
CA MET A 19 11.55 7.36 3.07
C MET A 19 11.70 8.83 2.70
N LYS A 20 11.19 9.18 1.52
CA LYS A 20 11.28 10.56 1.04
C LYS A 20 10.60 11.51 2.01
N THR A 21 9.34 11.22 2.36
CA THR A 21 8.59 12.04 3.28
C THR A 21 8.83 11.62 4.73
N LYS A 22 9.94 10.94 4.96
CA LYS A 22 10.30 10.47 6.29
C LYS A 22 9.15 9.69 6.93
N ASN A 23 8.30 9.12 6.08
CA ASN A 23 7.15 8.34 6.55
C ASN A 23 7.04 7.03 5.79
N ILE A 24 7.28 5.92 6.51
CA ILE A 24 7.20 4.60 5.90
C ILE A 24 5.80 3.99 6.07
N PRO A 25 5.31 3.35 4.99
CA PRO A 25 3.99 2.71 5.00
C PRO A 25 3.94 1.48 5.90
N VAL A 26 3.20 1.59 6.99
CA VAL A 26 3.07 0.48 7.94
C VAL A 26 2.08 -0.56 7.43
N TYR A 27 2.33 -1.82 7.74
CA TYR A 27 1.47 -2.91 7.31
C TYR A 27 1.14 -3.83 8.48
N GLU A 28 -0.14 -3.90 8.83
CA GLU A 28 -0.58 -4.76 9.94
C GLU A 28 -1.80 -5.58 9.53
N CYS A 29 -1.75 -6.87 9.79
CA CYS A 29 -2.85 -7.77 9.46
C CYS A 29 -3.80 -7.93 10.63
N GLU A 30 -4.95 -7.27 10.56
CA GLU A 30 -5.94 -7.33 11.63
C GLU A 30 -6.71 -8.65 11.58
N ARG A 31 -7.55 -8.79 10.56
CA ARG A 31 -8.35 -10.00 10.38
C ARG A 31 -7.54 -11.09 9.68
N SER A 32 -7.49 -12.27 10.29
CA SER A 32 -6.75 -13.39 9.72
C SER A 32 -7.62 -14.65 9.68
N ASP A 33 -8.25 -14.89 8.54
CA ASP A 33 -9.11 -16.04 8.36
C ASP A 33 -8.40 -17.12 7.54
N VAL A 34 -8.17 -18.28 8.15
CA VAL A 34 -7.50 -19.39 7.48
C VAL A 34 -8.46 -20.57 7.29
N GLN A 35 -9.01 -20.68 6.09
CA GLN A 35 -9.93 -21.77 5.78
C GLN A 35 -9.45 -22.56 4.57
N ILE A 36 -9.14 -21.87 3.49
CA ILE A 36 -8.66 -22.51 2.27
C ILE A 36 -7.16 -22.32 2.10
N HIS A 37 -6.62 -22.87 1.01
CA HIS A 37 -5.20 -22.76 0.73
C HIS A 37 -4.71 -21.32 0.91
N VAL A 38 -5.35 -20.39 0.21
CA VAL A 38 -4.99 -18.98 0.29
C VAL A 38 -5.92 -18.23 1.23
N PRO A 39 -5.44 -17.97 2.45
CA PRO A 39 -6.22 -17.25 3.47
C PRO A 39 -6.40 -15.78 3.13
N THR A 40 -7.06 -15.04 4.01
CA THR A 40 -7.31 -13.63 3.81
C THR A 40 -6.70 -12.80 4.93
N PHE A 41 -5.75 -11.94 4.57
CA PHE A 41 -5.08 -11.09 5.55
C PHE A 41 -5.37 -9.61 5.27
N THR A 42 -6.10 -8.98 6.18
CA THR A 42 -6.45 -7.58 6.03
C THR A 42 -5.32 -6.67 6.50
N PHE A 43 -4.53 -6.18 5.55
CA PHE A 43 -3.42 -5.30 5.87
C PHE A 43 -3.84 -3.83 5.82
N ARG A 44 -3.43 -3.07 6.83
CA ARG A 44 -3.77 -1.66 6.90
C ARG A 44 -2.54 -0.79 6.62
N VAL A 45 -2.65 0.05 5.59
CA VAL A 45 -1.54 0.93 5.22
C VAL A 45 -1.80 2.36 5.69
N THR A 46 -0.89 2.86 6.52
CA THR A 46 -1.01 4.22 7.05
C THR A 46 0.21 5.07 6.68
N VAL A 47 0.00 6.02 5.77
CA VAL A 47 1.08 6.90 5.34
C VAL A 47 0.74 8.36 5.64
N GLY A 48 1.45 8.94 6.60
CA GLY A 48 1.23 10.33 6.96
C GLY A 48 -0.18 10.56 7.49
N ASP A 49 -1.10 10.88 6.59
CA ASP A 49 -2.49 11.13 6.98
C ASP A 49 -3.43 10.13 6.30
N ILE A 50 -2.95 9.51 5.23
CA ILE A 50 -3.75 8.53 4.50
C ILE A 50 -3.70 7.16 5.17
N THR A 51 -4.86 6.53 5.30
CA THR A 51 -4.95 5.21 5.92
C THR A 51 -5.95 4.33 5.19
N CYS A 52 -5.45 3.29 4.54
CA CYS A 52 -6.31 2.37 3.79
C CYS A 52 -6.07 0.93 4.25
N THR A 53 -6.89 0.01 3.74
CA THR A 53 -6.78 -1.40 4.09
C THR A 53 -7.03 -2.29 2.88
N GLY A 54 -6.38 -3.44 2.86
CA GLY A 54 -6.55 -4.37 1.75
C GLY A 54 -7.03 -5.74 2.21
N GLU A 55 -8.33 -6.00 2.02
CA GLU A 55 -8.90 -7.27 2.43
C GLU A 55 -9.31 -8.09 1.21
N GLY A 56 -9.05 -9.39 1.26
CA GLY A 56 -9.41 -10.26 0.15
C GLY A 56 -8.51 -11.49 0.07
N THR A 57 -7.20 -11.26 0.14
CA THR A 57 -6.24 -12.36 0.07
C THR A 57 -5.16 -12.22 1.14
N SER A 58 -4.20 -13.12 1.12
CA SER A 58 -3.10 -13.09 2.10
C SER A 58 -1.98 -12.18 1.62
N LYS A 59 -0.92 -12.11 2.41
CA LYS A 59 0.23 -11.27 2.08
C LYS A 59 0.48 -11.27 0.57
N LYS A 60 0.09 -12.36 -0.09
CA LYS A 60 0.27 -12.48 -1.53
C LYS A 60 -0.32 -11.28 -2.26
N LEU A 61 -1.64 -11.20 -2.28
CA LEU A 61 -2.34 -10.09 -2.95
C LEU A 61 -2.67 -8.99 -1.95
N ALA A 62 -3.31 -9.36 -0.85
CA ALA A 62 -3.69 -8.40 0.18
C ALA A 62 -2.68 -7.26 0.27
N LYS A 63 -1.40 -7.62 0.37
CA LYS A 63 -0.34 -6.64 0.46
C LYS A 63 -0.36 -5.71 -0.74
N HIS A 64 -0.36 -6.29 -1.94
CA HIS A 64 -0.38 -5.52 -3.17
C HIS A 64 -1.50 -4.48 -3.15
N ARG A 65 -2.68 -4.91 -2.68
CA ARG A 65 -3.83 -4.03 -2.61
C ARG A 65 -3.58 -2.88 -1.63
N ALA A 66 -3.18 -3.23 -0.41
CA ALA A 66 -2.91 -2.23 0.62
C ALA A 66 -2.01 -1.12 0.08
N ALA A 67 -0.87 -1.50 -0.47
CA ALA A 67 0.07 -0.54 -1.02
C ALA A 67 -0.53 0.18 -2.23
N GLU A 68 -1.26 -0.56 -3.05
CA GLU A 68 -1.89 0.00 -4.24
C GLU A 68 -2.84 1.13 -3.86
N ALA A 69 -3.64 0.91 -2.83
CA ALA A 69 -4.60 1.91 -2.37
C ALA A 69 -3.91 3.24 -2.09
N ALA A 70 -3.07 3.26 -1.05
CA ALA A 70 -2.35 4.46 -0.67
C ALA A 70 -1.90 5.24 -1.90
N ILE A 71 -0.95 4.67 -2.63
CA ILE A 71 -0.42 5.32 -3.83
C ILE A 71 -1.53 6.08 -4.57
N ASN A 72 -2.46 5.33 -5.15
CA ASN A 72 -3.57 5.93 -5.88
C ASN A 72 -4.01 7.23 -5.23
N ILE A 73 -4.00 7.26 -3.90
CA ILE A 73 -4.41 8.45 -3.15
C ILE A 73 -3.26 9.46 -3.08
N LEU A 74 -2.06 8.96 -2.80
CA LEU A 74 -0.89 9.82 -2.70
C LEU A 74 -0.77 10.74 -3.91
N LYS A 75 -1.27 10.27 -5.05
CA LYS A 75 -1.23 11.05 -6.29
C LYS A 75 -2.29 12.14 -6.27
N ALA A 76 -3.55 11.74 -6.24
CA ALA A 76 -4.66 12.69 -6.21
C ALA A 76 -4.59 13.59 -4.99
N ASN A 77 -4.64 12.98 -3.82
CA ASN A 77 -4.57 13.74 -2.56
C ASN A 77 -3.30 14.57 -2.49
N ALA A 78 -2.17 13.94 -2.82
CA ALA A 78 -0.88 14.61 -2.79
C ALA A 78 -0.39 14.81 -1.36
N SER A 79 -0.59 13.80 -0.52
CA SER A 79 -0.17 13.87 0.88
C SER A 79 1.11 14.67 1.02
N GLY A 80 1.22 15.42 2.11
CA GLY A 80 2.40 16.23 2.35
C GLY A 80 2.16 17.31 3.39
N PRO A 81 3.25 17.88 3.92
CA PRO A 81 3.18 18.94 4.92
C PRO A 81 2.66 20.26 4.35
N SER A 82 2.44 21.23 5.22
CA SER A 82 1.93 22.53 4.80
C SER A 82 2.79 23.13 3.69
N SER A 83 2.17 23.35 2.53
CA SER A 83 2.89 23.90 1.39
C SER A 83 1.93 24.21 0.24
N GLY A 84 2.06 25.40 -0.32
CA GLY A 84 1.19 25.79 -1.42
C GLY A 84 -0.20 26.19 -0.95
N GLY A 1 -3.31 13.15 -15.60
CA GLY A 1 -3.50 12.16 -16.64
C GLY A 1 -2.49 11.03 -16.56
N SER A 2 -2.77 9.94 -17.26
CA SER A 2 -1.88 8.78 -17.26
C SER A 2 -0.42 9.22 -17.18
N SER A 3 0.20 8.99 -16.03
CA SER A 3 1.60 9.36 -15.83
C SER A 3 2.51 8.53 -16.72
N GLY A 4 2.44 7.21 -16.58
CA GLY A 4 3.27 6.33 -17.38
C GLY A 4 4.52 5.90 -16.65
N SER A 5 4.53 4.66 -16.17
CA SER A 5 5.69 4.12 -15.45
C SER A 5 6.14 2.81 -16.06
N SER A 6 7.45 2.67 -16.23
CA SER A 6 8.03 1.45 -16.81
C SER A 6 7.25 0.23 -16.37
N GLY A 7 6.83 0.21 -15.10
CA GLY A 7 6.08 -0.91 -14.57
C GLY A 7 6.50 -1.27 -13.17
N LYS A 8 6.64 -0.26 -12.31
CA LYS A 8 7.04 -0.48 -10.92
C LYS A 8 5.87 -1.02 -10.10
N THR A 9 6.20 -1.80 -9.07
CA THR A 9 5.17 -2.38 -8.21
C THR A 9 4.70 -1.36 -7.17
N PRO A 10 3.46 -1.55 -6.68
CA PRO A 10 2.86 -0.67 -5.67
C PRO A 10 3.53 -0.82 -4.31
N ILE A 11 4.28 -1.90 -4.14
CA ILE A 11 4.96 -2.17 -2.88
C ILE A 11 6.36 -1.55 -2.87
N GLN A 12 6.93 -1.41 -4.06
CA GLN A 12 8.27 -0.83 -4.20
C GLN A 12 8.21 0.69 -4.27
N VAL A 13 7.17 1.20 -4.94
CA VAL A 13 7.00 2.65 -5.08
C VAL A 13 6.56 3.28 -3.76
N LEU A 14 5.43 2.81 -3.23
CA LEU A 14 4.90 3.33 -1.98
C LEU A 14 5.99 3.40 -0.91
N HIS A 15 6.49 2.24 -0.51
CA HIS A 15 7.54 2.16 0.50
C HIS A 15 8.70 3.11 0.15
N GLU A 16 9.41 2.79 -0.92
CA GLU A 16 10.54 3.60 -1.36
C GLU A 16 10.21 5.09 -1.24
N TYR A 17 9.00 5.46 -1.64
CA TYR A 17 8.57 6.85 -1.57
C TYR A 17 8.50 7.34 -0.13
N GLY A 18 7.75 6.62 0.70
CA GLY A 18 7.62 7.00 2.09
C GLY A 18 8.90 7.59 2.65
N MET A 19 10.02 6.95 2.36
CA MET A 19 11.32 7.42 2.84
C MET A 19 11.49 8.91 2.58
N LYS A 20 11.18 9.33 1.36
CA LYS A 20 11.29 10.73 0.99
C LYS A 20 10.48 11.62 1.92
N THR A 21 9.23 11.23 2.16
CA THR A 21 8.35 11.99 3.04
C THR A 21 8.54 11.58 4.49
N LYS A 22 9.77 11.20 4.84
CA LYS A 22 10.09 10.80 6.21
C LYS A 22 8.92 10.01 6.82
N ASN A 23 8.19 9.30 5.99
CA ASN A 23 7.06 8.51 6.45
C ASN A 23 6.98 7.17 5.70
N ILE A 24 7.23 6.09 6.43
CA ILE A 24 7.18 4.75 5.83
C ILE A 24 5.81 4.11 6.03
N PRO A 25 5.32 3.45 4.97
CA PRO A 25 4.01 2.78 5.00
C PRO A 25 4.02 1.55 5.89
N VAL A 26 3.26 1.62 6.99
CA VAL A 26 3.18 0.51 7.93
C VAL A 26 2.18 -0.54 7.46
N TYR A 27 2.43 -1.79 7.80
CA TYR A 27 1.55 -2.89 7.41
C TYR A 27 1.26 -3.80 8.60
N GLU A 28 -0.02 -3.96 8.91
CA GLU A 28 -0.44 -4.81 10.02
C GLU A 28 -1.65 -5.65 9.63
N CYS A 29 -1.70 -6.88 10.15
CA CYS A 29 -2.80 -7.79 9.86
C CYS A 29 -3.89 -7.67 10.91
N GLU A 30 -5.08 -7.27 10.48
CA GLU A 30 -6.21 -7.12 11.39
C GLU A 30 -6.97 -8.43 11.54
N ARG A 31 -7.48 -8.95 10.42
CA ARG A 31 -8.23 -10.20 10.42
C ARG A 31 -7.55 -11.25 9.55
N SER A 32 -7.42 -12.45 10.09
CA SER A 32 -6.78 -13.55 9.37
C SER A 32 -7.58 -14.83 9.51
N ASP A 33 -8.13 -15.30 8.38
CA ASP A 33 -8.92 -16.52 8.38
C ASP A 33 -8.25 -17.59 7.51
N VAL A 34 -8.10 -18.79 8.08
CA VAL A 34 -7.48 -19.90 7.36
C VAL A 34 -8.47 -21.05 7.18
N GLN A 35 -9.09 -21.11 6.01
CA GLN A 35 -10.05 -22.16 5.71
C GLN A 35 -9.75 -22.80 4.35
N ILE A 36 -9.28 -21.99 3.42
CA ILE A 36 -8.95 -22.48 2.08
C ILE A 36 -7.46 -22.34 1.80
N HIS A 37 -7.00 -22.99 0.73
CA HIS A 37 -5.60 -22.94 0.34
C HIS A 37 -5.08 -21.51 0.36
N VAL A 38 -5.96 -20.56 0.08
CA VAL A 38 -5.59 -19.15 0.06
C VAL A 38 -6.37 -18.37 1.12
N PRO A 39 -5.71 -18.11 2.26
CA PRO A 39 -6.31 -17.36 3.37
C PRO A 39 -6.52 -15.89 3.04
N THR A 40 -7.12 -15.16 3.98
CA THR A 40 -7.38 -13.75 3.79
C THR A 40 -6.80 -12.92 4.93
N PHE A 41 -5.87 -12.02 4.58
CA PHE A 41 -5.24 -11.17 5.58
C PHE A 41 -5.52 -9.69 5.29
N THR A 42 -6.13 -9.02 6.27
CA THR A 42 -6.46 -7.60 6.12
C THR A 42 -5.28 -6.72 6.54
N PHE A 43 -4.56 -6.20 5.55
CA PHE A 43 -3.42 -5.35 5.81
C PHE A 43 -3.82 -3.87 5.80
N ARG A 44 -3.44 -3.15 6.84
CA ARG A 44 -3.76 -1.73 6.95
C ARG A 44 -2.53 -0.86 6.68
N VAL A 45 -2.61 -0.03 5.66
CA VAL A 45 -1.50 0.85 5.30
C VAL A 45 -1.76 2.28 5.78
N THR A 46 -0.84 2.80 6.59
CA THR A 46 -0.96 4.15 7.12
C THR A 46 0.24 5.01 6.71
N VAL A 47 -0.01 5.97 5.83
CA VAL A 47 1.05 6.86 5.37
C VAL A 47 0.73 8.31 5.69
N GLY A 48 1.43 8.86 6.68
CA GLY A 48 1.20 10.23 7.08
C GLY A 48 -0.19 10.46 7.63
N ASP A 49 -1.12 10.80 6.75
CA ASP A 49 -2.50 11.04 7.16
C ASP A 49 -3.45 10.07 6.46
N ILE A 50 -3.02 9.54 5.33
CA ILE A 50 -3.83 8.60 4.56
C ILE A 50 -3.72 7.18 5.13
N THR A 51 -4.86 6.54 5.31
CA THR A 51 -4.89 5.18 5.83
C THR A 51 -5.90 4.32 5.09
N CYS A 52 -5.42 3.23 4.50
CA CYS A 52 -6.29 2.32 3.75
C CYS A 52 -6.08 0.88 4.21
N THR A 53 -6.96 -0.01 3.75
CA THR A 53 -6.87 -1.42 4.12
C THR A 53 -7.13 -2.32 2.91
N GLY A 54 -6.41 -3.43 2.84
CA GLY A 54 -6.57 -4.35 1.73
C GLY A 54 -7.04 -5.72 2.19
N GLU A 55 -8.36 -5.95 2.12
CA GLU A 55 -8.93 -7.22 2.53
C GLU A 55 -9.39 -8.02 1.32
N GLY A 56 -9.23 -9.34 1.40
CA GLY A 56 -9.62 -10.20 0.30
C GLY A 56 -8.73 -11.42 0.17
N THR A 57 -7.42 -11.20 0.22
CA THR A 57 -6.45 -12.28 0.11
C THR A 57 -5.35 -12.16 1.16
N SER A 58 -4.39 -13.07 1.11
CA SER A 58 -3.29 -13.07 2.07
C SER A 58 -2.16 -12.16 1.59
N LYS A 59 -1.09 -12.09 2.37
CA LYS A 59 0.06 -11.26 2.02
C LYS A 59 0.28 -11.23 0.52
N LYS A 60 -0.07 -12.32 -0.15
CA LYS A 60 0.08 -12.41 -1.59
C LYS A 60 -0.51 -11.20 -2.29
N LEU A 61 -1.85 -11.11 -2.30
CA LEU A 61 -2.53 -10.00 -2.93
C LEU A 61 -2.85 -8.90 -1.91
N ALA A 62 -3.49 -9.30 -0.81
CA ALA A 62 -3.85 -8.36 0.25
C ALA A 62 -2.83 -7.23 0.35
N LYS A 63 -1.55 -7.60 0.43
CA LYS A 63 -0.47 -6.64 0.54
C LYS A 63 -0.48 -5.68 -0.65
N HIS A 64 -0.44 -6.24 -1.86
CA HIS A 64 -0.45 -5.44 -3.07
C HIS A 64 -1.57 -4.40 -3.04
N ARG A 65 -2.73 -4.81 -2.55
CA ARG A 65 -3.88 -3.91 -2.45
C ARG A 65 -3.61 -2.78 -1.46
N ALA A 66 -3.17 -3.16 -0.26
CA ALA A 66 -2.88 -2.18 0.79
C ALA A 66 -1.98 -1.07 0.26
N ALA A 67 -0.88 -1.45 -0.37
CA ALA A 67 0.07 -0.48 -0.93
C ALA A 67 -0.52 0.22 -2.14
N GLU A 68 -1.33 -0.50 -2.91
CA GLU A 68 -1.96 0.06 -4.09
C GLU A 68 -2.87 1.24 -3.73
N ALA A 69 -3.69 1.03 -2.70
CA ALA A 69 -4.62 2.07 -2.25
C ALA A 69 -3.88 3.38 -2.01
N ALA A 70 -3.02 3.39 -1.00
CA ALA A 70 -2.25 4.59 -0.67
C ALA A 70 -1.81 5.33 -1.92
N ILE A 71 -0.88 4.73 -2.67
CA ILE A 71 -0.37 5.33 -3.88
C ILE A 71 -1.47 6.09 -4.62
N ASN A 72 -2.44 5.36 -5.16
CA ASN A 72 -3.55 5.97 -5.87
C ASN A 72 -3.95 7.29 -5.24
N ILE A 73 -3.96 7.34 -3.92
CA ILE A 73 -4.32 8.55 -3.19
C ILE A 73 -3.17 9.55 -3.18
N LEU A 74 -1.97 9.06 -2.89
CA LEU A 74 -0.79 9.92 -2.86
C LEU A 74 -0.69 10.77 -4.12
N LYS A 75 -1.15 10.22 -5.23
CA LYS A 75 -1.12 10.93 -6.51
C LYS A 75 -2.16 12.03 -6.54
N ALA A 76 -3.43 11.64 -6.50
CA ALA A 76 -4.53 12.59 -6.52
C ALA A 76 -4.46 13.54 -5.32
N ASN A 77 -4.50 12.97 -4.13
CA ASN A 77 -4.44 13.75 -2.91
C ASN A 77 -3.21 14.64 -2.89
N ALA A 78 -2.06 14.06 -3.23
CA ALA A 78 -0.80 14.80 -3.25
C ALA A 78 -0.37 15.18 -1.85
N SER A 79 -0.32 14.19 -0.96
CA SER A 79 0.09 14.43 0.42
C SER A 79 1.16 15.52 0.50
N GLY A 80 1.06 16.36 1.53
CA GLY A 80 2.04 17.43 1.69
C GLY A 80 1.42 18.81 1.52
N PRO A 81 1.88 19.77 2.34
CA PRO A 81 1.37 21.15 2.29
C PRO A 81 1.79 21.88 1.02
N SER A 82 3.09 21.84 0.71
CA SER A 82 3.61 22.49 -0.47
C SER A 82 3.11 21.81 -1.75
N SER A 83 3.18 22.53 -2.85
CA SER A 83 2.73 22.00 -4.14
C SER A 83 3.03 20.51 -4.24
N GLY A 84 2.10 19.76 -4.82
CA GLY A 84 2.28 18.33 -4.97
C GLY A 84 2.30 17.61 -3.63
N GLY A 1 7.50 9.99 -18.90
CA GLY A 1 8.42 10.87 -19.61
C GLY A 1 9.75 10.19 -19.91
N SER A 2 10.42 9.72 -18.86
CA SER A 2 11.70 9.06 -19.02
C SER A 2 11.61 7.59 -18.62
N SER A 3 12.37 6.75 -19.31
CA SER A 3 12.37 5.31 -19.03
C SER A 3 13.20 5.00 -17.78
N GLY A 4 12.85 3.91 -17.11
CA GLY A 4 13.57 3.52 -15.91
C GLY A 4 12.76 2.59 -15.03
N SER A 5 11.58 3.05 -14.61
CA SER A 5 10.71 2.25 -13.75
C SER A 5 10.35 0.93 -14.43
N SER A 6 9.96 1.01 -15.70
CA SER A 6 9.58 -0.18 -16.45
C SER A 6 8.52 -0.98 -15.71
N GLY A 7 7.51 -0.28 -15.20
CA GLY A 7 6.44 -0.95 -14.46
C GLY A 7 6.85 -1.30 -13.05
N LYS A 8 6.88 -0.31 -12.17
CA LYS A 8 7.26 -0.52 -10.77
C LYS A 8 6.06 -1.02 -9.97
N THR A 9 6.32 -1.97 -9.07
CA THR A 9 5.27 -2.53 -8.24
C THR A 9 4.76 -1.51 -7.23
N PRO A 10 3.50 -1.68 -6.79
CA PRO A 10 2.87 -0.79 -5.82
C PRO A 10 3.47 -0.92 -4.43
N ILE A 11 4.24 -1.98 -4.23
CA ILE A 11 4.88 -2.21 -2.94
C ILE A 11 6.26 -1.57 -2.87
N GLN A 12 6.94 -1.53 -4.01
CA GLN A 12 8.27 -0.94 -4.09
C GLN A 12 8.18 0.58 -4.19
N VAL A 13 7.17 1.06 -4.91
CA VAL A 13 6.98 2.50 -5.09
C VAL A 13 6.54 3.15 -3.78
N LEU A 14 5.39 2.74 -3.27
CA LEU A 14 4.85 3.29 -2.03
C LEU A 14 5.96 3.40 -0.97
N HIS A 15 6.48 2.25 -0.55
CA HIS A 15 7.54 2.21 0.45
C HIS A 15 8.68 3.15 0.07
N GLU A 16 9.42 2.79 -0.96
CA GLU A 16 10.54 3.59 -1.42
C GLU A 16 10.20 5.08 -1.37
N TYR A 17 8.96 5.41 -1.72
CA TYR A 17 8.51 6.79 -1.72
C TYR A 17 8.44 7.34 -0.30
N GLY A 18 7.62 6.69 0.53
CA GLY A 18 7.48 7.12 1.91
C GLY A 18 8.76 7.67 2.49
N MET A 19 9.88 7.06 2.13
CA MET A 19 11.19 7.50 2.62
C MET A 19 11.36 9.00 2.42
N LYS A 20 11.12 9.47 1.20
CA LYS A 20 11.24 10.89 0.89
C LYS A 20 10.46 11.74 1.88
N THR A 21 9.22 11.35 2.13
CA THR A 21 8.36 12.08 3.06
C THR A 21 8.61 11.63 4.50
N LYS A 22 9.82 11.17 4.77
CA LYS A 22 10.19 10.72 6.10
C LYS A 22 9.05 9.95 6.75
N ASN A 23 8.27 9.25 5.93
CA ASN A 23 7.14 8.47 6.43
C ASN A 23 7.05 7.13 5.70
N ILE A 24 7.30 6.05 6.43
CA ILE A 24 7.24 4.71 5.86
C ILE A 24 5.85 4.11 6.03
N PRO A 25 5.35 3.45 4.98
CA PRO A 25 4.04 2.80 4.99
C PRO A 25 4.01 1.57 5.89
N VAL A 26 3.21 1.63 6.95
CA VAL A 26 3.09 0.53 7.88
C VAL A 26 2.11 -0.53 7.37
N TYR A 27 2.37 -1.79 7.72
CA TYR A 27 1.53 -2.89 7.28
C TYR A 27 1.19 -3.82 8.45
N GLU A 28 -0.05 -3.73 8.92
CA GLU A 28 -0.50 -4.55 10.03
C GLU A 28 -1.73 -5.38 9.65
N CYS A 29 -1.74 -6.64 10.04
CA CYS A 29 -2.86 -7.53 9.74
C CYS A 29 -3.93 -7.45 10.82
N GLU A 30 -5.16 -7.17 10.40
CA GLU A 30 -6.28 -7.06 11.33
C GLU A 30 -7.01 -8.39 11.46
N ARG A 31 -7.62 -8.84 10.36
CA ARG A 31 -8.35 -10.09 10.36
C ARG A 31 -7.62 -11.15 9.54
N SER A 32 -7.57 -12.36 10.06
CA SER A 32 -6.89 -13.47 9.39
C SER A 32 -7.74 -14.73 9.41
N ASP A 33 -8.22 -15.13 8.24
CA ASP A 33 -9.06 -16.33 8.12
C ASP A 33 -8.33 -17.42 7.34
N VAL A 34 -8.17 -18.58 7.97
CA VAL A 34 -7.49 -19.70 7.34
C VAL A 34 -8.45 -20.87 7.12
N GLN A 35 -8.97 -20.97 5.90
CA GLN A 35 -9.92 -22.03 5.56
C GLN A 35 -9.43 -22.80 4.34
N ILE A 36 -8.73 -22.11 3.44
CA ILE A 36 -8.22 -22.73 2.22
C ILE A 36 -6.74 -22.43 2.04
N HIS A 37 -6.11 -23.14 1.11
CA HIS A 37 -4.68 -22.95 0.84
C HIS A 37 -4.29 -21.48 0.99
N VAL A 38 -5.00 -20.61 0.28
CA VAL A 38 -4.73 -19.18 0.35
C VAL A 38 -5.72 -18.46 1.25
N PRO A 39 -5.28 -18.18 2.49
CA PRO A 39 -6.12 -17.50 3.48
C PRO A 39 -6.36 -16.04 3.13
N THR A 40 -6.95 -15.29 4.06
CA THR A 40 -7.24 -13.88 3.85
C THR A 40 -6.70 -13.02 4.98
N PHE A 41 -5.88 -12.04 4.64
CA PHE A 41 -5.29 -11.15 5.63
C PHE A 41 -5.59 -9.69 5.30
N THR A 42 -6.11 -8.96 6.28
CA THR A 42 -6.45 -7.56 6.10
C THR A 42 -5.31 -6.65 6.57
N PHE A 43 -4.50 -6.20 5.62
CA PHE A 43 -3.37 -5.33 5.93
C PHE A 43 -3.77 -3.85 5.82
N ARG A 44 -3.42 -3.08 6.84
CA ARG A 44 -3.75 -1.66 6.87
C ARG A 44 -2.51 -0.81 6.56
N VAL A 45 -2.63 0.05 5.55
CA VAL A 45 -1.52 0.91 5.15
C VAL A 45 -1.73 2.34 5.65
N THR A 46 -0.81 2.82 6.48
CA THR A 46 -0.89 4.16 7.02
C THR A 46 0.29 5.01 6.59
N VAL A 47 0.02 6.02 5.78
CA VAL A 47 1.07 6.91 5.28
C VAL A 47 0.73 8.38 5.58
N GLY A 48 1.38 8.93 6.60
CA GLY A 48 1.14 10.31 6.96
C GLY A 48 -0.24 10.53 7.52
N ASP A 49 -1.21 10.76 6.64
CA ASP A 49 -2.59 10.99 7.06
C ASP A 49 -3.53 10.00 6.37
N ILE A 50 -3.04 9.38 5.31
CA ILE A 50 -3.84 8.41 4.55
C ILE A 50 -3.78 7.03 5.20
N THR A 51 -4.95 6.40 5.35
CA THR A 51 -5.03 5.08 5.95
C THR A 51 -6.00 4.18 5.18
N CYS A 52 -5.48 3.10 4.63
CA CYS A 52 -6.31 2.16 3.87
C CYS A 52 -6.11 0.74 4.36
N THR A 53 -6.90 -0.19 3.82
CA THR A 53 -6.81 -1.59 4.21
C THR A 53 -7.10 -2.50 3.03
N GLY A 54 -6.23 -3.49 2.81
CA GLY A 54 -6.41 -4.41 1.71
C GLY A 54 -6.94 -5.75 2.17
N GLU A 55 -8.25 -5.94 2.02
CA GLU A 55 -8.88 -7.19 2.42
C GLU A 55 -9.28 -8.03 1.21
N GLY A 56 -9.13 -9.34 1.32
CA GLY A 56 -9.48 -10.22 0.22
C GLY A 56 -8.58 -11.45 0.16
N THR A 57 -7.27 -11.24 0.23
CA THR A 57 -6.32 -12.34 0.18
C THR A 57 -5.24 -12.18 1.25
N SER A 58 -4.28 -13.09 1.26
CA SER A 58 -3.19 -13.05 2.24
C SER A 58 -2.07 -12.14 1.76
N LYS A 59 -1.01 -12.05 2.56
CA LYS A 59 0.12 -11.21 2.22
C LYS A 59 0.38 -11.21 0.72
N LYS A 60 0.03 -12.32 0.06
CA LYS A 60 0.23 -12.45 -1.37
C LYS A 60 -0.37 -11.24 -2.11
N LEU A 61 -1.69 -11.18 -2.15
CA LEU A 61 -2.38 -10.08 -2.82
C LEU A 61 -2.72 -8.97 -1.83
N ALA A 62 -3.36 -9.34 -0.73
CA ALA A 62 -3.75 -8.39 0.30
C ALA A 62 -2.73 -7.25 0.40
N LYS A 63 -1.46 -7.61 0.51
CA LYS A 63 -0.39 -6.63 0.61
C LYS A 63 -0.37 -5.71 -0.61
N HIS A 64 -0.36 -6.31 -1.80
CA HIS A 64 -0.35 -5.54 -3.04
C HIS A 64 -1.44 -4.46 -3.02
N ARG A 65 -2.65 -4.85 -2.67
CA ARG A 65 -3.77 -3.93 -2.61
C ARG A 65 -3.54 -2.86 -1.55
N ALA A 66 -3.07 -3.27 -0.38
CA ALA A 66 -2.80 -2.35 0.72
C ALA A 66 -1.92 -1.19 0.25
N ALA A 67 -0.82 -1.52 -0.41
CA ALA A 67 0.10 -0.50 -0.91
C ALA A 67 -0.51 0.26 -2.08
N GLU A 68 -1.23 -0.46 -2.93
CA GLU A 68 -1.86 0.15 -4.10
C GLU A 68 -2.78 1.30 -3.69
N ALA A 69 -3.65 1.04 -2.72
CA ALA A 69 -4.57 2.05 -2.22
C ALA A 69 -3.85 3.38 -1.96
N ALA A 70 -3.05 3.40 -0.90
CA ALA A 70 -2.30 4.60 -0.53
C ALA A 70 -1.85 5.35 -1.79
N ILE A 71 -0.94 4.74 -2.53
CA ILE A 71 -0.41 5.36 -3.75
C ILE A 71 -1.50 6.12 -4.49
N ASN A 72 -2.44 5.38 -5.08
CA ASN A 72 -3.54 5.98 -5.82
C ASN A 72 -3.99 7.28 -5.16
N ILE A 73 -3.94 7.33 -3.84
CA ILE A 73 -4.33 8.51 -3.09
C ILE A 73 -3.20 9.53 -3.03
N LEU A 74 -1.99 9.04 -2.83
CA LEU A 74 -0.81 9.90 -2.76
C LEU A 74 -0.69 10.77 -4.01
N LYS A 75 -1.17 10.25 -5.14
CA LYS A 75 -1.12 10.97 -6.40
C LYS A 75 -2.11 12.13 -6.40
N ALA A 76 -3.39 11.80 -6.22
CA ALA A 76 -4.43 12.82 -6.21
C ALA A 76 -4.38 13.64 -4.92
N ASN A 77 -4.49 12.96 -3.78
CA ASN A 77 -4.44 13.62 -2.49
C ASN A 77 -3.20 14.49 -2.36
N ALA A 78 -2.11 14.05 -2.98
CA ALA A 78 -0.86 14.79 -2.94
C ALA A 78 -0.43 15.07 -1.51
N SER A 79 -0.58 14.05 -0.66
CA SER A 79 -0.21 14.18 0.75
C SER A 79 1.07 15.02 0.91
N GLY A 80 0.98 16.08 1.70
CA GLY A 80 2.14 16.93 1.92
C GLY A 80 1.76 18.29 2.46
N PRO A 81 1.34 19.20 1.56
CA PRO A 81 0.94 20.55 1.94
C PRO A 81 -0.37 20.58 2.71
N SER A 82 -1.00 19.41 2.83
CA SER A 82 -2.27 19.31 3.54
C SER A 82 -2.25 20.16 4.81
N SER A 83 -1.32 19.87 5.69
CA SER A 83 -1.20 20.62 6.94
C SER A 83 -1.10 22.11 6.69
N GLY A 84 -1.79 22.90 7.50
CA GLY A 84 -1.76 24.34 7.34
C GLY A 84 -3.12 24.98 7.59
N GLY A 1 9.02 8.14 -15.38
CA GLY A 1 9.90 7.33 -16.20
C GLY A 1 10.84 6.48 -15.38
N SER A 2 11.48 5.51 -16.03
CA SER A 2 12.42 4.62 -15.35
C SER A 2 13.20 3.78 -16.35
N SER A 3 14.43 3.43 -16.00
CA SER A 3 15.28 2.62 -16.86
C SER A 3 15.40 1.19 -16.34
N GLY A 4 15.08 0.23 -17.20
CA GLY A 4 15.16 -1.17 -16.81
C GLY A 4 13.79 -1.78 -16.57
N SER A 5 13.25 -1.57 -15.39
CA SER A 5 11.94 -2.11 -15.03
C SER A 5 10.82 -1.20 -15.53
N SER A 6 9.96 -1.75 -16.38
CA SER A 6 8.85 -0.99 -16.94
C SER A 6 7.55 -1.30 -16.20
N GLY A 7 7.32 -0.60 -15.09
CA GLY A 7 6.11 -0.82 -14.32
C GLY A 7 6.41 -1.16 -12.87
N LYS A 8 6.99 -0.21 -12.15
CA LYS A 8 7.34 -0.40 -10.75
C LYS A 8 6.13 -0.93 -9.97
N THR A 9 6.38 -1.88 -9.08
CA THR A 9 5.32 -2.46 -8.26
C THR A 9 4.78 -1.46 -7.25
N PRO A 10 3.52 -1.65 -6.84
CA PRO A 10 2.86 -0.76 -5.87
C PRO A 10 3.44 -0.90 -4.47
N ILE A 11 4.24 -1.94 -4.27
CA ILE A 11 4.86 -2.19 -2.97
C ILE A 11 6.21 -1.51 -2.87
N GLN A 12 6.92 -1.43 -3.99
CA GLN A 12 8.23 -0.80 -4.04
C GLN A 12 8.10 0.72 -4.09
N VAL A 13 7.16 1.19 -4.90
CA VAL A 13 6.93 2.63 -5.06
C VAL A 13 6.46 3.25 -3.74
N LEU A 14 5.31 2.79 -3.25
CA LEU A 14 4.76 3.30 -2.00
C LEU A 14 5.84 3.43 -0.93
N HIS A 15 6.39 2.28 -0.51
CA HIS A 15 7.44 2.26 0.50
C HIS A 15 8.55 3.23 0.14
N GLU A 16 9.33 2.87 -0.88
CA GLU A 16 10.45 3.71 -1.32
C GLU A 16 10.07 5.19 -1.25
N TYR A 17 8.83 5.50 -1.61
CA TYR A 17 8.36 6.87 -1.59
C TYR A 17 8.27 7.40 -0.15
N GLY A 18 7.46 6.72 0.67
CA GLY A 18 7.29 7.13 2.04
C GLY A 18 8.56 7.70 2.64
N MET A 19 9.71 7.17 2.22
CA MET A 19 11.00 7.65 2.71
C MET A 19 11.13 9.16 2.55
N LYS A 20 10.96 9.64 1.32
CA LYS A 20 11.05 11.06 1.03
C LYS A 20 10.26 11.87 2.06
N THR A 21 9.02 11.45 2.30
CA THR A 21 8.16 12.14 3.25
C THR A 21 8.43 11.67 4.68
N LYS A 22 9.67 11.25 4.93
CA LYS A 22 10.05 10.77 6.25
C LYS A 22 8.93 9.96 6.89
N ASN A 23 8.10 9.35 6.06
CA ASN A 23 6.98 8.54 6.54
C ASN A 23 6.90 7.21 5.79
N ILE A 24 7.16 6.13 6.50
CA ILE A 24 7.13 4.79 5.90
C ILE A 24 5.75 4.16 6.09
N PRO A 25 5.25 3.51 5.01
CA PRO A 25 3.95 2.85 5.03
C PRO A 25 3.94 1.59 5.90
N VAL A 26 3.16 1.63 6.98
CA VAL A 26 3.06 0.50 7.89
C VAL A 26 2.08 -0.55 7.37
N TYR A 27 2.36 -1.81 7.68
CA TYR A 27 1.50 -2.91 7.24
C TYR A 27 1.21 -3.86 8.40
N GLU A 28 -0.01 -3.79 8.91
CA GLU A 28 -0.43 -4.63 10.02
C GLU A 28 -1.62 -5.50 9.64
N CYS A 29 -1.65 -6.73 10.13
CA CYS A 29 -2.74 -7.65 9.83
C CYS A 29 -3.80 -7.61 10.92
N GLU A 30 -5.01 -7.21 10.55
CA GLU A 30 -6.11 -7.12 11.51
C GLU A 30 -6.85 -8.45 11.60
N ARG A 31 -7.46 -8.86 10.49
CA ARG A 31 -8.21 -10.12 10.44
C ARG A 31 -7.44 -11.17 9.64
N SER A 32 -7.35 -12.37 10.21
CA SER A 32 -6.65 -13.47 9.56
C SER A 32 -7.49 -14.73 9.56
N ASP A 33 -8.19 -14.98 8.44
CA ASP A 33 -9.03 -16.16 8.31
C ASP A 33 -8.38 -17.20 7.41
N VAL A 34 -8.23 -18.41 7.93
CA VAL A 34 -7.62 -19.50 7.17
C VAL A 34 -8.61 -20.64 6.94
N GLN A 35 -9.05 -20.79 5.70
CA GLN A 35 -10.00 -21.84 5.35
C GLN A 35 -9.53 -22.62 4.13
N ILE A 36 -9.12 -21.89 3.09
CA ILE A 36 -8.64 -22.51 1.86
C ILE A 36 -7.16 -22.25 1.65
N HIS A 37 -6.60 -22.85 0.61
CA HIS A 37 -5.19 -22.67 0.30
C HIS A 37 -4.77 -21.22 0.47
N VAL A 38 -5.51 -20.30 -0.17
CA VAL A 38 -5.22 -18.88 -0.08
C VAL A 38 -6.14 -18.19 0.93
N PRO A 39 -5.63 -17.96 2.14
CA PRO A 39 -6.39 -17.30 3.21
C PRO A 39 -6.64 -15.82 2.91
N THR A 40 -7.25 -15.13 3.87
CA THR A 40 -7.55 -13.72 3.73
C THR A 40 -6.90 -12.89 4.83
N PHE A 41 -6.00 -11.99 4.45
CA PHE A 41 -5.32 -11.14 5.41
C PHE A 41 -5.61 -9.66 5.13
N THR A 42 -5.99 -8.94 6.17
CA THR A 42 -6.30 -7.52 6.05
C THR A 42 -5.12 -6.66 6.47
N PHE A 43 -4.44 -6.07 5.49
CA PHE A 43 -3.28 -5.22 5.76
C PHE A 43 -3.69 -3.74 5.77
N ARG A 44 -3.45 -3.07 6.88
CA ARG A 44 -3.78 -1.65 7.01
C ARG A 44 -2.58 -0.79 6.70
N VAL A 45 -2.68 0.03 5.66
CA VAL A 45 -1.60 0.92 5.26
C VAL A 45 -1.84 2.34 5.76
N THR A 46 -0.90 2.84 6.56
CA THR A 46 -1.00 4.18 7.11
C THR A 46 0.19 5.04 6.69
N VAL A 47 -0.07 6.02 5.83
CA VAL A 47 0.99 6.92 5.35
C VAL A 47 0.65 8.37 5.67
N GLY A 48 1.37 8.93 6.64
CA GLY A 48 1.13 10.32 7.01
C GLY A 48 -0.25 10.53 7.59
N ASP A 49 -1.21 10.87 6.71
CA ASP A 49 -2.58 11.09 7.14
C ASP A 49 -3.54 10.12 6.46
N ILE A 50 -3.09 9.53 5.36
CA ILE A 50 -3.90 8.58 4.62
C ILE A 50 -3.83 7.18 5.25
N THR A 51 -4.98 6.62 5.55
CA THR A 51 -5.05 5.29 6.14
C THR A 51 -6.02 4.39 5.39
N CYS A 52 -5.48 3.38 4.71
CA CYS A 52 -6.29 2.45 3.94
C CYS A 52 -6.05 1.02 4.39
N THR A 53 -6.83 0.09 3.84
CA THR A 53 -6.71 -1.32 4.19
C THR A 53 -6.95 -2.20 2.98
N GLY A 54 -6.18 -3.28 2.87
CA GLY A 54 -6.32 -4.20 1.75
C GLY A 54 -6.91 -5.53 2.17
N GLU A 55 -8.23 -5.66 2.07
CA GLU A 55 -8.91 -6.89 2.43
C GLU A 55 -9.39 -7.64 1.19
N GLY A 56 -9.27 -8.96 1.23
CA GLY A 56 -9.70 -9.78 0.10
C GLY A 56 -8.89 -11.05 -0.03
N THR A 57 -7.57 -10.93 0.05
CA THR A 57 -6.68 -12.07 -0.08
C THR A 57 -5.60 -12.05 1.01
N SER A 58 -4.69 -13.02 0.96
CA SER A 58 -3.62 -13.12 1.93
C SER A 58 -2.43 -12.27 1.51
N LYS A 59 -1.40 -12.23 2.34
CA LYS A 59 -0.20 -11.46 2.06
C LYS A 59 0.09 -11.45 0.56
N LYS A 60 -0.25 -12.53 -0.12
CA LYS A 60 -0.04 -12.65 -1.55
C LYS A 60 -0.57 -11.42 -2.29
N LEU A 61 -1.89 -11.30 -2.34
CA LEU A 61 -2.53 -10.18 -3.01
C LEU A 61 -2.83 -9.05 -2.02
N ALA A 62 -3.49 -9.40 -0.92
CA ALA A 62 -3.84 -8.43 0.10
C ALA A 62 -2.79 -7.33 0.20
N LYS A 63 -1.52 -7.73 0.33
CA LYS A 63 -0.42 -6.78 0.43
C LYS A 63 -0.40 -5.84 -0.77
N HIS A 64 -0.35 -6.41 -1.97
CA HIS A 64 -0.33 -5.62 -3.20
C HIS A 64 -1.43 -4.57 -3.17
N ARG A 65 -2.63 -4.99 -2.78
CA ARG A 65 -3.77 -4.08 -2.72
C ARG A 65 -3.57 -3.01 -1.65
N ALA A 66 -3.07 -3.43 -0.49
CA ALA A 66 -2.82 -2.51 0.61
C ALA A 66 -1.96 -1.33 0.16
N ALA A 67 -0.84 -1.64 -0.48
CA ALA A 67 0.08 -0.61 -0.97
C ALA A 67 -0.54 0.16 -2.13
N GLU A 68 -1.24 -0.55 -3.01
CA GLU A 68 -1.87 0.07 -4.16
C GLU A 68 -2.78 1.23 -3.73
N ALA A 69 -3.67 0.95 -2.77
CA ALA A 69 -4.58 1.96 -2.27
C ALA A 69 -3.86 3.28 -1.99
N ALA A 70 -3.06 3.29 -0.94
CA ALA A 70 -2.30 4.48 -0.56
C ALA A 70 -1.82 5.23 -1.80
N ILE A 71 -0.92 4.60 -2.54
CA ILE A 71 -0.37 5.20 -3.75
C ILE A 71 -1.44 5.98 -4.52
N ASN A 72 -2.40 5.25 -5.09
CA ASN A 72 -3.48 5.86 -5.84
C ASN A 72 -3.91 7.18 -5.21
N ILE A 73 -3.80 7.25 -3.89
CA ILE A 73 -4.17 8.46 -3.15
C ILE A 73 -3.01 9.43 -3.06
N LEU A 74 -1.81 8.89 -2.85
CA LEU A 74 -0.60 9.70 -2.75
C LEU A 74 -0.40 10.53 -4.01
N LYS A 75 -1.08 10.16 -5.08
CA LYS A 75 -0.97 10.87 -6.34
C LYS A 75 -2.01 11.98 -6.44
N ALA A 76 -3.27 11.62 -6.21
CA ALA A 76 -4.37 12.59 -6.26
C ALA A 76 -4.31 13.54 -5.07
N ASN A 77 -4.42 12.98 -3.87
CA ASN A 77 -4.39 13.78 -2.65
C ASN A 77 -3.07 14.54 -2.53
N ALA A 78 -2.00 13.94 -3.05
CA ALA A 78 -0.68 14.56 -3.01
C ALA A 78 -0.28 14.89 -1.58
N SER A 79 -0.41 13.91 -0.69
CA SER A 79 -0.05 14.10 0.72
C SER A 79 1.14 15.03 0.86
N GLY A 80 2.22 14.72 0.15
CA GLY A 80 3.42 15.53 0.20
C GLY A 80 3.27 16.82 -0.59
N PRO A 81 3.82 17.92 -0.05
CA PRO A 81 3.78 19.23 -0.69
C PRO A 81 4.64 19.30 -1.95
N SER A 82 4.14 19.95 -2.98
CA SER A 82 4.86 20.08 -4.24
C SER A 82 6.29 20.55 -3.99
N SER A 83 6.43 21.70 -3.34
CA SER A 83 7.74 22.26 -3.04
C SER A 83 7.84 22.67 -1.58
N GLY A 84 9.05 22.67 -1.05
CA GLY A 84 9.26 23.05 0.34
C GLY A 84 9.94 24.41 0.47
N GLY A 1 0.89 13.67 -16.58
CA GLY A 1 0.51 12.77 -17.65
C GLY A 1 1.51 11.63 -17.84
N SER A 2 1.88 10.99 -16.74
CA SER A 2 2.84 9.89 -16.79
C SER A 2 2.35 8.78 -17.72
N SER A 3 3.02 8.63 -18.85
CA SER A 3 2.65 7.60 -19.83
C SER A 3 3.35 6.28 -19.52
N GLY A 4 2.56 5.22 -19.38
CA GLY A 4 3.11 3.91 -19.09
C GLY A 4 2.52 3.29 -17.84
N SER A 5 1.85 2.16 -18.00
CA SER A 5 1.23 1.47 -16.88
C SER A 5 2.22 0.51 -16.21
N SER A 6 2.88 -0.31 -17.03
CA SER A 6 3.85 -1.27 -16.52
C SER A 6 5.14 -0.58 -16.10
N GLY A 7 5.60 -0.88 -14.89
CA GLY A 7 6.82 -0.28 -14.39
C GLY A 7 7.24 -0.86 -13.05
N LYS A 8 7.07 -0.07 -12.00
CA LYS A 8 7.44 -0.50 -10.65
C LYS A 8 6.20 -0.96 -9.87
N THR A 9 6.40 -1.94 -9.00
CA THR A 9 5.30 -2.47 -8.18
C THR A 9 4.82 -1.43 -7.17
N PRO A 10 3.56 -1.57 -6.74
CA PRO A 10 2.96 -0.67 -5.76
C PRO A 10 3.56 -0.83 -4.36
N ILE A 11 4.33 -1.90 -4.18
CA ILE A 11 4.96 -2.17 -2.89
C ILE A 11 6.37 -1.56 -2.84
N GLN A 12 7.02 -1.49 -3.98
CA GLN A 12 8.37 -0.92 -4.07
C GLN A 12 8.32 0.59 -4.16
N VAL A 13 7.27 1.11 -4.81
CA VAL A 13 7.11 2.55 -4.97
C VAL A 13 6.64 3.19 -3.67
N LEU A 14 5.49 2.76 -3.17
CA LEU A 14 4.94 3.30 -1.94
C LEU A 14 6.00 3.39 -0.86
N HIS A 15 6.51 2.23 -0.44
CA HIS A 15 7.55 2.17 0.59
C HIS A 15 8.69 3.13 0.26
N GLU A 16 9.49 2.77 -0.73
CA GLU A 16 10.63 3.58 -1.14
C GLU A 16 10.26 5.07 -1.11
N TYR A 17 9.05 5.38 -1.55
CA TYR A 17 8.58 6.77 -1.58
C TYR A 17 8.49 7.33 -0.16
N GLY A 18 7.69 6.69 0.67
CA GLY A 18 7.53 7.14 2.04
C GLY A 18 8.79 7.73 2.61
N MET A 19 9.91 7.04 2.42
CA MET A 19 11.20 7.50 2.91
C MET A 19 11.35 8.99 2.72
N LYS A 20 11.04 9.47 1.52
CA LYS A 20 11.14 10.89 1.20
C LYS A 20 10.35 11.73 2.20
N THR A 21 9.09 11.37 2.41
CA THR A 21 8.24 12.09 3.34
C THR A 21 8.44 11.59 4.77
N LYS A 22 9.67 11.20 5.08
CA LYS A 22 10.00 10.71 6.42
C LYS A 22 8.84 9.92 7.00
N ASN A 23 8.09 9.25 6.14
CA ASN A 23 6.96 8.44 6.58
C ASN A 23 6.89 7.13 5.82
N ILE A 24 7.14 6.03 6.52
CA ILE A 24 7.11 4.71 5.90
C ILE A 24 5.74 4.05 6.07
N PRO A 25 5.27 3.40 4.99
CA PRO A 25 3.97 2.72 4.99
C PRO A 25 3.96 1.49 5.87
N VAL A 26 3.21 1.55 6.97
CA VAL A 26 3.12 0.43 7.90
C VAL A 26 2.12 -0.61 7.41
N TYR A 27 2.38 -1.87 7.73
CA TYR A 27 1.50 -2.97 7.33
C TYR A 27 1.19 -3.89 8.50
N GLU A 28 -0.07 -3.92 8.91
CA GLU A 28 -0.49 -4.76 10.01
C GLU A 28 -1.70 -5.61 9.63
N CYS A 29 -1.73 -6.85 10.10
CA CYS A 29 -2.82 -7.77 9.81
C CYS A 29 -3.91 -7.68 10.88
N GLU A 30 -5.10 -7.27 10.47
CA GLU A 30 -6.22 -7.13 11.39
C GLU A 30 -6.96 -8.46 11.54
N ARG A 31 -7.51 -8.95 10.44
CA ARG A 31 -8.24 -10.21 10.44
C ARG A 31 -7.51 -11.28 9.63
N SER A 32 -7.37 -12.46 10.22
CA SER A 32 -6.68 -13.56 9.56
C SER A 32 -7.51 -14.84 9.62
N ASP A 33 -8.18 -15.16 8.52
CA ASP A 33 -9.01 -16.36 8.45
C ASP A 33 -8.39 -17.39 7.52
N VAL A 34 -8.20 -18.61 8.04
CA VAL A 34 -7.61 -19.69 7.26
C VAL A 34 -8.62 -20.80 7.02
N GLN A 35 -9.14 -20.86 5.79
CA GLN A 35 -10.12 -21.88 5.43
C GLN A 35 -9.68 -22.63 4.18
N ILE A 36 -9.32 -21.89 3.14
CA ILE A 36 -8.88 -22.48 1.89
C ILE A 36 -7.38 -22.29 1.68
N HIS A 37 -6.84 -22.94 0.65
CA HIS A 37 -5.42 -22.84 0.35
C HIS A 37 -4.93 -21.41 0.51
N VAL A 38 -5.67 -20.47 -0.07
CA VAL A 38 -5.31 -19.05 0.01
C VAL A 38 -6.19 -18.33 1.02
N PRO A 39 -5.63 -18.10 2.22
CA PRO A 39 -6.35 -17.41 3.30
C PRO A 39 -6.54 -15.92 3.01
N THR A 40 -7.15 -15.21 3.94
CA THR A 40 -7.40 -13.79 3.79
C THR A 40 -6.76 -12.99 4.93
N PHE A 41 -5.96 -12.00 4.57
CA PHE A 41 -5.29 -11.16 5.56
C PHE A 41 -5.56 -9.67 5.28
N THR A 42 -6.12 -9.00 6.27
CA THR A 42 -6.42 -7.57 6.14
C THR A 42 -5.24 -6.71 6.55
N PHE A 43 -4.51 -6.20 5.56
CA PHE A 43 -3.35 -5.36 5.82
C PHE A 43 -3.73 -3.88 5.80
N ARG A 44 -3.38 -3.17 6.87
CA ARG A 44 -3.68 -1.75 6.97
C ARG A 44 -2.46 -0.90 6.64
N VAL A 45 -2.62 0.02 5.69
CA VAL A 45 -1.53 0.89 5.27
C VAL A 45 -1.73 2.31 5.79
N THR A 46 -0.79 2.79 6.59
CA THR A 46 -0.87 4.13 7.14
C THR A 46 0.32 4.98 6.71
N VAL A 47 0.07 6.00 5.89
CA VAL A 47 1.13 6.88 5.41
C VAL A 47 0.81 8.33 5.74
N GLY A 48 1.49 8.87 6.75
CA GLY A 48 1.28 10.24 7.15
C GLY A 48 -0.11 10.47 7.72
N ASP A 49 -1.07 10.76 6.84
CA ASP A 49 -2.44 11.01 7.27
C ASP A 49 -3.40 10.05 6.56
N ILE A 50 -2.96 9.51 5.44
CA ILE A 50 -3.79 8.58 4.67
C ILE A 50 -3.69 7.16 5.24
N THR A 51 -4.85 6.54 5.45
CA THR A 51 -4.90 5.19 5.99
C THR A 51 -5.88 4.31 5.21
N CYS A 52 -5.37 3.23 4.64
CA CYS A 52 -6.19 2.31 3.85
C CYS A 52 -6.06 0.89 4.37
N THR A 53 -6.77 -0.04 3.73
CA THR A 53 -6.73 -1.44 4.13
C THR A 53 -7.02 -2.36 2.94
N GLY A 54 -6.26 -3.44 2.84
CA GLY A 54 -6.46 -4.38 1.75
C GLY A 54 -6.99 -5.71 2.22
N GLU A 55 -8.30 -5.92 2.06
CA GLU A 55 -8.93 -7.16 2.48
C GLU A 55 -9.39 -7.97 1.27
N GLY A 56 -9.27 -9.30 1.37
CA GLY A 56 -9.67 -10.16 0.27
C GLY A 56 -8.79 -11.38 0.15
N THR A 57 -7.47 -11.17 0.19
CA THR A 57 -6.52 -12.27 0.07
C THR A 57 -5.43 -12.15 1.13
N SER A 58 -4.47 -13.08 1.07
CA SER A 58 -3.37 -13.08 2.03
C SER A 58 -2.24 -12.17 1.55
N LYS A 59 -1.15 -12.13 2.32
CA LYS A 59 -0.01 -11.30 1.97
C LYS A 59 0.21 -11.26 0.46
N LYS A 60 -0.19 -12.34 -0.21
CA LYS A 60 -0.05 -12.43 -1.65
C LYS A 60 -0.62 -11.19 -2.34
N LEU A 61 -1.95 -11.09 -2.35
CA LEU A 61 -2.61 -9.95 -2.96
C LEU A 61 -2.92 -8.86 -1.94
N ALA A 62 -3.56 -9.26 -0.84
CA ALA A 62 -3.90 -8.33 0.23
C ALA A 62 -2.86 -7.20 0.33
N LYS A 63 -1.59 -7.59 0.40
CA LYS A 63 -0.51 -6.62 0.50
C LYS A 63 -0.51 -5.68 -0.70
N HIS A 64 -0.43 -6.24 -1.89
CA HIS A 64 -0.42 -5.44 -3.11
C HIS A 64 -1.52 -4.39 -3.08
N ARG A 65 -2.72 -4.81 -2.69
CA ARG A 65 -3.87 -3.90 -2.62
C ARG A 65 -3.61 -2.80 -1.59
N ALA A 66 -3.15 -3.19 -0.42
CA ALA A 66 -2.86 -2.24 0.64
C ALA A 66 -1.97 -1.10 0.15
N ALA A 67 -0.88 -1.45 -0.50
CA ALA A 67 0.06 -0.46 -1.03
C ALA A 67 -0.56 0.28 -2.22
N GLU A 68 -1.30 -0.44 -3.05
CA GLU A 68 -1.94 0.16 -4.21
C GLU A 68 -2.86 1.31 -3.80
N ALA A 69 -3.72 1.05 -2.84
CA ALA A 69 -4.65 2.07 -2.35
C ALA A 69 -3.94 3.39 -2.09
N ALA A 70 -3.08 3.40 -1.07
CA ALA A 70 -2.33 4.59 -0.72
C ALA A 70 -1.86 5.33 -1.96
N ILE A 71 -0.91 4.73 -2.68
CA ILE A 71 -0.37 5.35 -3.90
C ILE A 71 -1.45 6.12 -4.64
N ASN A 72 -2.43 5.38 -5.18
CA ASN A 72 -3.52 6.00 -5.93
C ASN A 72 -3.96 7.30 -5.26
N ILE A 73 -4.03 7.30 -3.94
CA ILE A 73 -4.44 8.49 -3.19
C ILE A 73 -3.31 9.51 -3.14
N LEU A 74 -2.08 9.02 -2.98
CA LEU A 74 -0.92 9.89 -2.92
C LEU A 74 -0.81 10.76 -4.16
N LYS A 75 -1.30 10.24 -5.29
CA LYS A 75 -1.26 10.96 -6.55
C LYS A 75 -2.32 12.07 -6.57
N ALA A 76 -3.59 11.67 -6.53
CA ALA A 76 -4.68 12.63 -6.54
C ALA A 76 -4.59 13.60 -5.37
N ASN A 77 -4.60 13.06 -4.16
CA ASN A 77 -4.51 13.88 -2.95
C ASN A 77 -3.19 14.65 -2.91
N ALA A 78 -2.19 14.11 -3.58
CA ALA A 78 -0.87 14.74 -3.62
C ALA A 78 -0.31 14.95 -2.23
N SER A 79 -0.40 13.91 -1.40
CA SER A 79 0.10 13.97 -0.03
C SER A 79 1.35 14.85 0.06
N GLY A 80 1.31 15.84 0.96
CA GLY A 80 2.44 16.73 1.12
C GLY A 80 2.01 18.18 1.24
N PRO A 81 2.92 19.02 1.75
CA PRO A 81 2.65 20.45 1.93
C PRO A 81 2.58 21.20 0.60
N SER A 82 1.57 22.05 0.46
CA SER A 82 1.38 22.83 -0.76
C SER A 82 2.61 23.69 -1.05
N SER A 83 2.88 24.64 -0.16
CA SER A 83 4.02 25.53 -0.32
C SER A 83 5.30 24.75 -0.56
N GLY A 84 6.20 25.31 -1.37
CA GLY A 84 7.46 24.64 -1.66
C GLY A 84 7.38 23.80 -2.92
N GLY A 1 18.05 3.77 -16.00
CA GLY A 1 16.79 3.85 -15.30
C GLY A 1 15.65 3.18 -16.05
N SER A 2 14.48 3.80 -16.04
CA SER A 2 13.32 3.25 -16.72
C SER A 2 12.48 4.36 -17.33
N SER A 3 11.57 3.98 -18.23
CA SER A 3 10.70 4.95 -18.90
C SER A 3 9.23 4.67 -18.58
N GLY A 4 8.42 5.72 -18.57
CA GLY A 4 7.00 5.56 -18.28
C GLY A 4 6.74 5.30 -16.82
N SER A 5 5.65 5.85 -16.31
CA SER A 5 5.28 5.68 -14.90
C SER A 5 4.39 4.46 -14.73
N SER A 6 4.60 3.45 -15.57
CA SER A 6 3.81 2.22 -15.51
C SER A 6 4.72 1.00 -15.52
N GLY A 7 4.94 0.42 -14.35
CA GLY A 7 5.78 -0.76 -14.25
C GLY A 7 6.12 -1.11 -12.82
N LYS A 8 6.82 -0.22 -12.12
CA LYS A 8 7.20 -0.44 -10.73
C LYS A 8 6.00 -0.90 -9.91
N THR A 9 6.23 -1.87 -9.04
CA THR A 9 5.17 -2.41 -8.19
C THR A 9 4.69 -1.36 -7.20
N PRO A 10 3.43 -1.51 -6.75
CA PRO A 10 2.83 -0.59 -5.79
C PRO A 10 3.44 -0.71 -4.40
N ILE A 11 4.14 -1.81 -4.16
CA ILE A 11 4.78 -2.05 -2.87
C ILE A 11 6.16 -1.40 -2.82
N GLN A 12 6.86 -1.40 -3.95
CA GLN A 12 8.19 -0.82 -4.03
C GLN A 12 8.12 0.70 -4.08
N VAL A 13 7.17 1.21 -4.85
CA VAL A 13 7.00 2.66 -4.99
C VAL A 13 6.54 3.28 -3.67
N LEU A 14 5.39 2.83 -3.18
CA LEU A 14 4.84 3.33 -1.93
C LEU A 14 5.93 3.44 -0.86
N HIS A 15 6.47 2.29 -0.47
CA HIS A 15 7.52 2.25 0.54
C HIS A 15 8.67 3.18 0.17
N GLU A 16 9.34 2.87 -0.93
CA GLU A 16 10.46 3.68 -1.40
C GLU A 16 10.14 5.16 -1.29
N TYR A 17 8.88 5.52 -1.52
CA TYR A 17 8.44 6.90 -1.44
C TYR A 17 8.34 7.37 0.01
N GLY A 18 7.62 6.61 0.82
CA GLY A 18 7.45 6.96 2.21
C GLY A 18 8.69 7.62 2.80
N MET A 19 9.85 7.03 2.53
CA MET A 19 11.11 7.56 3.03
C MET A 19 11.24 9.06 2.71
N LYS A 20 10.99 9.41 1.46
CA LYS A 20 11.07 10.80 1.03
C LYS A 20 10.37 11.72 2.03
N THR A 21 9.17 11.33 2.44
CA THR A 21 8.40 12.10 3.40
C THR A 21 8.63 11.64 4.83
N LYS A 22 9.86 11.18 5.09
CA LYS A 22 10.22 10.71 6.43
C LYS A 22 9.08 9.92 7.05
N ASN A 23 8.28 9.26 6.21
CA ASN A 23 7.16 8.47 6.68
C ASN A 23 7.06 7.14 5.92
N ILE A 24 7.30 6.04 6.63
CA ILE A 24 7.24 4.72 6.01
C ILE A 24 5.86 4.10 6.18
N PRO A 25 5.35 3.47 5.10
CA PRO A 25 4.04 2.83 5.12
C PRO A 25 4.01 1.57 5.99
N VAL A 26 3.22 1.62 7.05
CA VAL A 26 3.10 0.48 7.95
C VAL A 26 2.15 -0.57 7.40
N TYR A 27 2.44 -1.83 7.68
CA TYR A 27 1.61 -2.94 7.20
C TYR A 27 1.32 -3.92 8.33
N GLU A 28 0.07 -3.94 8.79
CA GLU A 28 -0.34 -4.83 9.87
C GLU A 28 -1.63 -5.57 9.50
N CYS A 29 -1.61 -6.89 9.64
CA CYS A 29 -2.78 -7.71 9.32
C CYS A 29 -3.67 -7.86 10.55
N GLU A 30 -4.91 -7.37 10.45
CA GLU A 30 -5.85 -7.45 11.54
C GLU A 30 -6.65 -8.75 11.49
N ARG A 31 -7.50 -8.87 10.48
CA ARG A 31 -8.32 -10.07 10.30
C ARG A 31 -7.55 -11.15 9.55
N SER A 32 -7.44 -12.33 10.16
CA SER A 32 -6.72 -13.44 9.55
C SER A 32 -7.56 -14.71 9.57
N ASP A 33 -8.27 -14.98 8.49
CA ASP A 33 -9.11 -16.17 8.38
C ASP A 33 -8.49 -17.20 7.46
N VAL A 34 -8.26 -18.40 7.99
CA VAL A 34 -7.67 -19.48 7.20
C VAL A 34 -8.66 -20.62 7.01
N GLN A 35 -9.16 -20.76 5.79
CA GLN A 35 -10.12 -21.82 5.48
C GLN A 35 -9.69 -22.60 4.24
N ILE A 36 -9.32 -21.86 3.19
CA ILE A 36 -8.88 -22.49 1.94
C ILE A 36 -7.39 -22.29 1.73
N HIS A 37 -6.85 -22.99 0.73
CA HIS A 37 -5.42 -22.88 0.42
C HIS A 37 -4.95 -21.44 0.55
N VAL A 38 -5.69 -20.51 -0.05
CA VAL A 38 -5.33 -19.11 -0.01
C VAL A 38 -6.20 -18.36 0.99
N PRO A 39 -5.65 -18.11 2.19
CA PRO A 39 -6.36 -17.40 3.26
C PRO A 39 -6.56 -15.92 2.93
N THR A 40 -7.11 -15.18 3.89
CA THR A 40 -7.36 -13.76 3.72
C THR A 40 -6.75 -12.94 4.84
N PHE A 41 -5.81 -12.07 4.50
CA PHE A 41 -5.14 -11.23 5.49
C PHE A 41 -5.42 -9.76 5.23
N THR A 42 -6.18 -9.14 6.14
CA THR A 42 -6.52 -7.73 6.00
C THR A 42 -5.42 -6.83 6.57
N PHE A 43 -4.60 -6.28 5.68
CA PHE A 43 -3.51 -5.41 6.09
C PHE A 43 -3.95 -3.95 6.08
N ARG A 44 -3.35 -3.15 6.97
CA ARG A 44 -3.68 -1.74 7.07
C ARG A 44 -2.46 -0.87 6.72
N VAL A 45 -2.64 0.01 5.74
CA VAL A 45 -1.56 0.89 5.32
C VAL A 45 -1.77 2.31 5.83
N THR A 46 -0.82 2.82 6.61
CA THR A 46 -0.92 4.15 7.16
C THR A 46 0.28 5.00 6.75
N VAL A 47 0.01 6.02 5.92
CA VAL A 47 1.07 6.91 5.45
C VAL A 47 0.74 8.37 5.76
N GLY A 48 1.42 8.92 6.76
CA GLY A 48 1.18 10.30 7.14
C GLY A 48 -0.22 10.53 7.67
N ASP A 49 -1.14 10.87 6.78
CA ASP A 49 -2.52 11.11 7.17
C ASP A 49 -3.46 10.12 6.48
N ILE A 50 -3.00 9.53 5.39
CA ILE A 50 -3.80 8.58 4.64
C ILE A 50 -3.71 7.19 5.27
N THR A 51 -4.87 6.56 5.46
CA THR A 51 -4.93 5.23 6.05
C THR A 51 -5.90 4.33 5.29
N CYS A 52 -5.35 3.36 4.58
CA CYS A 52 -6.17 2.43 3.80
C CYS A 52 -6.03 1.01 4.33
N THR A 53 -6.84 0.10 3.80
CA THR A 53 -6.80 -1.30 4.22
C THR A 53 -7.08 -2.24 3.05
N GLY A 54 -6.32 -3.33 2.98
CA GLY A 54 -6.49 -4.28 1.91
C GLY A 54 -7.02 -5.62 2.39
N GLU A 55 -8.27 -5.92 2.05
CA GLU A 55 -8.89 -7.17 2.46
C GLU A 55 -9.36 -7.96 1.25
N GLY A 56 -9.26 -9.28 1.35
CA GLY A 56 -9.67 -10.14 0.25
C GLY A 56 -8.79 -11.36 0.10
N THR A 57 -7.48 -11.15 0.15
CA THR A 57 -6.52 -12.24 0.02
C THR A 57 -5.43 -12.14 1.06
N SER A 58 -4.48 -13.07 1.01
CA SER A 58 -3.37 -13.09 1.96
C SER A 58 -2.24 -12.19 1.50
N LYS A 59 -1.17 -12.13 2.28
CA LYS A 59 -0.02 -11.31 1.96
C LYS A 59 0.21 -11.26 0.45
N LYS A 60 -0.15 -12.35 -0.23
CA LYS A 60 0.02 -12.43 -1.68
C LYS A 60 -0.57 -11.20 -2.36
N LEU A 61 -1.90 -11.12 -2.37
CA LEU A 61 -2.59 -9.99 -2.99
C LEU A 61 -2.90 -8.91 -1.97
N ALA A 62 -3.54 -9.30 -0.87
CA ALA A 62 -3.89 -8.36 0.18
C ALA A 62 -2.86 -7.24 0.29
N LYS A 63 -1.59 -7.63 0.40
CA LYS A 63 -0.51 -6.65 0.51
C LYS A 63 -0.51 -5.70 -0.68
N HIS A 64 -0.47 -6.27 -1.88
CA HIS A 64 -0.47 -5.46 -3.11
C HIS A 64 -1.58 -4.42 -3.07
N ARG A 65 -2.76 -4.83 -2.62
CA ARG A 65 -3.91 -3.93 -2.53
C ARG A 65 -3.66 -2.83 -1.51
N ALA A 66 -3.20 -3.21 -0.33
CA ALA A 66 -2.92 -2.25 0.74
C ALA A 66 -2.02 -1.13 0.23
N ALA A 67 -0.90 -1.50 -0.38
CA ALA A 67 0.05 -0.53 -0.90
C ALA A 67 -0.55 0.23 -2.09
N GLU A 68 -1.26 -0.50 -2.94
CA GLU A 68 -1.89 0.10 -4.12
C GLU A 68 -2.77 1.27 -3.73
N ALA A 69 -3.63 1.06 -2.75
CA ALA A 69 -4.54 2.09 -2.28
C ALA A 69 -3.79 3.40 -2.01
N ALA A 70 -3.02 3.41 -0.93
CA ALA A 70 -2.25 4.58 -0.55
C ALA A 70 -1.74 5.33 -1.78
N ILE A 71 -0.85 4.68 -2.54
CA ILE A 71 -0.30 5.28 -3.74
C ILE A 71 -1.37 6.04 -4.53
N ASN A 72 -2.29 5.29 -5.13
CA ASN A 72 -3.37 5.88 -5.92
C ASN A 72 -3.81 7.21 -5.30
N ILE A 73 -3.89 7.25 -3.98
CA ILE A 73 -4.30 8.45 -3.27
C ILE A 73 -3.17 9.49 -3.26
N LEU A 74 -1.97 9.05 -2.94
CA LEU A 74 -0.82 9.93 -2.89
C LEU A 74 -0.70 10.74 -4.18
N LYS A 75 -1.06 10.13 -5.29
CA LYS A 75 -1.00 10.80 -6.59
C LYS A 75 -2.12 11.83 -6.73
N ALA A 76 -3.36 11.34 -6.75
CA ALA A 76 -4.52 12.21 -6.88
C ALA A 76 -4.55 13.24 -5.75
N ASN A 77 -4.57 12.78 -4.51
CA ASN A 77 -4.59 13.67 -3.36
C ASN A 77 -3.46 14.69 -3.44
N ALA A 78 -2.33 14.28 -4.00
CA ALA A 78 -1.17 15.15 -4.14
C ALA A 78 -0.53 15.43 -2.79
N SER A 79 -0.38 14.38 -1.98
CA SER A 79 0.21 14.51 -0.66
C SER A 79 1.32 15.57 -0.67
N GLY A 80 2.25 15.43 -1.61
CA GLY A 80 3.35 16.38 -1.70
C GLY A 80 4.41 15.94 -2.68
N PRO A 81 4.46 16.60 -3.84
CA PRO A 81 5.44 16.27 -4.89
C PRO A 81 6.86 16.67 -4.50
N SER A 82 7.81 16.39 -5.38
CA SER A 82 9.21 16.71 -5.12
C SER A 82 9.49 18.19 -5.36
N SER A 83 10.31 18.78 -4.51
CA SER A 83 10.65 20.19 -4.63
C SER A 83 10.92 20.56 -6.09
N GLY A 84 11.67 19.72 -6.78
CA GLY A 84 11.99 19.97 -8.17
C GLY A 84 13.48 19.91 -8.45
#